data_8JFI
#
_entry.id   8JFI
#
_cell.length_a   85.843
_cell.length_b   252.650
_cell.length_c   166.440
_cell.angle_alpha   90.00
_cell.angle_beta   90.00
_cell.angle_gamma   90.00
#
_symmetry.space_group_name_H-M   'C 2 2 21'
#
loop_
_entity.id
_entity.type
_entity.pdbx_description
1 polymer '3-oxoacyl-[acyl-carrier-protein] reductase'
2 polymer 'Acyl carrier protein'
3 non-polymer 'NADP NICOTINAMIDE-ADENINE-DINUCLEOTIDE PHOSPHATE'
4 non-polymer '~{S}-[2-[3-[[(2~{S})-3,3-dimethyl-2-oxidanyl-4-phosphonooxy-butanoyl]amino]propanoylamino]ethyl] 3-oxidanylideneoctanethioate'
5 water water
#
loop_
_entity_poly.entity_id
_entity_poly.type
_entity_poly.pdbx_seq_one_letter_code
_entity_poly.pdbx_strand_id
1 'polypeptide(L)'
;SMQFTGKNVLITGASKGIGAEIARTLASMGLKVWINYRSNAEVADALKNELEEKGYKAAVIKFDAASESDFVEAIQAIVQ
SDGGLSYLVNNAGVVRDKLAIKMKTEDFHHVIDNNLTSAFIGCREALKVMSKSRFGSVVNIASIIGERGNMGQTNYSASK
GGMIAMSKSFAYEGALRNIRFNSVTPGFIETDMNANLKDELKADYVKNIPLNRLGAAKEVAEAVAFLLSDHSSYITGETL
KVNGGLYM
;
A,B,C,D,E,F
2 'polypeptide(L)' FEDIQAVIAEQLNVDAAQVTPEAEFVKDLGADSLDVVELIMALEEKFGIEIPDEQAEKIVNVGDVVKYIEDNKLA G,H,I
#
loop_
_chem_comp.id
_chem_comp.type
_chem_comp.name
_chem_comp.formula
NAP non-polymer 'NADP NICOTINAMIDE-ADENINE-DINUCLEOTIDE PHOSPHATE' 'C21 H28 N7 O17 P3'
UHC non-polymer '~{S}-[2-[3-[[(2~{S})-3,3-dimethyl-2-oxidanyl-4-phosphonooxy-butanoyl]amino]propanoylamino]ethyl] 3-oxidanylideneoctanethioate' 'C19 H35 N2 O9 P S'
#
# COMPACT_ATOMS: atom_id res chain seq x y z
N SER A 1 12.58 -7.64 14.20
CA SER A 1 12.92 -8.89 13.52
C SER A 1 14.38 -8.87 13.04
N MET A 2 14.72 -9.75 12.10
CA MET A 2 16.04 -9.98 11.51
C MET A 2 15.80 -10.89 10.34
N GLN A 3 16.63 -10.75 9.29
CA GLN A 3 16.25 -11.38 8.03
C GLN A 3 16.71 -12.82 8.20
N PHE A 4 16.01 -13.79 7.62
CA PHE A 4 16.58 -15.14 7.52
C PHE A 4 16.38 -15.63 6.08
N THR A 5 17.41 -16.20 5.49
CA THR A 5 17.22 -16.86 4.20
C THR A 5 16.60 -18.25 4.36
N GLY A 6 16.79 -18.91 5.50
CA GLY A 6 16.21 -20.21 5.78
C GLY A 6 14.76 -20.12 6.18
N LYS A 7 14.19 -21.28 6.51
CA LYS A 7 12.75 -21.37 6.74
C LYS A 7 12.38 -22.09 8.03
N ASN A 8 13.05 -23.21 8.33
CA ASN A 8 12.80 -24.00 9.52
C ASN A 8 14.09 -24.14 10.35
N VAL A 9 13.93 -24.50 11.63
CA VAL A 9 15.05 -24.63 12.56
C VAL A 9 14.74 -25.77 13.53
N LEU A 10 15.75 -26.60 13.85
CA LEU A 10 15.60 -27.63 14.88
C LEU A 10 16.37 -27.23 16.15
N ILE A 11 15.72 -27.32 17.31
CA ILE A 11 16.23 -26.76 18.56
C ILE A 11 16.17 -27.88 19.60
N THR A 12 17.25 -28.65 19.76
CA THR A 12 17.21 -29.76 20.69
C THR A 12 16.98 -29.25 22.11
N GLY A 13 16.22 -30.01 22.90
CA GLY A 13 15.87 -29.59 24.25
C GLY A 13 15.17 -28.25 24.33
N ALA A 14 14.18 -27.99 23.48
CA ALA A 14 13.53 -26.68 23.40
C ALA A 14 12.26 -26.55 24.24
N SER A 15 11.91 -27.56 25.05
CA SER A 15 10.62 -27.53 25.75
C SER A 15 10.56 -26.39 26.79
N LYS A 16 11.58 -26.26 27.65
CA LYS A 16 11.58 -25.24 28.69
C LYS A 16 12.89 -24.46 28.65
N GLY A 17 12.90 -23.33 29.36
CA GLY A 17 14.14 -22.62 29.62
C GLY A 17 14.57 -21.81 28.42
N ILE A 18 15.89 -21.62 28.31
CA ILE A 18 16.46 -20.89 27.18
C ILE A 18 16.05 -21.52 25.85
N GLY A 19 15.91 -22.85 25.83
CA GLY A 19 15.48 -23.51 24.61
C GLY A 19 14.09 -23.06 24.22
N ALA A 20 13.20 -22.93 25.20
CA ALA A 20 11.86 -22.40 24.93
C ALA A 20 11.94 -21.02 24.34
N GLU A 21 12.77 -20.15 24.94
CA GLU A 21 12.74 -18.75 24.53
C GLU A 21 13.45 -18.56 23.22
N ILE A 22 14.37 -19.46 22.88
CA ILE A 22 14.90 -19.46 21.53
C ILE A 22 13.78 -19.72 20.53
N ALA A 23 12.93 -20.72 20.83
CA ALA A 23 11.83 -21.09 19.94
C ALA A 23 10.82 -19.95 19.78
N ARG A 24 10.45 -19.29 20.89
CA ARG A 24 9.54 -18.14 20.77
C ARG A 24 10.14 -17.08 19.86
N THR A 25 11.43 -16.82 20.00
CA THR A 25 12.01 -15.68 19.30
C THR A 25 12.16 -15.99 17.81
N LEU A 26 12.77 -17.11 17.48
CA LEU A 26 12.87 -17.54 16.09
C LEU A 26 11.50 -17.73 15.45
N ALA A 27 10.49 -18.17 16.22
CA ALA A 27 9.15 -18.30 15.66
C ALA A 27 8.57 -16.93 15.29
N SER A 28 8.68 -15.95 16.21
CA SER A 28 8.08 -14.64 15.99
C SER A 28 8.82 -13.83 14.96
N MET A 29 9.96 -14.33 14.50
CA MET A 29 10.62 -13.81 13.31
C MET A 29 10.24 -14.62 12.08
N GLY A 30 9.15 -15.37 12.16
CA GLY A 30 8.64 -16.08 11.00
C GLY A 30 9.43 -17.29 10.56
N LEU A 31 10.05 -17.99 11.50
CA LEU A 31 10.62 -19.30 11.19
C LEU A 31 9.67 -20.37 11.69
N LYS A 32 9.78 -21.56 11.07
CA LYS A 32 9.12 -22.75 11.57
C LYS A 32 10.06 -23.43 12.57
N VAL A 33 9.63 -23.56 13.82
CA VAL A 33 10.49 -24.08 14.88
C VAL A 33 10.03 -25.49 15.22
N TRP A 34 10.98 -26.40 15.34
CA TRP A 34 10.73 -27.77 15.75
C TRP A 34 11.18 -27.95 17.20
N ILE A 35 10.27 -27.73 18.14
CA ILE A 35 10.55 -27.87 19.58
C ILE A 35 10.82 -29.34 19.89
N ASN A 36 12.05 -29.67 20.25
CA ASN A 36 12.39 -31.01 20.69
C ASN A 36 12.14 -31.19 22.18
N TYR A 37 11.67 -32.38 22.56
CA TYR A 37 11.60 -32.82 23.95
C TYR A 37 12.07 -34.27 24.05
N ARG A 38 12.40 -34.70 25.24
CA ARG A 38 12.95 -36.04 25.50
C ARG A 38 11.91 -36.80 26.27
N SER A 39 11.27 -36.12 27.18
CA SER A 39 10.35 -36.90 28.01
C SER A 39 8.91 -36.44 27.93
N ASN A 40 8.49 -35.49 28.76
CA ASN A 40 7.05 -35.15 28.86
C ASN A 40 6.66 -34.00 27.96
N ALA A 41 5.73 -34.30 27.06
CA ALA A 41 5.25 -33.47 25.95
C ALA A 41 4.24 -32.46 26.41
N GLU A 42 3.81 -32.52 27.64
CA GLU A 42 2.86 -31.50 28.13
C GLU A 42 3.45 -30.10 28.12
N VAL A 43 4.73 -29.92 28.31
CA VAL A 43 5.28 -28.55 28.22
C VAL A 43 5.62 -28.23 26.78
N ALA A 44 6.14 -29.15 26.02
CA ALA A 44 6.43 -28.85 24.62
C ALA A 44 5.15 -28.60 23.80
N ASP A 45 4.11 -29.36 24.00
CA ASP A 45 2.90 -29.10 23.23
C ASP A 45 2.32 -27.77 23.69
N ALA A 46 2.39 -27.46 24.96
CA ALA A 46 1.88 -26.18 25.44
C ALA A 46 2.60 -25.02 24.78
N LEU A 47 3.92 -25.14 24.64
CA LEU A 47 4.69 -24.15 23.90
C LEU A 47 4.24 -24.09 22.44
N LYS A 48 4.10 -25.26 21.79
CA LYS A 48 3.67 -25.27 20.39
C LYS A 48 2.31 -24.59 20.22
N ASN A 49 1.39 -24.84 21.15
CA ASN A 49 0.06 -24.23 21.08
C ASN A 49 0.10 -22.75 21.41
N GLU A 50 1.00 -22.34 22.30
CA GLU A 50 1.21 -20.91 22.52
C GLU A 50 1.63 -20.21 21.23
N LEU A 51 2.48 -20.86 20.43
CA LEU A 51 3.09 -20.20 19.28
C LEU A 51 2.16 -20.15 18.08
N GLU A 52 1.39 -21.22 17.86
CA GLU A 52 0.44 -21.20 16.75
C GLU A 52 -0.68 -20.21 17.01
N GLU A 53 -1.17 -20.17 18.26
CA GLU A 53 -2.21 -19.20 18.61
C GLU A 53 -1.74 -17.77 18.38
N LYS A 54 -0.45 -17.50 18.55
CA LYS A 54 0.11 -16.22 18.15
C LYS A 54 0.19 -16.07 16.64
N GLY A 55 0.09 -17.16 15.90
CA GLY A 55 0.10 -17.08 14.46
C GLY A 55 1.43 -17.42 13.83
N TYR A 56 2.27 -18.16 14.54
CA TYR A 56 3.57 -18.59 14.06
C TYR A 56 3.50 -20.07 13.74
N LYS A 57 4.43 -20.57 12.93
CA LYS A 57 4.41 -22.00 12.57
C LYS A 57 5.32 -22.75 13.55
N ALA A 58 4.78 -23.76 14.23
CA ALA A 58 5.57 -24.53 15.19
C ALA A 58 5.28 -26.03 15.09
N ALA A 59 6.09 -26.83 15.76
CA ALA A 59 5.91 -28.28 15.78
C ALA A 59 6.65 -28.85 17.01
N VAL A 60 6.42 -30.14 17.29
CA VAL A 60 7.13 -30.82 18.37
C VAL A 60 7.66 -32.11 17.80
N ILE A 61 8.71 -32.64 18.42
CA ILE A 61 9.37 -33.82 17.89
C ILE A 61 10.13 -34.44 19.03
N LYS A 62 10.03 -35.76 19.14
CA LYS A 62 10.54 -36.51 20.29
C LYS A 62 11.82 -37.24 19.92
N PHE A 63 12.91 -36.93 20.63
CA PHE A 63 14.10 -37.76 20.56
C PHE A 63 15.05 -37.39 21.70
N ASP A 64 15.89 -38.35 22.08
CA ASP A 64 17.03 -38.11 22.95
C ASP A 64 18.18 -37.67 22.07
N ALA A 65 18.62 -36.42 22.26
CA ALA A 65 19.67 -35.87 21.42
C ALA A 65 20.96 -36.65 21.52
N ALA A 66 21.20 -37.35 22.64
CA ALA A 66 22.40 -38.17 22.79
C ALA A 66 22.29 -39.51 22.08
N SER A 67 21.16 -39.81 21.45
CA SER A 67 20.97 -41.08 20.76
C SER A 67 21.08 -40.87 19.26
N GLU A 68 22.18 -41.39 18.68
CA GLU A 68 22.51 -41.15 17.27
C GLU A 68 21.36 -41.56 16.35
N SER A 69 20.95 -42.84 16.41
CA SER A 69 19.88 -43.30 15.52
C SER A 69 18.59 -42.52 15.76
N ASP A 70 18.30 -42.22 17.02
CA ASP A 70 17.10 -41.46 17.35
C ASP A 70 17.22 -40.02 16.80
N PHE A 71 18.45 -39.46 16.78
CA PHE A 71 18.66 -38.08 16.31
C PHE A 71 18.54 -38.02 14.78
N VAL A 72 19.22 -38.95 14.11
CA VAL A 72 19.29 -38.97 12.64
C VAL A 72 17.92 -39.17 12.04
N GLU A 73 17.15 -40.14 12.56
CA GLU A 73 15.77 -40.31 12.10
C GLU A 73 14.97 -39.03 12.32
N ALA A 74 15.18 -38.37 13.46
CA ALA A 74 14.45 -37.14 13.75
C ALA A 74 14.65 -36.12 12.64
N ILE A 75 15.89 -35.87 12.24
CA ILE A 75 16.13 -34.86 11.21
C ILE A 75 15.57 -35.33 9.88
N GLN A 76 15.74 -36.63 9.57
CA GLN A 76 15.19 -37.20 8.33
C GLN A 76 13.71 -36.93 8.21
N ALA A 77 12.96 -37.15 9.30
CA ALA A 77 11.54 -36.78 9.32
C ALA A 77 11.33 -35.30 9.13
N ILE A 78 12.24 -34.46 9.64
CA ILE A 78 12.07 -33.03 9.43
C ILE A 78 12.28 -32.69 7.96
N VAL A 79 13.33 -33.23 7.35
CA VAL A 79 13.55 -33.09 5.91
C VAL A 79 12.37 -33.64 5.11
N GLN A 80 11.86 -34.81 5.49
CA GLN A 80 10.76 -35.41 4.73
C GLN A 80 9.54 -34.49 4.74
N SER A 81 9.21 -33.93 5.90
CA SER A 81 8.06 -33.04 5.99
C SER A 81 8.31 -31.73 5.26
N ASP A 82 9.47 -31.11 5.45
CA ASP A 82 9.67 -29.74 5.00
C ASP A 82 10.56 -29.62 3.77
N GLY A 83 11.14 -30.71 3.31
CA GLY A 83 12.07 -30.62 2.19
C GLY A 83 13.39 -29.96 2.50
N GLY A 84 13.96 -30.26 3.67
CA GLY A 84 15.25 -29.71 4.05
C GLY A 84 15.21 -28.98 5.38
N LEU A 85 16.37 -28.84 6.03
CA LEU A 85 16.51 -28.18 7.32
C LEU A 85 17.55 -27.07 7.21
N SER A 86 17.16 -25.84 7.57
CA SER A 86 18.06 -24.72 7.33
C SER A 86 18.94 -24.37 8.53
N TYR A 87 18.43 -24.55 9.73
CA TYR A 87 19.07 -24.01 10.91
C TYR A 87 18.98 -25.02 12.04
N LEU A 88 20.12 -25.38 12.62
CA LEU A 88 20.17 -26.23 13.79
C LEU A 88 20.64 -25.40 14.97
N VAL A 89 20.05 -25.63 16.15
CA VAL A 89 20.51 -25.05 17.40
C VAL A 89 20.68 -26.20 18.37
N ASN A 90 21.91 -26.47 18.77
CA ASN A 90 22.18 -27.50 19.78
C ASN A 90 22.08 -26.85 21.15
N ASN A 91 20.87 -26.88 21.72
CA ASN A 91 20.65 -26.33 23.04
C ASN A 91 20.69 -27.38 24.15
N ALA A 92 20.41 -28.65 23.83
CA ALA A 92 20.14 -29.66 24.86
C ALA A 92 21.32 -29.80 25.81
N GLY A 93 21.04 -29.65 27.10
CA GLY A 93 22.10 -29.70 28.09
C GLY A 93 21.62 -30.14 29.45
N VAL A 94 22.50 -30.84 30.18
CA VAL A 94 22.26 -31.26 31.55
C VAL A 94 23.41 -30.74 32.41
N VAL A 95 23.15 -30.65 33.71
CA VAL A 95 24.14 -30.25 34.70
C VAL A 95 24.12 -31.20 35.89
N ARG A 96 25.30 -31.60 36.36
CA ARG A 96 25.41 -32.36 37.62
C ARG A 96 26.68 -31.97 38.34
N ASP A 97 26.56 -31.16 39.39
CA ASP A 97 27.68 -30.51 40.06
C ASP A 97 28.10 -31.28 41.31
N LYS A 98 29.39 -31.57 41.42
CA LYS A 98 29.95 -32.34 42.51
C LYS A 98 31.42 -31.96 42.64
N LEU A 99 31.93 -31.97 43.86
CA LEU A 99 33.37 -31.82 44.00
C LEU A 99 34.04 -33.01 43.37
N ALA A 100 35.16 -32.77 42.68
CA ALA A 100 35.74 -33.84 41.86
C ALA A 100 35.98 -35.11 42.68
N ILE A 101 36.38 -34.96 43.94
CA ILE A 101 36.73 -36.15 44.71
C ILE A 101 35.50 -37.00 45.01
N LYS A 102 34.33 -36.38 45.16
CA LYS A 102 33.07 -37.12 45.25
C LYS A 102 32.46 -37.42 43.88
N MET A 103 33.08 -36.99 42.80
CA MET A 103 32.48 -37.21 41.49
C MET A 103 32.87 -38.57 40.92
N LYS A 104 31.98 -39.12 40.11
CA LYS A 104 32.06 -40.48 39.63
C LYS A 104 32.05 -40.49 38.10
N THR A 105 32.83 -41.41 37.53
CA THR A 105 32.84 -41.55 36.06
C THR A 105 31.46 -41.65 35.42
N GLU A 106 30.42 -42.14 36.15
CA GLU A 106 29.05 -41.96 35.66
C GLU A 106 28.70 -40.49 35.54
N ASP A 107 29.00 -39.71 36.59
CA ASP A 107 28.65 -38.29 36.55
C ASP A 107 29.46 -37.55 35.51
N PHE A 108 30.69 -37.99 35.24
CA PHE A 108 31.41 -37.38 34.15
C PHE A 108 30.74 -37.72 32.82
N HIS A 109 30.45 -39.00 32.60
CA HIS A 109 29.92 -39.41 31.30
C HIS A 109 28.51 -38.90 31.09
N HIS A 110 27.70 -38.86 32.15
CA HIS A 110 26.33 -38.35 32.02
C HIS A 110 26.32 -36.99 31.36
N VAL A 111 27.23 -36.13 31.79
CA VAL A 111 27.31 -34.77 31.23
C VAL A 111 27.94 -34.79 29.85
N ILE A 112 29.00 -35.58 29.66
CA ILE A 112 29.70 -35.57 28.37
C ILE A 112 28.79 -36.06 27.25
N ASP A 113 28.29 -37.27 27.43
CA ASP A 113 27.27 -37.87 26.57
C ASP A 113 26.07 -36.95 26.30
N ASN A 114 25.54 -36.24 27.31
CA ASN A 114 24.34 -35.46 27.00
C ASN A 114 24.67 -34.08 26.46
N ASN A 115 25.71 -33.43 26.99
CA ASN A 115 26.06 -32.07 26.59
C ASN A 115 26.94 -32.02 25.36
N LEU A 116 27.90 -32.94 25.25
CA LEU A 116 28.87 -32.90 24.14
C LEU A 116 28.51 -33.82 22.98
N THR A 117 28.29 -35.10 23.24
CA THR A 117 27.97 -36.04 22.16
C THR A 117 26.74 -35.58 21.39
N SER A 118 25.69 -35.18 22.11
CA SER A 118 24.49 -34.74 21.42
C SER A 118 24.82 -33.64 20.43
N ALA A 119 25.69 -32.71 20.84
CA ALA A 119 26.01 -31.60 19.95
C ALA A 119 26.81 -32.09 18.75
N PHE A 120 27.65 -33.10 18.94
CA PHE A 120 28.39 -33.67 17.82
C PHE A 120 27.46 -34.25 16.78
N ILE A 121 26.56 -35.14 17.19
CA ILE A 121 25.54 -35.66 16.27
C ILE A 121 24.84 -34.52 15.54
N GLY A 122 24.38 -33.53 16.30
CA GLY A 122 23.71 -32.39 15.71
C GLY A 122 24.53 -31.75 14.61
N CYS A 123 25.71 -31.21 14.96
CA CYS A 123 26.60 -30.64 13.95
C CYS A 123 26.85 -31.59 12.78
N ARG A 124 27.07 -32.88 13.06
CA ARG A 124 27.34 -33.82 11.98
C ARG A 124 26.15 -33.92 11.03
N GLU A 125 25.00 -34.39 11.55
CA GLU A 125 23.78 -34.44 10.75
C GLU A 125 23.48 -33.07 10.13
N ALA A 126 24.00 -32.00 10.74
CA ALA A 126 23.82 -30.67 10.21
C ALA A 126 24.62 -30.50 8.92
N LEU A 127 25.85 -31.03 8.86
CA LEU A 127 26.60 -31.01 7.61
C LEU A 127 25.83 -31.78 6.53
N LYS A 128 25.43 -33.02 6.85
CA LYS A 128 24.76 -33.88 5.87
C LYS A 128 23.60 -33.19 5.17
N VAL A 129 22.57 -32.82 5.94
CA VAL A 129 21.34 -32.31 5.35
C VAL A 129 21.47 -30.91 4.77
N MET A 130 22.59 -30.22 5.03
CA MET A 130 22.78 -28.86 4.54
C MET A 130 23.83 -28.72 3.46
N SER A 131 24.71 -29.70 3.27
CA SER A 131 25.78 -29.62 2.27
C SER A 131 25.25 -29.39 0.86
N LYS A 132 24.26 -30.18 0.41
CA LYS A 132 23.85 -30.05 -0.98
C LYS A 132 23.13 -28.72 -1.24
N SER A 133 22.53 -28.13 -0.22
CA SER A 133 21.77 -26.89 -0.40
C SER A 133 22.63 -25.65 -0.24
N ARG A 134 23.95 -25.80 -0.08
CA ARG A 134 24.91 -24.69 -0.06
C ARG A 134 24.43 -23.53 0.85
N PHE A 135 23.86 -23.88 2.01
CA PHE A 135 23.41 -22.89 2.99
C PHE A 135 23.10 -23.56 4.34
N GLY A 136 23.27 -22.77 5.40
CA GLY A 136 23.12 -23.29 6.76
C GLY A 136 23.74 -22.44 7.85
N SER A 137 23.11 -22.43 9.02
CA SER A 137 23.72 -21.80 10.18
C SER A 137 23.44 -22.72 11.36
N VAL A 138 24.43 -22.97 12.20
CA VAL A 138 24.27 -23.76 13.40
C VAL A 138 24.80 -22.98 14.58
N VAL A 139 24.16 -23.11 15.73
CA VAL A 139 24.58 -22.39 16.92
C VAL A 139 24.56 -23.37 18.08
N ASN A 140 25.69 -23.55 18.75
CA ASN A 140 25.80 -24.44 19.89
C ASN A 140 25.75 -23.62 21.18
N ILE A 141 24.73 -23.84 22.01
CA ILE A 141 24.65 -23.18 23.29
C ILE A 141 25.68 -23.82 24.21
N ALA A 142 26.78 -23.08 24.50
CA ALA A 142 27.81 -23.49 25.46
C ALA A 142 27.57 -22.84 26.82
N SER A 143 28.63 -22.33 27.44
CA SER A 143 28.47 -21.68 28.74
C SER A 143 29.74 -20.94 29.12
N ILE A 144 29.56 -19.93 29.98
CA ILE A 144 30.70 -19.18 30.48
C ILE A 144 31.72 -20.13 31.04
N ILE A 145 31.27 -21.23 31.66
CA ILE A 145 32.24 -22.00 32.42
C ILE A 145 32.93 -23.01 31.53
N GLY A 146 32.60 -23.06 30.23
CA GLY A 146 33.48 -23.69 29.27
C GLY A 146 34.67 -22.82 28.94
N GLU A 147 34.55 -21.51 29.11
CA GLU A 147 35.66 -20.59 28.88
C GLU A 147 36.51 -20.37 30.14
N ARG A 148 35.88 -20.39 31.29
CA ARG A 148 36.52 -20.00 32.53
C ARG A 148 36.88 -21.18 33.42
N GLY A 149 36.12 -22.27 33.34
CA GLY A 149 36.11 -23.29 34.37
C GLY A 149 35.36 -22.84 35.61
N ASN A 150 35.07 -23.79 36.49
CA ASN A 150 34.40 -23.43 37.74
C ASN A 150 34.53 -24.56 38.75
N MET A 151 34.45 -24.19 40.04
CA MET A 151 34.60 -25.19 41.09
C MET A 151 33.37 -26.07 41.17
N GLY A 152 33.57 -27.39 41.20
CA GLY A 152 32.49 -28.36 41.24
C GLY A 152 31.87 -28.69 39.90
N GLN A 153 32.34 -28.10 38.81
CA GLN A 153 31.79 -28.40 37.50
C GLN A 153 32.90 -28.86 36.54
N THR A 154 33.71 -29.82 36.99
CA THR A 154 34.71 -30.43 36.11
C THR A 154 34.09 -31.21 34.95
N ASN A 155 32.83 -31.68 35.09
CA ASN A 155 32.21 -32.46 34.01
C ASN A 155 31.48 -31.55 33.03
N TYR A 156 30.76 -30.58 33.58
CA TYR A 156 30.08 -29.58 32.78
C TYR A 156 31.09 -28.73 32.01
N SER A 157 32.17 -28.30 32.68
CA SER A 157 33.13 -27.46 31.97
C SER A 157 33.83 -28.27 30.89
N ALA A 158 34.19 -29.52 31.19
CA ALA A 158 34.79 -30.36 30.17
C ALA A 158 33.93 -30.42 28.92
N SER A 159 32.60 -30.49 29.10
CA SER A 159 31.72 -30.69 27.97
C SER A 159 31.50 -29.39 27.21
N LYS A 160 31.32 -28.28 27.93
CA LYS A 160 31.14 -27.00 27.23
C LYS A 160 32.42 -26.62 26.47
N GLY A 161 33.59 -26.89 27.06
CA GLY A 161 34.83 -26.54 26.38
C GLY A 161 35.07 -27.38 25.14
N GLY A 162 34.74 -28.67 25.21
CA GLY A 162 34.76 -29.47 24.01
C GLY A 162 33.81 -28.90 22.96
N MET A 163 32.62 -28.48 23.38
CA MET A 163 31.65 -28.01 22.40
C MET A 163 32.19 -26.80 21.63
N ILE A 164 32.88 -25.88 22.33
CA ILE A 164 33.44 -24.69 21.69
C ILE A 164 34.59 -25.05 20.75
N ALA A 165 35.48 -25.96 21.17
CA ALA A 165 36.55 -26.38 20.27
C ALA A 165 36.01 -27.20 19.10
N MET A 166 35.00 -28.05 19.35
CA MET A 166 34.41 -28.91 18.32
C MET A 166 33.68 -28.07 17.29
N SER A 167 32.98 -27.04 17.76
CA SER A 167 32.27 -26.15 16.86
C SER A 167 33.25 -25.44 15.91
N LYS A 168 34.46 -25.14 16.40
CA LYS A 168 35.43 -24.46 15.55
C LYS A 168 35.80 -25.34 14.39
N SER A 169 36.00 -26.64 14.65
CA SER A 169 36.39 -27.59 13.61
C SER A 169 35.26 -27.83 12.60
N PHE A 170 34.03 -27.96 13.08
CA PHE A 170 32.91 -28.06 12.15
C PHE A 170 32.87 -26.84 11.23
N ALA A 171 33.17 -25.67 11.79
CA ALA A 171 33.11 -24.46 10.99
C ALA A 171 34.15 -24.50 9.88
N TYR A 172 35.32 -25.06 10.18
CA TYR A 172 36.27 -25.38 9.12
C TYR A 172 35.64 -26.33 8.10
N GLU A 173 35.00 -27.40 8.58
CA GLU A 173 34.54 -28.46 7.70
C GLU A 173 33.42 -28.01 6.79
N GLY A 174 32.51 -27.18 7.29
CA GLY A 174 31.36 -26.74 6.52
C GLY A 174 31.48 -25.36 5.92
N ALA A 175 32.67 -24.75 5.96
CA ALA A 175 32.82 -23.35 5.53
C ALA A 175 32.71 -23.19 4.03
N LEU A 176 33.06 -24.21 3.26
CA LEU A 176 33.09 -24.01 1.82
C LEU A 176 31.69 -24.17 1.22
N ARG A 177 30.79 -24.84 1.92
CA ARG A 177 29.40 -24.93 1.48
C ARG A 177 28.53 -23.87 2.16
N ASN A 178 29.13 -22.81 2.68
CA ASN A 178 28.40 -21.75 3.40
C ASN A 178 27.59 -22.34 4.56
N ILE A 179 28.19 -23.24 5.32
CA ILE A 179 27.63 -23.72 6.59
C ILE A 179 28.48 -23.17 7.71
N ARG A 180 27.89 -22.30 8.53
CA ARG A 180 28.58 -21.59 9.60
C ARG A 180 28.23 -22.18 10.95
N PHE A 181 29.24 -22.38 11.79
CA PHE A 181 29.04 -22.85 13.15
C PHE A 181 29.55 -21.80 14.12
N ASN A 182 28.73 -21.46 15.11
CA ASN A 182 29.11 -20.52 16.15
C ASN A 182 28.64 -21.03 17.51
N SER A 183 29.26 -20.54 18.58
CA SER A 183 28.80 -20.85 19.93
C SER A 183 28.33 -19.60 20.65
N VAL A 184 27.38 -19.79 21.55
CA VAL A 184 26.95 -18.75 22.48
C VAL A 184 27.33 -19.21 23.89
N THR A 185 28.11 -18.40 24.60
CA THR A 185 28.56 -18.76 25.95
C THR A 185 27.88 -17.83 26.96
N PRO A 186 26.70 -18.18 27.46
CA PRO A 186 25.97 -17.26 28.35
C PRO A 186 26.57 -17.18 29.74
N GLY A 187 26.26 -16.09 30.41
CA GLY A 187 26.62 -15.97 31.80
C GLY A 187 25.60 -16.69 32.63
N PHE A 188 25.04 -16.02 33.64
CA PHE A 188 24.04 -16.66 34.49
C PHE A 188 22.63 -16.13 34.22
N ILE A 189 21.82 -17.03 33.61
CA ILE A 189 20.51 -16.77 33.05
C ILE A 189 19.45 -17.29 34.02
N GLU A 190 18.34 -16.57 34.10
CA GLU A 190 17.30 -16.80 35.09
C GLU A 190 16.33 -17.89 34.60
N THR A 191 16.80 -19.12 34.58
CA THR A 191 16.02 -20.22 33.99
C THR A 191 15.88 -21.39 34.97
N ASP A 192 15.53 -22.56 34.40
CA ASP A 192 15.18 -23.75 35.16
C ASP A 192 16.42 -24.42 35.74
N MET A 193 17.56 -24.32 35.04
CA MET A 193 18.74 -25.12 35.36
C MET A 193 19.39 -24.70 36.66
N ASN A 194 19.41 -23.41 36.95
CA ASN A 194 20.04 -22.86 38.14
C ASN A 194 19.04 -22.22 39.10
N ALA A 195 17.74 -22.38 38.85
CA ALA A 195 16.73 -21.75 39.70
C ALA A 195 16.90 -22.16 41.15
N ASN A 196 16.97 -23.47 41.40
CA ASN A 196 17.24 -24.02 42.72
C ASN A 196 18.72 -23.80 43.04
N LEU A 197 19.01 -22.74 43.81
CA LEU A 197 20.38 -22.41 44.20
C LEU A 197 20.32 -21.41 45.35
N LYS A 198 21.33 -21.50 46.23
CA LYS A 198 21.35 -20.69 47.45
C LYS A 198 21.37 -19.21 47.13
N ASP A 199 20.44 -18.45 47.74
CA ASP A 199 20.46 -17.00 47.61
C ASP A 199 21.80 -16.41 48.05
N GLU A 200 22.46 -17.04 49.03
CA GLU A 200 23.79 -16.63 49.43
C GLU A 200 24.78 -16.76 48.27
N LEU A 201 24.57 -17.74 47.38
CA LEU A 201 25.41 -17.95 46.21
C LEU A 201 24.89 -17.22 44.98
N LYS A 202 23.63 -16.79 45.00
CA LYS A 202 23.01 -16.12 43.85
C LYS A 202 23.27 -14.62 43.86
N ALA A 203 22.99 -13.94 44.99
CA ALA A 203 23.38 -12.53 45.12
C ALA A 203 24.90 -12.38 45.10
N ASP A 204 25.63 -13.42 45.50
CA ASP A 204 27.08 -13.51 45.28
C ASP A 204 27.43 -13.26 43.81
N TYR A 205 26.69 -13.89 42.90
CA TYR A 205 26.95 -13.69 41.47
C TYR A 205 26.60 -12.26 41.04
N VAL A 206 25.37 -11.83 41.34
CA VAL A 206 24.86 -10.52 40.89
C VAL A 206 25.87 -9.42 41.13
N LYS A 207 26.48 -9.40 42.31
CA LYS A 207 27.44 -8.36 42.65
C LYS A 207 28.75 -8.49 41.87
N ASN A 208 29.00 -9.61 41.19
CA ASN A 208 30.13 -9.75 40.27
C ASN A 208 29.79 -9.46 38.81
N ILE A 209 28.52 -9.20 38.47
CA ILE A 209 28.09 -9.01 37.10
C ILE A 209 28.00 -7.48 36.85
N PRO A 210 28.88 -6.91 36.05
CA PRO A 210 28.86 -5.43 35.89
C PRO A 210 27.50 -4.89 35.56
N LEU A 211 26.73 -5.57 34.70
CA LEU A 211 25.39 -5.07 34.38
C LEU A 211 24.43 -5.24 35.55
N ASN A 212 24.83 -5.94 36.60
CA ASN A 212 24.12 -5.90 37.88
C ASN A 212 22.74 -6.52 37.77
N ARG A 213 22.67 -7.70 37.14
CA ARG A 213 21.45 -8.47 37.00
C ARG A 213 21.79 -9.79 36.34
N LEU A 214 20.93 -10.79 36.56
CA LEU A 214 20.97 -12.04 35.81
C LEU A 214 20.32 -11.86 34.45
N GLY A 215 20.91 -12.47 33.42
CA GLY A 215 20.40 -12.28 32.08
C GLY A 215 19.08 -13.00 31.84
N ALA A 216 18.34 -12.50 30.85
CA ALA A 216 17.06 -13.08 30.49
C ALA A 216 17.22 -14.12 29.39
N ALA A 217 16.48 -15.23 29.50
CA ALA A 217 16.56 -16.27 28.48
C ALA A 217 16.28 -15.67 27.12
N LYS A 218 15.37 -14.70 27.05
CA LYS A 218 15.13 -13.97 25.81
C LYS A 218 16.40 -13.29 25.30
N GLU A 219 17.35 -12.99 26.19
CA GLU A 219 18.56 -12.30 25.76
C GLU A 219 19.59 -13.27 25.19
N VAL A 220 19.69 -14.47 25.74
CA VAL A 220 20.48 -15.47 25.04
C VAL A 220 19.85 -15.75 23.68
N ALA A 221 18.51 -15.65 23.60
CA ALA A 221 17.81 -16.15 22.42
C ALA A 221 18.03 -15.22 21.23
N GLU A 222 17.92 -13.93 21.44
CA GLU A 222 18.08 -12.97 20.37
C GLU A 222 19.53 -12.93 19.88
N ALA A 223 20.49 -13.28 20.75
CA ALA A 223 21.88 -13.41 20.29
C ALA A 223 22.05 -14.67 19.43
N VAL A 224 21.40 -15.77 19.79
CA VAL A 224 21.39 -16.93 18.92
C VAL A 224 20.73 -16.60 17.58
N ALA A 225 19.65 -15.81 17.60
CA ALA A 225 18.95 -15.45 16.37
C ALA A 225 19.85 -14.65 15.43
N PHE A 226 20.60 -13.67 15.97
CA PHE A 226 21.55 -12.93 15.16
C PHE A 226 22.56 -13.85 14.51
N LEU A 227 23.05 -14.85 15.25
CA LEU A 227 24.12 -15.70 14.75
C LEU A 227 23.62 -16.65 13.67
N LEU A 228 22.32 -16.97 13.70
CA LEU A 228 21.69 -17.79 12.65
C LEU A 228 21.22 -16.96 11.47
N SER A 229 20.80 -15.73 11.71
CA SER A 229 20.27 -14.86 10.68
C SER A 229 21.35 -14.53 9.65
N ASP A 230 20.99 -13.70 8.66
CA ASP A 230 21.91 -13.41 7.58
C ASP A 230 22.83 -12.25 7.90
N HIS A 231 22.44 -11.40 8.85
CA HIS A 231 23.28 -10.31 9.31
C HIS A 231 24.66 -10.79 9.76
N SER A 232 24.78 -12.04 10.19
CA SER A 232 26.02 -12.62 10.64
C SER A 232 26.76 -13.41 9.54
N SER A 233 26.46 -13.14 8.26
CA SER A 233 26.88 -14.01 7.15
C SER A 233 28.39 -14.18 6.99
N TYR A 234 29.22 -13.33 7.60
CA TYR A 234 30.68 -13.49 7.52
C TYR A 234 31.28 -14.03 8.81
N ILE A 235 30.46 -14.52 9.75
CA ILE A 235 30.87 -14.88 11.10
C ILE A 235 30.80 -16.39 11.25
N THR A 236 31.93 -17.01 11.49
CA THR A 236 31.99 -18.44 11.62
C THR A 236 33.13 -18.75 12.56
N GLY A 237 33.04 -19.90 13.21
CA GLY A 237 33.98 -20.25 14.26
C GLY A 237 34.09 -19.23 15.38
N GLU A 238 33.12 -18.31 15.54
CA GLU A 238 33.15 -17.34 16.63
C GLU A 238 32.44 -17.87 17.87
N THR A 239 32.73 -17.25 19.01
CA THR A 239 32.04 -17.51 20.26
C THR A 239 31.54 -16.19 20.83
N LEU A 240 30.21 -16.07 20.96
CA LEU A 240 29.59 -14.80 21.38
C LEU A 240 29.28 -14.87 22.87
N LYS A 241 29.89 -13.98 23.64
CA LYS A 241 29.68 -13.98 25.09
C LYS A 241 28.38 -13.28 25.43
N VAL A 242 27.45 -13.95 26.11
CA VAL A 242 26.27 -13.21 26.53
C VAL A 242 26.19 -13.25 28.06
N ASN A 243 27.16 -12.61 28.75
CA ASN A 243 27.31 -12.79 30.20
C ASN A 243 27.26 -11.49 30.98
N GLY A 244 26.68 -10.44 30.41
CA GLY A 244 26.52 -9.15 31.07
C GLY A 244 27.79 -8.56 31.64
N GLY A 245 28.94 -8.94 31.10
CA GLY A 245 30.19 -8.45 31.63
C GLY A 245 30.84 -9.36 32.64
N LEU A 246 30.20 -10.48 32.99
CA LEU A 246 30.73 -11.32 34.07
C LEU A 246 32.10 -11.87 33.73
N TYR A 247 32.39 -12.06 32.44
CA TYR A 247 33.71 -12.51 31.99
C TYR A 247 33.97 -11.87 30.63
N MET A 248 35.19 -11.39 30.43
CA MET A 248 35.52 -10.63 29.24
C MET A 248 36.84 -11.15 28.62
N SER B 1 15.94 -5.27 9.42
CA SER B 1 15.84 -4.28 10.49
C SER B 1 16.08 -4.94 11.85
N MET B 2 16.18 -4.13 12.92
CA MET B 2 16.48 -4.56 14.28
C MET B 2 15.96 -3.50 15.24
N GLN B 3 15.53 -3.89 16.44
CA GLN B 3 14.97 -2.95 17.41
C GLN B 3 16.03 -2.07 18.05
N PHE B 4 15.87 -0.75 17.96
CA PHE B 4 16.71 0.22 18.65
C PHE B 4 15.83 1.06 19.58
N THR B 5 16.18 1.08 20.86
CA THR B 5 15.51 2.01 21.78
C THR B 5 15.91 3.45 21.49
N GLY B 6 17.20 3.67 21.11
CA GLY B 6 17.70 5.00 20.85
C GLY B 6 17.38 5.52 19.44
N LYS B 7 17.58 6.81 19.27
CA LYS B 7 17.20 7.51 18.05
C LYS B 7 18.35 7.78 17.10
N ASN B 8 19.46 8.33 17.57
CA ASN B 8 20.56 8.80 16.73
C ASN B 8 21.85 8.06 17.08
N VAL B 9 22.88 8.33 16.28
CA VAL B 9 24.17 7.64 16.39
C VAL B 9 25.23 8.52 15.73
N LEU B 10 26.44 8.50 16.28
CA LEU B 10 27.58 9.18 15.69
C LEU B 10 28.62 8.17 15.20
N ILE B 11 29.05 8.32 13.95
CA ILE B 11 29.94 7.37 13.30
C ILE B 11 31.17 8.13 12.86
N THR B 12 32.28 7.94 13.58
CA THR B 12 33.48 8.67 13.25
C THR B 12 34.11 8.08 11.98
N GLY B 13 34.67 8.95 11.14
CA GLY B 13 35.28 8.53 9.90
C GLY B 13 34.31 7.75 9.01
N ALA B 14 33.11 8.30 8.82
CA ALA B 14 32.04 7.59 8.14
C ALA B 14 31.80 8.07 6.71
N SER B 15 32.68 8.89 6.15
CA SER B 15 32.36 9.40 4.83
C SER B 15 32.60 8.36 3.74
N LYS B 16 33.34 7.31 4.04
CA LYS B 16 33.60 6.32 3.00
C LYS B 16 33.88 4.97 3.64
N GLY B 17 33.93 3.94 2.80
CA GLY B 17 34.32 2.61 3.22
C GLY B 17 33.39 2.03 4.27
N ILE B 18 33.99 1.36 5.27
CA ILE B 18 33.17 0.66 6.25
C ILE B 18 32.34 1.67 7.04
N GLY B 19 32.90 2.84 7.31
CA GLY B 19 32.12 3.85 8.02
C GLY B 19 30.87 4.28 7.27
N ALA B 20 31.01 4.54 5.95
CA ALA B 20 29.84 4.88 5.13
C ALA B 20 28.81 3.77 5.16
N GLU B 21 29.28 2.54 5.25
CA GLU B 21 28.39 1.38 5.12
C GLU B 21 27.71 1.01 6.44
N ILE B 22 28.28 1.49 7.53
CA ILE B 22 27.60 1.48 8.81
C ILE B 22 26.55 2.59 8.84
N ALA B 23 26.86 3.75 8.26
CA ALA B 23 25.87 4.84 8.23
C ALA B 23 24.66 4.44 7.39
N ARG B 24 24.94 3.95 6.17
CA ARG B 24 23.92 3.44 5.27
C ARG B 24 23.06 2.38 5.97
N THR B 25 23.70 1.38 6.55
CA THR B 25 22.96 0.33 7.25
C THR B 25 22.13 0.91 8.40
N LEU B 26 22.81 1.52 9.40
CA LEU B 26 22.11 2.02 10.58
C LEU B 26 20.98 3.00 10.25
N ALA B 27 21.08 3.76 9.15
CA ALA B 27 19.99 4.66 8.77
C ALA B 27 18.79 3.88 8.26
N SER B 28 19.05 2.86 7.42
CA SER B 28 17.98 2.02 6.89
C SER B 28 17.24 1.27 7.97
N MET B 29 17.72 1.30 9.21
CA MET B 29 17.00 0.71 10.33
C MET B 29 16.30 1.76 11.13
N GLY B 30 16.37 3.02 10.73
CA GLY B 30 15.52 4.05 11.30
C GLY B 30 16.22 5.08 12.16
N LEU B 31 17.53 5.00 12.32
CA LEU B 31 18.25 5.94 13.17
C LEU B 31 18.66 7.15 12.34
N LYS B 32 18.84 8.28 13.03
CA LYS B 32 19.46 9.43 12.39
C LYS B 32 20.97 9.28 12.52
N VAL B 33 21.65 9.09 11.39
CA VAL B 33 23.09 8.88 11.38
C VAL B 33 23.80 10.24 11.28
N TRP B 34 24.76 10.45 12.17
CA TRP B 34 25.62 11.64 12.11
C TRP B 34 26.95 11.18 11.51
N ILE B 35 27.04 11.25 10.19
CA ILE B 35 28.30 10.98 9.50
C ILE B 35 29.32 12.05 9.90
N ASN B 36 30.57 11.68 10.20
CA ASN B 36 31.53 12.76 10.19
C ASN B 36 32.56 12.52 9.10
N TYR B 37 33.26 13.59 8.77
CA TYR B 37 34.40 13.56 7.87
C TYR B 37 35.49 14.43 8.47
N ARG B 38 36.72 14.18 8.06
CA ARG B 38 37.85 15.00 8.48
C ARG B 38 38.28 15.98 7.41
N SER B 39 38.17 15.63 6.13
CA SER B 39 38.70 16.48 5.06
C SER B 39 37.69 16.74 3.94
N ASN B 40 37.47 15.76 3.05
CA ASN B 40 36.64 15.98 1.87
C ASN B 40 35.15 16.01 2.22
N ALA B 41 34.56 17.20 2.15
CA ALA B 41 33.11 17.30 2.29
C ALA B 41 32.41 16.62 1.11
N GLU B 42 32.79 16.99 -0.13
CA GLU B 42 32.09 16.55 -1.35
C GLU B 42 31.53 15.12 -1.22
N VAL B 43 32.39 14.17 -0.83
CA VAL B 43 31.98 12.76 -0.83
C VAL B 43 31.13 12.47 0.39
N ALA B 44 31.43 13.14 1.51
CA ALA B 44 30.59 13.05 2.68
C ALA B 44 29.20 13.60 2.44
N ASP B 45 29.03 14.61 1.57
CA ASP B 45 27.66 15.10 1.46
C ASP B 45 26.91 14.24 0.45
N ALA B 46 27.67 13.66 -0.49
CA ALA B 46 27.12 12.65 -1.40
C ALA B 46 26.41 11.56 -0.63
N LEU B 47 27.06 11.07 0.42
CA LEU B 47 26.48 10.03 1.25
C LEU B 47 25.25 10.56 1.99
N LYS B 48 25.34 11.76 2.58
CA LYS B 48 24.17 12.35 3.24
C LYS B 48 23.01 12.49 2.28
N ASN B 49 23.32 12.84 1.02
CA ASN B 49 22.26 12.95 0.03
C ASN B 49 21.72 11.59 -0.33
N GLU B 50 22.60 10.60 -0.49
CA GLU B 50 22.14 9.27 -0.89
C GLU B 50 21.16 8.69 0.12
N LEU B 51 21.34 9.00 1.40
CA LEU B 51 20.54 8.42 2.48
C LEU B 51 19.23 9.20 2.60
N GLU B 52 19.32 10.51 2.80
CA GLU B 52 18.15 11.39 2.77
C GLU B 52 17.31 11.18 1.52
N GLU B 53 17.94 10.75 0.42
CA GLU B 53 17.18 10.58 -0.81
C GLU B 53 16.25 9.36 -0.74
N LYS B 54 16.69 8.28 -0.06
CA LYS B 54 15.87 7.09 0.24
C LYS B 54 14.84 7.34 1.40
N GLY B 55 14.71 8.59 1.84
CA GLY B 55 13.79 8.90 2.91
C GLY B 55 14.25 8.47 4.28
N TYR B 56 15.56 8.44 4.52
CA TYR B 56 16.13 8.27 5.85
C TYR B 56 16.59 9.62 6.39
N LYS B 57 16.83 9.68 7.69
CA LYS B 57 17.39 10.88 8.30
C LYS B 57 18.92 10.78 8.34
N ALA B 58 19.60 11.90 8.10
CA ALA B 58 21.07 11.88 8.03
C ALA B 58 21.62 13.30 8.06
N ALA B 59 22.81 13.42 8.65
CA ALA B 59 23.45 14.69 8.91
C ALA B 59 24.95 14.47 8.80
N VAL B 60 25.68 15.43 8.26
CA VAL B 60 27.13 15.39 8.28
C VAL B 60 27.61 16.25 9.44
N ILE B 61 28.89 16.11 9.79
CA ILE B 61 29.52 16.94 10.82
C ILE B 61 31.03 16.81 10.66
N LYS B 62 31.75 17.91 10.82
CA LYS B 62 33.17 17.94 10.51
C LYS B 62 33.99 18.11 11.79
N PHE B 63 34.79 17.09 12.11
CA PHE B 63 35.79 17.19 13.18
C PHE B 63 36.81 16.09 13.02
N ASP B 64 38.02 16.36 13.51
CA ASP B 64 39.07 15.36 13.65
C ASP B 64 38.84 14.57 14.94
N ALA B 65 38.65 13.25 14.80
CA ALA B 65 38.43 12.37 15.95
C ALA B 65 39.64 12.26 16.86
N ALA B 66 40.84 12.63 16.40
CA ALA B 66 41.99 12.73 17.28
C ALA B 66 42.02 14.03 18.08
N SER B 67 41.23 15.05 17.72
CA SER B 67 41.30 16.37 18.35
C SER B 67 40.26 16.50 19.46
N GLU B 68 40.71 16.58 20.71
CA GLU B 68 39.79 16.52 21.83
C GLU B 68 38.70 17.59 21.74
N SER B 69 39.08 18.88 21.56
CA SER B 69 38.06 19.93 21.54
C SER B 69 37.06 19.71 20.40
N ASP B 70 37.56 19.42 19.19
CA ASP B 70 36.65 19.26 18.04
C ASP B 70 35.57 18.21 18.32
N PHE B 71 35.95 17.11 18.95
CA PHE B 71 35.06 15.96 19.09
C PHE B 71 34.14 16.12 20.30
N VAL B 72 34.68 16.53 21.45
CA VAL B 72 33.84 16.92 22.59
C VAL B 72 32.78 17.92 22.14
N GLU B 73 33.19 18.95 21.38
CA GLU B 73 32.26 19.99 20.96
C GLU B 73 31.24 19.45 19.97
N ALA B 74 31.69 18.61 19.04
CA ALA B 74 30.80 17.90 18.13
C ALA B 74 29.65 17.31 18.93
N ILE B 75 29.95 16.29 19.75
CA ILE B 75 28.93 15.61 20.54
C ILE B 75 28.04 16.61 21.26
N GLN B 76 28.62 17.69 21.81
CA GLN B 76 27.80 18.72 22.44
C GLN B 76 26.82 19.34 21.44
N ALA B 77 27.29 19.60 20.22
CA ALA B 77 26.39 20.07 19.17
C ALA B 77 25.30 19.04 18.87
N ILE B 78 25.65 17.76 18.76
CA ILE B 78 24.62 16.78 18.42
C ILE B 78 23.59 16.66 19.54
N VAL B 79 24.04 16.63 20.80
CA VAL B 79 23.11 16.66 21.93
C VAL B 79 22.16 17.86 21.83
N GLN B 80 22.73 19.04 21.58
CA GLN B 80 21.93 20.26 21.58
C GLN B 80 20.92 20.27 20.43
N SER B 81 21.25 19.65 19.30
CA SER B 81 20.32 19.56 18.17
C SER B 81 19.24 18.50 18.41
N ASP B 82 19.65 17.25 18.69
CA ASP B 82 18.72 16.11 18.76
C ASP B 82 18.25 15.78 20.17
N GLY B 83 18.64 16.56 21.18
CA GLY B 83 18.16 16.34 22.53
C GLY B 83 19.12 15.50 23.35
N GLY B 84 19.71 14.49 22.73
CA GLY B 84 20.71 13.67 23.40
C GLY B 84 21.47 12.85 22.38
N LEU B 85 22.16 11.83 22.87
CA LEU B 85 22.82 10.88 21.97
C LEU B 85 22.68 9.49 22.56
N SER B 86 22.37 8.52 21.71
CA SER B 86 22.13 7.13 22.09
C SER B 86 23.27 6.20 21.71
N TYR B 87 23.80 6.30 20.50
CA TYR B 87 24.77 5.33 20.01
C TYR B 87 26.00 6.06 19.47
N LEU B 88 27.16 5.40 19.60
CA LEU B 88 28.42 5.91 19.08
C LEU B 88 29.22 4.73 18.54
N VAL B 89 29.83 4.90 17.35
CA VAL B 89 30.71 3.88 16.76
C VAL B 89 32.09 4.50 16.54
N ASN B 90 33.08 4.09 17.31
CA ASN B 90 34.45 4.59 17.13
C ASN B 90 35.10 3.85 15.96
N ASN B 91 34.87 4.37 14.76
CA ASN B 91 35.30 3.73 13.52
C ASN B 91 36.56 4.35 12.93
N ALA B 92 36.96 5.52 13.43
CA ALA B 92 38.06 6.27 12.85
C ALA B 92 39.35 5.48 12.96
N GLY B 93 40.01 5.26 11.83
CA GLY B 93 41.28 4.54 11.84
C GLY B 93 42.20 4.93 10.70
N VAL B 94 43.50 4.73 10.92
CA VAL B 94 44.54 4.96 9.94
C VAL B 94 45.48 3.77 9.97
N VAL B 95 46.33 3.67 8.94
CA VAL B 95 47.36 2.62 8.86
C VAL B 95 48.63 3.20 8.25
N ARG B 96 49.78 2.88 8.85
CA ARG B 96 51.07 3.20 8.25
C ARG B 96 52.01 2.01 8.50
N ASP B 97 52.01 1.04 7.59
CA ASP B 97 52.73 -0.22 7.79
C ASP B 97 54.20 -0.05 7.47
N LYS B 98 55.04 -0.75 8.25
CA LYS B 98 56.51 -0.76 8.10
C LYS B 98 57.05 -1.90 8.94
N LEU B 99 58.18 -2.49 8.50
CA LEU B 99 58.92 -3.36 9.41
C LEU B 99 59.33 -2.54 10.61
N ALA B 100 59.54 -3.20 11.75
CA ALA B 100 59.84 -2.46 12.97
C ALA B 100 61.15 -1.68 12.84
N ILE B 101 62.20 -2.34 12.34
CA ILE B 101 63.50 -1.67 12.27
C ILE B 101 63.48 -0.44 11.37
N LYS B 102 62.52 -0.34 10.46
CA LYS B 102 62.38 0.83 9.60
C LYS B 102 61.37 1.83 10.13
N MET B 103 60.96 1.69 11.40
CA MET B 103 59.83 2.45 11.91
C MET B 103 60.27 3.48 12.93
N LYS B 104 59.89 4.73 12.71
CA LYS B 104 60.26 5.75 13.68
C LYS B 104 59.14 6.00 14.67
N THR B 105 59.53 6.50 15.85
CA THR B 105 58.60 6.71 16.93
C THR B 105 57.45 7.60 16.43
N GLU B 106 57.73 8.58 15.57
CA GLU B 106 56.64 9.28 14.89
C GLU B 106 55.70 8.33 14.17
N ASP B 107 56.21 7.25 13.58
CA ASP B 107 55.35 6.36 12.78
C ASP B 107 54.48 5.51 13.68
N PHE B 108 54.97 5.22 14.88
CA PHE B 108 54.14 4.58 15.89
C PHE B 108 53.05 5.53 16.36
N HIS B 109 53.45 6.74 16.81
CA HIS B 109 52.53 7.70 17.42
C HIS B 109 51.42 8.08 16.45
N HIS B 110 51.76 8.21 15.16
CA HIS B 110 50.72 8.62 14.22
C HIS B 110 49.57 7.63 14.21
N VAL B 111 49.85 6.34 14.44
CA VAL B 111 48.77 5.36 14.45
C VAL B 111 48.11 5.27 15.81
N ILE B 112 48.88 5.36 16.90
CA ILE B 112 48.31 5.23 18.24
C ILE B 112 47.38 6.40 18.54
N ASP B 113 47.89 7.62 18.32
CA ASP B 113 47.13 8.85 18.61
C ASP B 113 45.86 8.93 17.78
N ASN B 114 45.82 8.24 16.64
CA ASN B 114 44.76 8.44 15.67
C ASN B 114 43.80 7.27 15.58
N ASN B 115 44.15 6.10 16.13
CA ASN B 115 43.31 4.91 16.23
C ASN B 115 42.85 4.62 17.64
N LEU B 116 43.70 4.88 18.64
CA LEU B 116 43.38 4.57 20.02
C LEU B 116 42.96 5.79 20.83
N THR B 117 43.71 6.89 20.78
CA THR B 117 43.32 8.09 21.54
C THR B 117 41.97 8.59 21.08
N SER B 118 41.72 8.59 19.76
CA SER B 118 40.40 8.94 19.25
C SER B 118 39.32 8.07 19.89
N ALA B 119 39.52 6.75 19.92
CA ALA B 119 38.54 5.87 20.57
C ALA B 119 38.35 6.25 22.03
N PHE B 120 39.39 6.82 22.67
CA PHE B 120 39.28 7.22 24.07
C PHE B 120 38.33 8.40 24.24
N ILE B 121 38.55 9.51 23.52
CA ILE B 121 37.66 10.66 23.65
C ILE B 121 36.23 10.24 23.36
N GLY B 122 36.03 9.41 22.32
CA GLY B 122 34.72 8.90 21.97
C GLY B 122 34.05 8.25 23.17
N CYS B 123 34.54 7.06 23.54
CA CYS B 123 34.03 6.39 24.74
C CYS B 123 33.89 7.35 25.93
N ARG B 124 34.85 8.26 26.14
CA ARG B 124 34.77 9.06 27.36
C ARG B 124 33.60 10.05 27.29
N GLU B 125 33.31 10.57 26.11
CA GLU B 125 32.17 11.47 25.99
C GLU B 125 30.86 10.69 25.93
N ALA B 126 30.90 9.47 25.36
CA ALA B 126 29.78 8.56 25.47
C ALA B 126 29.33 8.43 26.93
N LEU B 127 30.25 8.04 27.82
CA LEU B 127 29.93 7.98 29.24
C LEU B 127 29.35 9.31 29.74
N LYS B 128 29.89 10.44 29.26
CA LYS B 128 29.48 11.73 29.80
C LYS B 128 28.04 12.08 29.41
N VAL B 129 27.64 11.82 28.15
CA VAL B 129 26.31 12.25 27.68
C VAL B 129 25.21 11.21 27.89
N MET B 130 25.52 9.95 28.05
CA MET B 130 24.55 8.85 28.06
C MET B 130 24.16 8.45 29.46
N SER B 131 24.87 8.94 30.42
CA SER B 131 24.59 8.65 31.83
C SER B 131 23.25 9.15 32.34
N LYS B 132 22.86 10.36 32.04
CA LYS B 132 21.59 10.94 32.53
C LYS B 132 20.40 10.17 31.97
N SER B 133 20.50 9.77 30.72
CA SER B 133 19.49 8.90 30.14
C SER B 133 19.65 7.45 30.56
N ARG B 134 20.68 7.04 31.27
CA ARG B 134 20.96 5.63 31.66
C ARG B 134 20.83 4.67 30.48
N PHE B 135 21.28 4.98 29.30
CA PHE B 135 21.07 4.09 28.18
C PHE B 135 22.04 4.46 27.11
N GLY B 136 22.59 3.45 26.47
CA GLY B 136 23.47 3.70 25.34
C GLY B 136 24.14 2.44 24.87
N SER B 137 24.76 2.53 23.69
CA SER B 137 25.58 1.44 23.21
C SER B 137 26.74 2.03 22.41
N VAL B 138 27.97 1.58 22.70
CA VAL B 138 29.17 2.01 21.99
C VAL B 138 29.83 0.81 21.34
N VAL B 139 30.31 0.99 20.12
CA VAL B 139 31.00 -0.07 19.40
C VAL B 139 32.28 0.51 18.86
N ASN B 140 33.41 -0.11 19.22
CA ASN B 140 34.73 0.26 18.72
C ASN B 140 35.13 -0.70 17.62
N ILE B 141 35.51 -0.18 16.45
CA ILE B 141 35.89 -1.01 15.32
C ILE B 141 37.39 -1.28 15.39
N ALA B 142 37.76 -2.49 15.80
CA ALA B 142 39.15 -2.93 15.85
C ALA B 142 39.58 -3.66 14.59
N SER B 143 40.35 -4.74 14.72
CA SER B 143 40.74 -5.54 13.58
C SER B 143 41.20 -6.89 14.07
N ILE B 144 41.28 -7.86 13.16
CA ILE B 144 41.90 -9.13 13.50
C ILE B 144 43.33 -8.93 13.97
N ILE B 145 43.96 -7.81 13.58
CA ILE B 145 45.35 -7.54 13.96
C ILE B 145 45.48 -7.30 15.46
N GLY B 146 44.51 -6.65 16.09
CA GLY B 146 44.52 -6.50 17.54
C GLY B 146 44.39 -7.81 18.31
N GLU B 147 44.12 -8.92 17.64
CA GLU B 147 44.06 -10.21 18.30
C GLU B 147 45.22 -11.11 17.95
N ARG B 148 45.66 -11.06 16.69
CA ARG B 148 46.69 -11.96 16.18
C ARG B 148 48.04 -11.30 16.06
N GLY B 149 48.07 -9.96 15.93
CA GLY B 149 49.26 -9.27 15.47
C GLY B 149 49.49 -9.50 13.98
N ASN B 150 50.56 -8.90 13.47
CA ASN B 150 50.87 -9.06 12.05
C ASN B 150 52.22 -8.41 11.77
N MET B 151 52.96 -9.03 10.85
CA MET B 151 54.30 -8.58 10.57
C MET B 151 54.22 -7.26 9.83
N GLY B 152 54.94 -6.25 10.31
CA GLY B 152 54.84 -4.95 9.70
C GLY B 152 53.71 -4.12 10.23
N GLN B 153 53.07 -4.53 11.33
CA GLN B 153 51.96 -3.76 11.91
C GLN B 153 52.04 -3.76 13.43
N THR B 154 53.25 -3.55 13.97
CA THR B 154 53.42 -3.37 15.41
C THR B 154 52.78 -2.07 15.90
N ASN B 155 52.62 -1.07 15.01
CA ASN B 155 52.01 0.17 15.48
C ASN B 155 50.48 0.04 15.50
N TYR B 156 49.95 -0.65 14.49
CA TYR B 156 48.51 -0.85 14.34
C TYR B 156 48.02 -1.91 15.30
N SER B 157 48.74 -3.04 15.37
CA SER B 157 48.40 -4.05 16.37
C SER B 157 48.33 -3.42 17.75
N ALA B 158 49.31 -2.57 18.08
CA ALA B 158 49.28 -1.86 19.35
C ALA B 158 47.98 -1.07 19.53
N SER B 159 47.60 -0.29 18.51
CA SER B 159 46.45 0.62 18.69
C SER B 159 45.13 -0.15 18.76
N LYS B 160 45.04 -1.30 18.06
CA LYS B 160 43.81 -2.09 18.05
C LYS B 160 43.74 -3.01 19.26
N GLY B 161 44.89 -3.48 19.75
CA GLY B 161 44.88 -4.24 20.98
C GLY B 161 44.56 -3.33 22.15
N GLY B 162 45.11 -2.13 22.14
CA GLY B 162 44.72 -1.10 23.09
C GLY B 162 43.21 -0.94 23.08
N MET B 163 42.68 -0.55 21.91
CA MET B 163 41.25 -0.30 21.78
C MET B 163 40.39 -1.43 22.32
N ILE B 164 40.84 -2.68 22.20
CA ILE B 164 40.04 -3.78 22.71
C ILE B 164 40.08 -3.80 24.24
N ALA B 165 41.27 -3.68 24.82
CA ALA B 165 41.37 -3.73 26.28
C ALA B 165 40.80 -2.47 26.91
N MET B 166 40.98 -1.33 26.26
CA MET B 166 40.37 -0.11 26.75
C MET B 166 38.85 -0.25 26.74
N SER B 167 38.31 -0.88 25.70
CA SER B 167 36.87 -1.00 25.56
C SER B 167 36.30 -1.81 26.72
N LYS B 168 36.96 -2.93 27.06
CA LYS B 168 36.53 -3.73 28.20
C LYS B 168 36.49 -2.90 29.48
N SER B 169 37.41 -1.94 29.63
CA SER B 169 37.42 -1.17 30.87
C SER B 169 36.30 -0.14 30.89
N PHE B 170 36.06 0.51 29.76
CA PHE B 170 34.90 1.37 29.64
C PHE B 170 33.61 0.59 29.91
N ALA B 171 33.60 -0.69 29.52
CA ALA B 171 32.39 -1.49 29.69
C ALA B 171 32.11 -1.70 31.16
N TYR B 172 33.17 -1.87 31.96
CA TYR B 172 33.03 -1.90 33.41
C TYR B 172 32.48 -0.57 33.93
N GLU B 173 32.99 0.55 33.37
CA GLU B 173 32.71 1.86 33.95
C GLU B 173 31.26 2.28 33.69
N GLY B 174 30.77 2.06 32.47
CA GLY B 174 29.41 2.44 32.11
C GLY B 174 28.33 1.44 32.41
N ALA B 175 28.66 0.21 32.86
CA ALA B 175 27.62 -0.71 33.27
C ALA B 175 26.80 -0.15 34.40
N LEU B 176 27.41 0.65 35.28
CA LEU B 176 26.74 1.35 36.37
C LEU B 176 25.62 2.25 35.84
N ARG B 177 25.46 2.24 34.51
CA ARG B 177 24.60 3.20 33.84
C ARG B 177 23.91 2.60 32.64
N ASN B 178 23.88 1.27 32.53
CA ASN B 178 23.31 0.57 31.39
C ASN B 178 23.90 1.14 30.10
N ILE B 179 25.20 1.44 30.11
CA ILE B 179 25.91 1.87 28.91
C ILE B 179 26.87 0.76 28.54
N ARG B 180 26.61 0.11 27.42
CA ARG B 180 27.35 -1.07 26.98
C ARG B 180 28.50 -0.66 26.09
N PHE B 181 29.60 -1.38 26.20
CA PHE B 181 30.78 -1.12 25.39
C PHE B 181 31.22 -2.45 24.80
N ASN B 182 31.42 -2.48 23.48
CA ASN B 182 31.85 -3.71 22.80
C ASN B 182 32.73 -3.36 21.61
N SER B 183 33.48 -4.35 21.13
CA SER B 183 34.43 -4.18 20.04
C SER B 183 34.02 -5.10 18.91
N VAL B 184 34.32 -4.71 17.67
CA VAL B 184 34.16 -5.61 16.52
C VAL B 184 35.53 -5.78 15.89
N THR B 185 35.94 -7.02 15.63
CA THR B 185 37.23 -7.25 14.97
C THR B 185 37.05 -7.82 13.57
N PRO B 186 36.97 -6.97 12.54
CA PRO B 186 36.86 -7.47 11.16
C PRO B 186 38.15 -8.11 10.66
N GLY B 187 38.00 -9.12 9.82
CA GLY B 187 39.17 -9.67 9.15
C GLY B 187 39.48 -8.87 7.90
N PHE B 188 39.80 -9.54 6.80
CA PHE B 188 40.06 -8.87 5.52
C PHE B 188 38.74 -8.48 4.85
N ILE B 189 38.51 -7.17 4.67
CA ILE B 189 37.30 -6.63 4.07
C ILE B 189 37.65 -5.97 2.75
N GLU B 190 36.73 -6.04 1.80
CA GLU B 190 36.97 -5.68 0.40
C GLU B 190 36.59 -4.25 0.07
N LYS B 202 48.01 -10.19 -3.62
CA LYS B 202 46.59 -9.96 -3.29
C LYS B 202 45.73 -11.10 -3.79
N ALA B 203 44.68 -11.44 -3.05
CA ALA B 203 43.65 -12.45 -3.39
C ALA B 203 44.16 -13.88 -3.29
N ASP B 204 45.36 -14.06 -2.75
CA ASP B 204 46.10 -15.30 -2.43
C ASP B 204 45.99 -15.49 -0.95
N TYR B 205 45.67 -14.42 -0.24
CA TYR B 205 45.34 -14.25 1.18
C TYR B 205 43.95 -14.78 1.41
N VAL B 206 43.16 -15.00 0.37
CA VAL B 206 41.83 -15.63 0.44
C VAL B 206 41.98 -17.09 0.79
N LYS B 207 43.09 -17.75 0.54
CA LYS B 207 43.26 -19.18 0.86
C LYS B 207 43.35 -19.41 2.35
N ASN B 208 43.65 -18.42 3.15
CA ASN B 208 43.64 -18.58 4.60
C ASN B 208 42.23 -18.37 5.15
N ILE B 209 41.26 -17.89 4.38
CA ILE B 209 39.91 -17.66 4.94
C ILE B 209 39.05 -18.88 4.67
N PRO B 210 38.43 -19.53 5.65
CA PRO B 210 37.60 -20.67 5.43
C PRO B 210 36.40 -20.37 4.54
N LEU B 211 35.81 -19.21 4.66
CA LEU B 211 34.71 -18.87 3.77
C LEU B 211 35.17 -18.53 2.37
N ASN B 212 36.48 -18.59 2.11
CA ASN B 212 37.03 -18.46 0.75
C ASN B 212 36.60 -17.16 0.05
N ARG B 213 36.49 -16.08 0.82
CA ARG B 213 36.18 -14.79 0.22
C ARG B 213 36.48 -13.69 1.23
N LEU B 214 36.57 -12.48 0.70
CA LEU B 214 36.76 -11.29 1.52
C LEU B 214 35.41 -10.78 1.97
N GLY B 215 35.23 -10.62 3.28
CA GLY B 215 33.96 -10.15 3.78
C GLY B 215 33.62 -8.80 3.21
N ALA B 216 32.33 -8.57 3.00
CA ALA B 216 31.80 -7.32 2.49
C ALA B 216 31.45 -6.38 3.64
N ALA B 217 31.65 -5.09 3.43
CA ALA B 217 31.56 -4.13 4.53
C ALA B 217 30.18 -4.16 5.21
N LYS B 218 29.12 -4.40 4.43
CA LYS B 218 27.81 -4.59 5.03
C LYS B 218 27.85 -5.73 6.05
N GLU B 219 28.65 -6.77 5.81
CA GLU B 219 28.77 -7.82 6.82
C GLU B 219 29.37 -7.31 8.12
N VAL B 220 30.16 -6.22 8.08
CA VAL B 220 30.65 -5.59 9.29
C VAL B 220 29.61 -4.64 9.88
N ALA B 221 28.89 -3.91 9.02
CA ALA B 221 27.91 -2.95 9.51
C ALA B 221 26.80 -3.63 10.28
N GLU B 222 26.39 -4.81 9.84
CA GLU B 222 25.27 -5.48 10.50
C GLU B 222 25.70 -6.06 11.83
N ALA B 223 26.94 -6.55 11.92
CA ALA B 223 27.50 -6.92 13.21
C ALA B 223 27.48 -5.73 14.16
N VAL B 224 27.98 -4.57 13.69
CA VAL B 224 27.92 -3.36 14.52
C VAL B 224 26.48 -3.04 14.90
N ALA B 225 25.56 -3.08 13.92
CA ALA B 225 24.16 -2.76 14.21
C ALA B 225 23.61 -3.69 15.30
N PHE B 226 23.97 -4.98 15.24
CA PHE B 226 23.51 -5.93 16.26
C PHE B 226 24.05 -5.59 17.62
N LEU B 227 25.28 -5.05 17.68
CA LEU B 227 25.86 -4.73 18.98
C LEU B 227 25.27 -3.44 19.57
N LEU B 228 24.76 -2.53 18.71
CA LEU B 228 24.08 -1.34 19.20
C LEU B 228 22.61 -1.61 19.47
N SER B 229 22.00 -2.56 18.76
CA SER B 229 20.58 -2.87 18.89
C SER B 229 20.26 -3.47 20.26
N ASP B 230 18.97 -3.58 20.56
CA ASP B 230 18.51 -4.10 21.85
C ASP B 230 18.67 -5.61 21.98
N HIS B 231 18.93 -6.31 20.88
CA HIS B 231 19.10 -7.75 20.98
C HIS B 231 20.32 -8.09 21.81
N SER B 232 21.39 -7.32 21.67
CA SER B 232 22.60 -7.53 22.46
C SER B 232 22.53 -6.82 23.80
N SER B 233 21.35 -6.73 24.40
CA SER B 233 21.20 -5.95 25.62
C SER B 233 21.82 -6.61 26.84
N TYR B 234 22.31 -7.84 26.74
CA TYR B 234 23.09 -8.43 27.82
C TYR B 234 24.54 -8.66 27.42
N ILE B 235 24.97 -8.08 26.31
CA ILE B 235 26.32 -8.25 25.81
C ILE B 235 27.09 -6.95 26.04
N THR B 236 28.02 -6.95 26.99
CA THR B 236 28.94 -5.85 27.17
C THR B 236 30.32 -6.39 27.49
N GLY B 237 31.35 -5.73 26.98
CA GLY B 237 32.72 -6.19 27.11
C GLY B 237 33.18 -7.19 26.05
N GLU B 238 32.30 -7.63 25.17
CA GLU B 238 32.60 -8.70 24.24
C GLU B 238 33.39 -8.16 23.05
N THR B 239 34.08 -9.07 22.37
CA THR B 239 34.76 -8.82 21.12
C THR B 239 34.18 -9.78 20.09
N LEU B 240 33.61 -9.24 19.01
CA LEU B 240 32.87 -10.05 18.03
C LEU B 240 33.66 -10.13 16.73
N LYS B 241 34.19 -11.32 16.41
CA LYS B 241 35.05 -11.51 15.24
C LYS B 241 34.23 -11.58 13.96
N VAL B 242 34.46 -10.65 13.05
CA VAL B 242 33.83 -10.74 11.73
C VAL B 242 34.90 -11.03 10.69
N ASN B 243 35.44 -12.26 10.66
CA ASN B 243 36.67 -12.54 9.92
C ASN B 243 36.55 -13.77 9.01
N GLY B 244 35.35 -14.21 8.70
CA GLY B 244 35.20 -15.39 7.86
C GLY B 244 35.87 -16.66 8.38
N GLY B 245 36.29 -16.65 9.65
CA GLY B 245 36.96 -17.78 10.23
C GLY B 245 38.47 -17.70 10.22
N LEU B 246 39.01 -16.56 9.77
CA LEU B 246 40.47 -16.42 9.69
C LEU B 246 41.13 -16.66 11.05
N TYR B 247 40.44 -16.34 12.15
CA TYR B 247 41.01 -16.45 13.49
C TYR B 247 39.87 -16.81 14.43
N MET B 248 39.89 -18.04 14.95
CA MET B 248 38.87 -18.54 15.86
C MET B 248 39.40 -18.63 17.30
N SER C 1 -12.26 20.21 14.64
CA SER C 1 -11.32 21.09 13.96
C SER C 1 -10.58 20.25 12.93
N MET C 2 -9.43 20.78 12.50
CA MET C 2 -8.48 20.20 11.55
C MET C 2 -7.23 21.06 11.61
N GLN C 3 -6.12 20.46 11.21
CA GLN C 3 -4.81 21.13 11.12
C GLN C 3 -4.57 21.76 9.75
N PHE C 4 -4.06 22.99 9.78
CA PHE C 4 -3.59 23.65 8.57
C PHE C 4 -2.17 24.14 8.83
N THR C 5 -1.23 23.65 8.03
CA THR C 5 0.09 24.27 8.01
C THR C 5 -0.04 25.77 7.71
N GLY C 6 -0.68 26.10 6.59
CA GLY C 6 -0.86 27.49 6.19
C GLY C 6 -1.68 28.33 7.17
N LYS C 7 -1.67 29.65 6.90
CA LYS C 7 -2.12 30.70 7.81
C LYS C 7 -3.32 31.51 7.31
N ASN C 8 -3.39 31.88 6.04
CA ASN C 8 -4.49 32.68 5.53
C ASN C 8 -5.19 31.97 4.37
N VAL C 9 -6.39 32.46 4.05
CA VAL C 9 -7.16 31.94 2.93
C VAL C 9 -7.93 33.08 2.28
N LEU C 10 -8.08 33.01 0.95
CA LEU C 10 -8.87 33.96 0.19
C LEU C 10 -10.06 33.23 -0.41
N ILE C 11 -11.25 33.78 -0.20
CA ILE C 11 -12.50 33.11 -0.51
C ILE C 11 -13.28 34.08 -1.38
N THR C 12 -13.33 33.83 -2.69
CA THR C 12 -14.02 34.75 -3.57
C THR C 12 -15.52 34.54 -3.42
N GLY C 13 -16.28 35.64 -3.45
CA GLY C 13 -17.72 35.60 -3.24
C GLY C 13 -18.18 35.16 -1.86
N ALA C 14 -17.65 35.79 -0.81
CA ALA C 14 -17.77 35.29 0.55
C ALA C 14 -18.70 36.13 1.44
N SER C 15 -19.53 36.98 0.85
CA SER C 15 -20.39 37.81 1.69
C SER C 15 -21.65 37.06 2.12
N LYS C 16 -22.24 36.23 1.27
CA LYS C 16 -23.44 35.54 1.66
C LYS C 16 -23.39 34.06 1.26
N GLY C 17 -24.44 33.33 1.65
CA GLY C 17 -24.66 31.98 1.16
C GLY C 17 -23.61 30.97 1.59
N ILE C 18 -23.29 30.05 0.67
CA ILE C 18 -22.29 29.01 0.93
C ILE C 18 -20.96 29.64 1.28
N GLY C 19 -20.55 30.68 0.54
CA GLY C 19 -19.23 31.23 0.73
C GLY C 19 -19.03 31.92 2.06
N ALA C 20 -20.06 32.60 2.56
CA ALA C 20 -19.92 33.36 3.80
C ALA C 20 -19.68 32.42 4.95
N GLU C 21 -20.48 31.39 4.99
CA GLU C 21 -20.37 30.26 5.92
C GLU C 21 -19.25 29.26 5.61
N ILE C 22 -18.60 29.36 4.45
CA ILE C 22 -17.26 28.75 4.29
C ILE C 22 -16.21 29.56 5.05
N ALA C 23 -16.33 30.89 4.98
CA ALA C 23 -15.36 31.74 5.66
C ALA C 23 -15.54 31.67 7.17
N ARG C 24 -16.79 31.59 7.62
CA ARG C 24 -17.10 31.24 9.01
C ARG C 24 -16.36 29.97 9.44
N THR C 25 -16.57 28.87 8.71
CA THR C 25 -15.92 27.62 9.05
C THR C 25 -14.41 27.76 9.11
N LEU C 26 -13.82 28.29 8.06
CA LEU C 26 -12.36 28.34 7.99
C LEU C 26 -11.79 29.34 9.01
N ALA C 27 -12.54 30.38 9.36
CA ALA C 27 -12.07 31.26 10.41
C ALA C 27 -12.07 30.55 11.76
N SER C 28 -13.07 29.68 12.00
CA SER C 28 -13.16 28.96 13.27
C SER C 28 -12.00 27.98 13.44
N MET C 29 -11.48 27.46 12.34
CA MET C 29 -10.36 26.52 12.45
C MET C 29 -9.02 27.23 12.54
N GLY C 30 -9.02 28.53 12.83
CA GLY C 30 -7.77 29.23 13.07
C GLY C 30 -7.07 29.76 11.83
N LEU C 31 -7.81 30.07 10.78
CA LEU C 31 -7.25 30.71 9.60
C LEU C 31 -7.76 32.14 9.49
N LYS C 32 -6.91 33.03 9.01
CA LYS C 32 -7.34 34.40 8.72
C LYS C 32 -8.10 34.40 7.40
N VAL C 33 -9.43 34.53 7.44
CA VAL C 33 -10.21 34.53 6.21
C VAL C 33 -10.20 35.93 5.59
N TRP C 34 -9.98 35.99 4.27
CA TRP C 34 -10.16 37.23 3.50
C TRP C 34 -11.47 37.12 2.75
N ILE C 35 -12.48 37.84 3.24
CA ILE C 35 -13.80 37.78 2.64
C ILE C 35 -13.78 38.67 1.43
N ASN C 36 -14.28 38.15 0.31
CA ASN C 36 -14.36 38.98 -0.86
C ASN C 36 -15.79 39.19 -1.31
N TYR C 37 -16.07 40.47 -1.63
CA TYR C 37 -17.32 40.93 -2.21
C TYR C 37 -17.01 41.83 -3.40
N ARG C 38 -18.04 42.17 -4.17
CA ARG C 38 -17.93 43.20 -5.19
C ARG C 38 -19.00 44.28 -5.07
N SER C 39 -20.16 44.00 -4.47
CA SER C 39 -21.25 44.97 -4.40
C SER C 39 -21.38 45.59 -3.01
N ASN C 40 -22.40 45.19 -2.27
CA ASN C 40 -22.69 45.80 -0.97
C ASN C 40 -21.71 45.30 0.07
N ALA C 41 -20.96 46.23 0.68
CA ALA C 41 -20.01 45.86 1.72
C ALA C 41 -20.71 45.48 3.02
N GLU C 42 -21.85 46.11 3.31
CA GLU C 42 -22.45 46.00 4.64
C GLU C 42 -22.53 44.56 5.12
N VAL C 43 -23.07 43.67 4.27
CA VAL C 43 -23.18 42.27 4.65
C VAL C 43 -21.80 41.64 4.86
N ALA C 44 -20.83 42.00 4.01
CA ALA C 44 -19.48 41.45 4.17
C ALA C 44 -18.85 41.92 5.48
N ASP C 45 -18.97 43.22 5.80
CA ASP C 45 -18.40 43.74 7.05
C ASP C 45 -19.18 43.26 8.26
N ALA C 46 -20.47 42.96 8.10
CA ALA C 46 -21.21 42.28 9.15
C ALA C 46 -20.56 40.96 9.52
N LEU C 47 -20.26 40.15 8.51
CA LEU C 47 -19.63 38.84 8.71
C LEU C 47 -18.22 38.98 9.29
N LYS C 48 -17.39 39.85 8.70
CA LYS C 48 -16.05 40.10 9.25
C LYS C 48 -16.10 40.51 10.70
N ASN C 49 -17.03 41.40 11.05
CA ASN C 49 -17.23 41.70 12.45
C ASN C 49 -17.58 40.40 13.16
N GLU C 50 -18.76 39.84 12.87
CA GLU C 50 -19.23 38.59 13.46
C GLU C 50 -18.14 37.56 13.78
N LEU C 51 -17.17 37.40 12.89
CA LEU C 51 -16.08 36.46 13.14
C LEU C 51 -15.06 37.01 14.12
N GLU C 52 -14.83 38.33 14.12
CA GLU C 52 -13.86 38.90 15.04
C GLU C 52 -14.40 39.01 16.45
N GLU C 53 -15.73 39.15 16.60
CA GLU C 53 -16.30 39.20 17.93
C GLU C 53 -16.35 37.83 18.59
N LYS C 54 -16.22 36.75 17.82
CA LYS C 54 -16.03 35.44 18.43
C LYS C 54 -14.56 35.13 18.72
N GLY C 55 -13.63 36.00 18.33
CA GLY C 55 -12.21 35.79 18.61
C GLY C 55 -11.35 35.49 17.41
N TYR C 56 -11.93 35.39 16.22
CA TYR C 56 -11.18 34.95 15.04
C TYR C 56 -10.57 36.15 14.31
N LYS C 57 -9.64 35.83 13.38
CA LYS C 57 -9.11 36.77 12.39
C LYS C 57 -9.95 36.77 11.11
N ALA C 58 -10.12 37.95 10.52
CA ALA C 58 -11.02 38.12 9.39
C ALA C 58 -10.85 39.51 8.78
N ALA C 59 -10.40 39.57 7.53
CA ALA C 59 -10.31 40.81 6.76
C ALA C 59 -11.27 40.75 5.57
N VAL C 60 -11.59 41.92 5.04
CA VAL C 60 -12.54 42.10 3.96
C VAL C 60 -11.82 42.74 2.80
N ILE C 61 -12.15 42.32 1.58
CA ILE C 61 -11.50 42.83 0.39
C ILE C 61 -12.51 42.83 -0.73
N LYS C 62 -12.46 43.88 -1.55
CA LYS C 62 -13.48 44.13 -2.58
C LYS C 62 -12.82 44.04 -3.95
N PHE C 63 -13.35 43.18 -4.81
CA PHE C 63 -13.00 43.13 -6.22
C PHE C 63 -13.96 42.20 -6.92
N ASP C 64 -14.06 42.33 -8.26
CA ASP C 64 -14.84 41.40 -9.07
C ASP C 64 -13.92 40.28 -9.55
N ALA C 65 -14.25 39.05 -9.20
CA ALA C 65 -13.41 37.91 -9.57
C ALA C 65 -13.31 37.71 -11.07
N ALA C 66 -14.25 38.27 -11.85
CA ALA C 66 -14.23 38.15 -13.30
C ALA C 66 -13.22 39.09 -13.94
N SER C 67 -12.82 40.16 -13.24
CA SER C 67 -11.92 41.16 -13.82
C SER C 67 -10.51 40.84 -13.35
N GLU C 68 -9.63 40.61 -14.31
CA GLU C 68 -8.30 40.12 -13.96
C GLU C 68 -7.49 41.16 -13.18
N SER C 69 -7.50 42.41 -13.64
CA SER C 69 -6.69 43.45 -13.01
C SER C 69 -6.96 43.53 -11.52
N ASP C 70 -8.23 43.50 -11.12
CA ASP C 70 -8.54 43.67 -9.71
C ASP C 70 -8.19 42.41 -8.92
N PHE C 71 -8.54 41.23 -9.46
CA PHE C 71 -8.27 39.96 -8.77
C PHE C 71 -6.79 39.84 -8.47
N VAL C 72 -5.96 40.05 -9.49
CA VAL C 72 -4.51 39.95 -9.33
C VAL C 72 -4.05 40.90 -8.23
N GLU C 73 -4.42 42.18 -8.36
CA GLU C 73 -3.95 43.20 -7.44
C GLU C 73 -4.51 42.99 -6.03
N ALA C 74 -5.67 42.36 -5.89
CA ALA C 74 -6.09 42.03 -4.54
C ALA C 74 -5.21 40.94 -3.95
N ILE C 75 -4.84 39.95 -4.77
CA ILE C 75 -3.92 38.92 -4.29
C ILE C 75 -2.56 39.53 -3.94
N GLN C 76 -2.05 40.46 -4.78
CA GLN C 76 -0.78 41.12 -4.46
C GLN C 76 -0.88 41.94 -3.18
N ALA C 77 -2.04 42.56 -2.95
CA ALA C 77 -2.22 43.34 -1.73
C ALA C 77 -2.23 42.43 -0.52
N ILE C 78 -2.95 41.31 -0.61
CA ILE C 78 -3.01 40.36 0.50
C ILE C 78 -1.62 39.80 0.81
N VAL C 79 -0.82 39.53 -0.23
CA VAL C 79 0.57 39.12 -0.01
C VAL C 79 1.32 40.21 0.74
N GLN C 80 1.26 41.45 0.23
CA GLN C 80 1.90 42.57 0.93
C GLN C 80 1.46 42.65 2.38
N SER C 81 0.18 42.37 2.64
CA SER C 81 -0.40 42.52 3.98
C SER C 81 -0.03 41.37 4.92
N ASP C 82 -0.08 40.12 4.44
CA ASP C 82 0.13 38.98 5.32
C ASP C 82 1.45 38.24 5.07
N GLY C 83 2.19 38.60 4.03
CA GLY C 83 3.44 37.93 3.73
C GLY C 83 3.31 36.72 2.83
N GLY C 84 2.18 36.56 2.15
CA GLY C 84 1.92 35.38 1.35
C GLY C 84 0.50 34.90 1.54
N LEU C 85 0.05 34.07 0.60
CA LEU C 85 -1.29 33.48 0.63
C LEU C 85 -1.17 31.97 0.57
N SER C 86 -1.88 31.29 1.46
CA SER C 86 -1.71 29.86 1.66
C SER C 86 -2.77 29.03 0.95
N TYR C 87 -4.01 29.48 0.97
CA TYR C 87 -5.13 28.69 0.48
C TYR C 87 -6.03 29.61 -0.30
N LEU C 88 -6.68 29.06 -1.32
CA LEU C 88 -7.63 29.82 -2.14
C LEU C 88 -8.87 28.98 -2.37
N VAL C 89 -10.03 29.60 -2.19
CA VAL C 89 -11.30 28.95 -2.50
C VAL C 89 -11.96 29.79 -3.58
N ASN C 90 -12.26 29.15 -4.70
CA ASN C 90 -12.94 29.77 -5.83
C ASN C 90 -14.42 29.44 -5.68
N ASN C 91 -15.15 30.36 -5.07
CA ASN C 91 -16.56 30.16 -4.77
C ASN C 91 -17.47 31.01 -5.64
N ALA C 92 -16.98 32.19 -6.08
CA ALA C 92 -17.72 33.11 -6.91
C ALA C 92 -18.40 32.41 -8.08
N GLY C 93 -19.72 32.64 -8.23
CA GLY C 93 -20.55 31.96 -9.20
C GLY C 93 -21.95 32.55 -9.38
N VAL C 94 -22.45 32.58 -10.62
CA VAL C 94 -23.76 33.15 -10.95
C VAL C 94 -24.55 32.15 -11.76
N VAL C 95 -25.71 32.55 -12.27
CA VAL C 95 -26.62 31.60 -12.87
C VAL C 95 -27.55 32.35 -13.81
N ARG C 96 -27.87 31.71 -14.95
CA ARG C 96 -28.86 32.30 -15.86
C ARG C 96 -29.58 31.12 -16.52
N ASP C 97 -30.61 30.62 -15.83
CA ASP C 97 -31.30 29.40 -16.23
C ASP C 97 -32.37 29.69 -17.27
N LYS C 98 -32.43 28.83 -18.28
CA LYS C 98 -33.22 29.12 -19.47
C LYS C 98 -33.17 27.90 -20.38
N LEU C 99 -34.29 27.56 -21.02
CA LEU C 99 -34.25 26.57 -22.09
C LEU C 99 -33.24 26.98 -23.15
N ALA C 100 -32.73 25.99 -23.89
CA ALA C 100 -31.64 26.27 -24.82
C ALA C 100 -32.10 27.18 -25.96
N ILE C 101 -33.30 26.93 -26.50
CA ILE C 101 -33.84 27.74 -27.62
C ILE C 101 -34.04 29.20 -27.23
N LYS C 102 -34.24 29.48 -25.95
CA LYS C 102 -34.37 30.89 -25.57
C LYS C 102 -33.04 31.52 -25.23
N MET C 103 -31.99 30.72 -25.10
CA MET C 103 -30.73 31.22 -24.59
C MET C 103 -29.89 31.84 -25.72
N LYS C 104 -29.03 32.80 -25.35
CA LYS C 104 -28.22 33.53 -26.32
C LYS C 104 -26.82 33.67 -25.76
N THR C 105 -25.83 33.84 -26.66
CA THR C 105 -24.43 33.76 -26.22
C THR C 105 -24.17 34.65 -25.02
N GLU C 106 -24.75 35.85 -25.06
CA GLU C 106 -24.87 36.78 -23.95
C GLU C 106 -25.17 36.06 -22.63
N ASP C 107 -26.19 35.19 -22.60
CA ASP C 107 -26.44 34.35 -21.41
C ASP C 107 -25.35 33.30 -21.21
N PHE C 108 -24.77 32.80 -22.30
CA PHE C 108 -23.72 31.80 -22.17
C PHE C 108 -22.40 32.41 -21.69
N HIS C 109 -21.92 33.50 -22.34
CA HIS C 109 -20.70 34.17 -21.87
C HIS C 109 -20.84 34.74 -20.47
N HIS C 110 -22.03 35.22 -20.11
CA HIS C 110 -22.23 35.71 -18.75
C HIS C 110 -21.74 34.67 -17.75
N VAL C 111 -22.37 33.50 -17.78
CA VAL C 111 -22.03 32.44 -16.85
C VAL C 111 -20.58 31.98 -17.00
N ILE C 112 -20.10 31.80 -18.24
CA ILE C 112 -18.70 31.38 -18.43
C ILE C 112 -17.73 32.38 -17.81
N ASP C 113 -17.99 33.68 -18.03
CA ASP C 113 -16.98 34.64 -17.62
C ASP C 113 -17.06 34.97 -16.15
N ASN C 114 -18.18 34.67 -15.51
CA ASN C 114 -18.23 34.81 -14.06
C ASN C 114 -17.84 33.53 -13.33
N ASN C 115 -18.11 32.35 -13.90
CA ASN C 115 -17.83 31.17 -13.08
C ASN C 115 -16.51 30.54 -13.44
N LEU C 116 -16.20 30.47 -14.74
CA LEU C 116 -15.05 29.69 -15.18
C LEU C 116 -13.80 30.56 -15.20
N THR C 117 -13.88 31.69 -15.90
CA THR C 117 -12.71 32.56 -16.06
C THR C 117 -12.21 33.05 -14.71
N SER C 118 -13.10 33.51 -13.84
CA SER C 118 -12.74 33.84 -12.47
C SER C 118 -11.87 32.76 -11.83
N ALA C 119 -12.31 31.50 -11.93
CA ALA C 119 -11.53 30.39 -11.34
C ALA C 119 -10.19 30.24 -12.04
N PHE C 120 -10.11 30.57 -13.33
CA PHE C 120 -8.82 30.49 -14.00
C PHE C 120 -7.88 31.60 -13.53
N ILE C 121 -8.40 32.83 -13.38
CA ILE C 121 -7.58 33.89 -12.80
C ILE C 121 -7.05 33.47 -11.45
N GLY C 122 -7.94 33.01 -10.56
CA GLY C 122 -7.52 32.68 -9.22
C GLY C 122 -6.57 31.49 -9.16
N CYS C 123 -6.84 30.46 -9.96
CA CYS C 123 -5.94 29.32 -9.97
C CYS C 123 -4.58 29.68 -10.56
N ARG C 124 -4.56 30.46 -11.64
CA ARG C 124 -3.27 30.88 -12.20
C ARG C 124 -2.50 31.72 -11.19
N GLU C 125 -3.21 32.60 -10.48
CA GLU C 125 -2.54 33.46 -9.51
C GLU C 125 -2.05 32.67 -8.30
N ALA C 126 -2.77 31.61 -7.90
CA ALA C 126 -2.27 30.78 -6.81
C ALA C 126 -1.01 30.02 -7.20
N LEU C 127 -0.89 29.63 -8.47
CA LEU C 127 0.38 29.06 -8.93
C LEU C 127 1.52 30.07 -8.74
N LYS C 128 1.25 31.36 -8.96
CA LYS C 128 2.33 32.35 -8.88
C LYS C 128 2.72 32.65 -7.43
N VAL C 129 1.75 32.84 -6.53
CA VAL C 129 2.08 33.28 -5.17
C VAL C 129 2.31 32.14 -4.18
N MET C 130 2.09 30.89 -4.58
CA MET C 130 2.33 29.79 -3.65
C MET C 130 3.58 28.99 -4.01
N SER C 131 4.20 29.25 -5.15
CA SER C 131 5.26 28.37 -5.64
C SER C 131 6.61 28.64 -4.96
N LYS C 132 6.92 29.91 -4.68
CA LYS C 132 8.17 30.23 -3.97
C LYS C 132 8.17 29.77 -2.52
N SER C 133 7.02 29.35 -2.00
CA SER C 133 6.91 28.70 -0.70
C SER C 133 6.73 27.19 -0.80
N ARG C 134 6.35 26.69 -1.97
CA ARG C 134 6.30 25.25 -2.24
C ARG C 134 5.30 24.58 -1.31
N PHE C 135 4.11 25.14 -1.27
CA PHE C 135 3.03 24.69 -0.42
C PHE C 135 1.78 25.42 -0.87
N GLY C 136 0.64 24.85 -0.56
CA GLY C 136 -0.63 25.50 -0.79
C GLY C 136 -1.67 24.52 -1.26
N SER C 137 -2.93 24.93 -1.17
CA SER C 137 -4.06 24.12 -1.61
C SER C 137 -5.13 25.05 -2.13
N VAL C 138 -5.81 24.63 -3.20
CA VAL C 138 -6.90 25.38 -3.82
C VAL C 138 -8.11 24.47 -3.87
N VAL C 139 -9.29 25.02 -3.78
CA VAL C 139 -10.56 24.30 -3.98
C VAL C 139 -11.40 25.11 -4.94
N ASN C 140 -12.05 24.50 -5.89
CA ASN C 140 -12.93 25.21 -6.83
C ASN C 140 -14.34 24.74 -6.51
N ILE C 141 -15.27 25.64 -6.31
CA ILE C 141 -16.60 25.15 -5.92
C ILE C 141 -17.37 24.94 -7.19
N ALA C 142 -17.63 23.69 -7.52
CA ALA C 142 -18.38 23.36 -8.72
C ALA C 142 -19.79 23.03 -8.35
N SER C 143 -20.39 22.08 -9.03
CA SER C 143 -21.81 21.77 -8.81
C SER C 143 -22.14 20.40 -9.35
N ILE C 144 -23.19 19.84 -8.85
CA ILE C 144 -23.62 18.54 -9.37
C ILE C 144 -24.04 18.76 -10.80
N ILE C 145 -24.40 19.95 -11.19
CA ILE C 145 -24.83 20.16 -12.55
C ILE C 145 -23.66 20.03 -13.53
N GLY C 146 -22.44 20.22 -13.05
CA GLY C 146 -21.29 20.07 -13.92
C GLY C 146 -20.89 18.64 -14.15
N GLU C 147 -21.46 17.74 -13.36
CA GLU C 147 -21.23 16.30 -13.49
C GLU C 147 -22.25 15.64 -14.42
N ARG C 148 -23.55 15.74 -14.11
CA ARG C 148 -24.51 15.06 -14.95
C ARG C 148 -25.30 15.98 -15.86
N GLY C 149 -25.16 17.29 -15.71
CA GLY C 149 -25.94 18.24 -16.49
C GLY C 149 -27.36 18.38 -15.96
N ASN C 150 -28.08 19.32 -16.57
CA ASN C 150 -29.47 19.54 -16.22
C ASN C 150 -30.16 20.20 -17.40
N MET C 151 -31.48 20.22 -17.33
CA MET C 151 -32.28 20.92 -18.32
C MET C 151 -32.36 22.40 -17.96
N GLY C 152 -32.37 23.27 -18.97
CA GLY C 152 -32.38 24.70 -18.71
C GLY C 152 -31.10 25.28 -18.17
N GLN C 153 -30.01 24.52 -18.19
CA GLN C 153 -28.73 24.89 -17.60
C GLN C 153 -27.56 24.45 -18.48
N THR C 154 -27.67 24.71 -19.78
CA THR C 154 -26.55 24.40 -20.66
C THR C 154 -25.34 25.28 -20.37
N ASN C 155 -25.56 26.55 -20.02
CA ASN C 155 -24.42 27.44 -19.77
C ASN C 155 -23.77 27.15 -18.42
N TYR C 156 -24.59 26.95 -17.39
CA TYR C 156 -24.08 26.68 -16.05
C TYR C 156 -23.30 25.37 -15.99
N SER C 157 -23.83 24.31 -16.62
CA SER C 157 -23.09 23.04 -16.59
C SER C 157 -21.82 23.15 -17.41
N ALA C 158 -21.89 23.83 -18.56
CA ALA C 158 -20.71 24.13 -19.35
C ALA C 158 -19.61 24.72 -18.50
N SER C 159 -19.94 25.75 -17.72
CA SER C 159 -18.92 26.42 -16.92
C SER C 159 -18.43 25.53 -15.80
N LYS C 160 -19.36 24.91 -15.06
CA LYS C 160 -18.93 24.07 -13.94
C LYS C 160 -18.19 22.83 -14.41
N GLY C 161 -18.57 22.27 -15.57
CA GLY C 161 -17.85 21.13 -16.10
C GLY C 161 -16.47 21.51 -16.63
N GLY C 162 -16.34 22.72 -17.16
CA GLY C 162 -15.03 23.20 -17.53
C GLY C 162 -14.16 23.52 -16.33
N MET C 163 -14.77 23.94 -15.22
CA MET C 163 -14.01 24.17 -13.99
C MET C 163 -13.40 22.88 -13.47
N ILE C 164 -14.15 21.77 -13.51
CA ILE C 164 -13.67 20.51 -12.96
C ILE C 164 -12.52 19.97 -13.80
N ALA C 165 -12.66 20.05 -15.13
CA ALA C 165 -11.58 19.67 -16.04
C ALA C 165 -10.38 20.58 -15.86
N MET C 166 -10.58 21.89 -15.95
CA MET C 166 -9.50 22.84 -15.74
C MET C 166 -8.79 22.61 -14.42
N SER C 167 -9.55 22.32 -13.37
CA SER C 167 -8.91 22.12 -12.07
C SER C 167 -7.96 20.93 -12.12
N LYS C 168 -8.28 19.93 -12.95
CA LYS C 168 -7.43 18.73 -13.05
C LYS C 168 -6.09 19.08 -13.66
N SER C 169 -6.10 19.86 -14.74
CA SER C 169 -4.88 20.39 -15.32
C SER C 169 -4.06 21.16 -14.29
N PHE C 170 -4.67 22.13 -13.58
CA PHE C 170 -3.93 22.88 -12.56
C PHE C 170 -3.28 21.95 -11.54
N ALA C 171 -3.99 20.90 -11.11
CA ALA C 171 -3.38 19.93 -10.21
C ALA C 171 -2.08 19.38 -10.79
N TYR C 172 -2.07 19.11 -12.11
CA TYR C 172 -0.88 18.60 -12.77
C TYR C 172 0.28 19.60 -12.70
N GLU C 173 0.04 20.84 -13.18
CA GLU C 173 1.07 21.88 -13.07
C GLU C 173 1.38 22.20 -11.62
N GLY C 174 0.37 22.15 -10.73
CA GLY C 174 0.58 22.55 -9.35
C GLY C 174 1.37 21.56 -8.54
N ALA C 175 1.32 20.27 -8.91
CA ALA C 175 2.07 19.24 -8.19
C ALA C 175 3.58 19.50 -8.20
N LEU C 176 4.07 20.32 -9.14
CA LEU C 176 5.48 20.68 -9.17
C LEU C 176 5.92 21.32 -7.86
N ARG C 177 5.11 22.22 -7.30
CA ARG C 177 5.44 22.86 -6.03
C ARG C 177 4.72 22.27 -4.84
N ASN C 178 4.13 21.08 -4.96
CA ASN C 178 3.34 20.52 -3.88
C ASN C 178 2.13 21.43 -3.56
N ILE C 179 1.58 22.05 -4.62
CA ILE C 179 0.34 22.80 -4.54
C ILE C 179 -0.76 21.90 -5.07
N ARG C 180 -1.77 21.61 -4.25
CA ARG C 180 -2.84 20.70 -4.62
C ARG C 180 -4.07 21.49 -5.02
N PHE C 181 -4.70 21.10 -6.12
CA PHE C 181 -5.97 21.68 -6.56
C PHE C 181 -7.03 20.58 -6.51
N ASN C 182 -8.19 20.87 -5.91
CA ASN C 182 -9.29 19.91 -5.87
C ASN C 182 -10.62 20.62 -6.05
N SER C 183 -11.67 19.84 -6.28
CA SER C 183 -12.95 20.34 -6.69
C SER C 183 -14.03 19.80 -5.76
N VAL C 184 -15.02 20.63 -5.46
CA VAL C 184 -16.18 20.25 -4.65
C VAL C 184 -17.41 20.42 -5.53
N THR C 185 -18.28 19.40 -5.58
CA THR C 185 -19.48 19.46 -6.43
C THR C 185 -20.73 19.28 -5.58
N PRO C 186 -21.20 20.36 -4.95
CA PRO C 186 -22.38 20.27 -4.08
C PRO C 186 -23.65 19.90 -4.85
N GLY C 187 -24.57 19.28 -4.13
CA GLY C 187 -25.85 18.94 -4.71
C GLY C 187 -26.84 20.08 -4.60
N PHE C 188 -27.98 19.82 -3.97
CA PHE C 188 -28.98 20.85 -3.70
C PHE C 188 -28.70 21.38 -2.30
N ILE C 189 -28.11 22.57 -2.22
CA ILE C 189 -27.73 23.17 -0.94
C ILE C 189 -28.69 24.33 -0.65
N GLU C 190 -29.34 24.30 0.52
CA GLU C 190 -30.35 25.32 0.84
C GLU C 190 -29.70 26.65 1.19
N THR C 191 -30.22 27.74 0.64
CA THR C 191 -29.53 29.00 0.83
C THR C 191 -30.43 30.19 0.49
N ASP C 204 -39.81 20.55 -4.62
CA ASP C 204 -40.14 19.14 -4.41
C ASP C 204 -38.91 18.26 -4.52
N TYR C 205 -37.73 18.90 -4.63
CA TYR C 205 -36.49 18.25 -5.06
C TYR C 205 -35.87 17.36 -3.99
N VAL C 206 -36.45 17.32 -2.79
CA VAL C 206 -36.07 16.32 -1.80
C VAL C 206 -36.40 14.90 -2.26
N LYS C 207 -37.33 14.76 -3.22
CA LYS C 207 -37.71 13.47 -3.79
C LYS C 207 -36.53 12.53 -3.97
N ASN C 208 -35.59 12.91 -4.83
CA ASN C 208 -34.50 12.05 -5.28
C ASN C 208 -33.24 12.20 -4.47
N ILE C 209 -33.21 12.98 -3.37
CA ILE C 209 -32.15 13.03 -2.46
C ILE C 209 -32.25 11.92 -1.52
N PRO C 210 -31.43 10.83 -1.54
CA PRO C 210 -31.58 9.72 -0.62
C PRO C 210 -31.61 10.15 0.83
N LEU C 211 -30.73 11.06 1.26
CA LEU C 211 -30.75 11.54 2.64
C LEU C 211 -32.01 12.35 2.91
N ASN C 212 -32.86 12.50 1.91
CA ASN C 212 -34.20 13.06 2.08
C ASN C 212 -34.19 14.51 2.56
N ARG C 213 -33.16 15.29 2.19
CA ARG C 213 -32.95 16.62 2.75
C ARG C 213 -31.98 17.46 1.90
N LEU C 214 -32.25 18.77 1.81
CA LEU C 214 -31.23 19.63 1.25
C LEU C 214 -30.06 19.74 2.21
N GLY C 215 -28.88 20.04 1.65
CA GLY C 215 -27.70 20.17 2.46
C GLY C 215 -27.60 21.55 3.11
N ALA C 216 -27.03 21.55 4.31
CA ALA C 216 -26.62 22.80 4.92
C ALA C 216 -25.31 23.24 4.27
N ALA C 217 -25.23 24.54 3.96
CA ALA C 217 -23.98 25.09 3.41
C ALA C 217 -22.80 24.82 4.31
N LYS C 218 -23.02 24.49 5.57
CA LYS C 218 -21.90 24.15 6.44
C LYS C 218 -21.38 22.74 6.14
N GLU C 219 -22.27 21.85 5.70
CA GLU C 219 -21.82 20.54 5.24
C GLU C 219 -20.93 20.66 4.02
N VAL C 220 -21.07 21.75 3.26
CA VAL C 220 -20.18 21.99 2.13
C VAL C 220 -18.88 22.61 2.63
N ALA C 221 -18.98 23.70 3.40
CA ALA C 221 -17.80 24.34 3.96
C ALA C 221 -16.84 23.34 4.61
N GLU C 222 -17.38 22.32 5.29
CA GLU C 222 -16.52 21.39 6.02
C GLU C 222 -15.78 20.45 5.09
N ALA C 223 -16.47 19.93 4.06
CA ALA C 223 -15.78 19.20 2.99
C ALA C 223 -14.66 20.05 2.38
N VAL C 224 -14.96 21.31 2.07
CA VAL C 224 -13.94 22.22 1.55
C VAL C 224 -12.78 22.35 2.53
N ALA C 225 -13.10 22.59 3.82
CA ALA C 225 -12.04 22.76 4.82
C ALA C 225 -11.13 21.52 4.89
N PHE C 226 -11.70 20.32 4.71
CA PHE C 226 -10.86 19.14 4.66
C PHE C 226 -9.91 19.17 3.45
N LEU C 227 -10.45 19.48 2.26
CA LEU C 227 -9.64 19.48 1.05
C LEU C 227 -8.47 20.45 1.17
N LEU C 228 -8.70 21.60 1.81
CA LEU C 228 -7.65 22.56 2.10
C LEU C 228 -6.73 22.11 3.23
N SER C 229 -7.17 21.21 4.11
CA SER C 229 -6.37 20.92 5.29
C SER C 229 -5.19 20.03 4.93
N ASP C 230 -4.38 19.71 5.95
CA ASP C 230 -3.28 18.78 5.78
C ASP C 230 -3.72 17.32 5.83
N HIS C 231 -4.97 17.05 6.20
CA HIS C 231 -5.46 15.69 6.29
C HIS C 231 -5.71 15.09 4.93
N SER C 232 -5.58 15.89 3.89
CA SER C 232 -5.79 15.49 2.52
C SER C 232 -4.51 15.69 1.70
N SER C 233 -3.36 15.48 2.32
CA SER C 233 -2.11 15.91 1.70
C SER C 233 -1.70 15.02 0.51
N TYR C 234 -2.46 13.99 0.18
CA TYR C 234 -2.15 13.13 -0.96
C TYR C 234 -3.26 13.17 -2.00
N ILE C 235 -4.11 14.19 -1.94
CA ILE C 235 -5.34 14.30 -2.72
C ILE C 235 -5.22 15.51 -3.63
N THR C 236 -5.12 15.28 -4.94
CA THR C 236 -5.07 16.37 -5.90
C THR C 236 -5.70 15.92 -7.21
N GLY C 237 -6.58 16.74 -7.76
CA GLY C 237 -7.33 16.37 -8.94
C GLY C 237 -8.64 15.67 -8.68
N GLU C 238 -9.05 15.52 -7.42
CA GLU C 238 -10.27 14.80 -7.10
C GLU C 238 -11.47 15.74 -7.17
N THR C 239 -12.65 15.17 -7.42
CA THR C 239 -13.91 15.89 -7.39
C THR C 239 -14.77 15.29 -6.29
N LEU C 240 -15.05 16.07 -5.25
CA LEU C 240 -15.69 15.58 -4.03
C LEU C 240 -17.18 15.92 -4.06
N LYS C 241 -18.03 14.89 -3.98
CA LYS C 241 -19.47 15.08 -4.14
C LYS C 241 -20.10 15.33 -2.77
N VAL C 242 -20.61 16.53 -2.54
CA VAL C 242 -21.45 16.74 -1.38
C VAL C 242 -22.89 16.85 -1.86
N ASN C 243 -23.49 15.73 -2.25
CA ASN C 243 -24.84 15.79 -2.81
C ASN C 243 -25.83 14.89 -2.08
N GLY C 244 -25.42 14.29 -0.96
CA GLY C 244 -26.34 13.48 -0.18
C GLY C 244 -26.90 12.29 -0.92
N GLY C 245 -26.21 11.82 -1.96
CA GLY C 245 -26.63 10.67 -2.73
C GLY C 245 -27.39 10.98 -4.00
N LEU C 246 -27.56 12.27 -4.33
CA LEU C 246 -28.39 12.67 -5.47
C LEU C 246 -27.77 12.22 -6.79
N TYR C 247 -26.45 12.19 -6.85
CA TYR C 247 -25.72 11.70 -8.02
C TYR C 247 -24.55 10.88 -7.50
N MET C 248 -24.55 9.57 -7.79
CA MET C 248 -23.45 8.70 -7.34
C MET C 248 -22.54 8.26 -8.49
N SER D 1 -6.96 16.55 14.76
CA SER D 1 -8.22 16.09 15.38
C SER D 1 -9.43 16.37 14.49
N MET D 2 -10.58 15.77 14.82
CA MET D 2 -11.78 15.96 14.02
C MET D 2 -13.04 15.94 14.86
N GLN D 3 -14.15 15.43 14.32
CA GLN D 3 -15.48 15.74 14.84
C GLN D 3 -16.42 14.55 14.59
N PHE D 4 -16.62 13.74 15.63
CA PHE D 4 -17.41 12.51 15.56
C PHE D 4 -18.59 12.59 16.53
N THR D 5 -19.80 12.45 16.01
CA THR D 5 -20.94 12.18 16.89
C THR D 5 -20.77 10.84 17.60
N GLY D 6 -20.51 9.77 16.83
CA GLY D 6 -20.29 8.44 17.36
C GLY D 6 -19.14 8.29 18.32
N LYS D 7 -18.88 7.07 18.76
CA LYS D 7 -17.95 6.83 19.87
C LYS D 7 -17.06 5.60 19.69
N ASN D 8 -17.42 4.65 18.82
CA ASN D 8 -16.65 3.43 18.60
C ASN D 8 -16.76 3.02 17.14
N VAL D 9 -15.77 2.22 16.72
CA VAL D 9 -15.60 1.80 15.33
C VAL D 9 -15.08 0.37 15.31
N LEU D 10 -15.60 -0.47 14.41
CA LEU D 10 -14.99 -1.76 14.12
C LEU D 10 -14.19 -1.66 12.82
N ILE D 11 -12.91 -2.01 12.87
CA ILE D 11 -12.05 -2.00 11.70
C ILE D 11 -11.61 -3.42 11.43
N THR D 12 -11.98 -3.96 10.25
CA THR D 12 -11.66 -5.34 9.90
C THR D 12 -10.24 -5.45 9.34
N GLY D 13 -9.50 -6.43 9.84
CA GLY D 13 -8.14 -6.66 9.37
C GLY D 13 -7.22 -5.48 9.60
N ALA D 14 -7.17 -5.00 10.85
CA ALA D 14 -6.36 -3.84 11.24
C ALA D 14 -5.11 -4.23 12.03
N SER D 15 -4.65 -5.48 11.91
CA SER D 15 -3.49 -5.90 12.67
C SER D 15 -2.21 -5.21 12.19
N LYS D 16 -2.18 -4.78 10.93
CA LYS D 16 -0.98 -4.17 10.36
C LYS D 16 -1.40 -3.32 9.18
N GLY D 17 -0.44 -2.56 8.66
CA GLY D 17 -0.58 -1.70 7.49
C GLY D 17 -1.67 -0.65 7.64
N ILE D 18 -2.32 -0.35 6.50
CA ILE D 18 -3.31 0.72 6.46
C ILE D 18 -4.35 0.53 7.55
N GLY D 19 -4.83 -0.70 7.74
CA GLY D 19 -5.79 -0.96 8.80
C GLY D 19 -5.28 -0.57 10.17
N ALA D 20 -4.00 -0.85 10.44
CA ALA D 20 -3.39 -0.47 11.71
C ALA D 20 -3.37 1.05 11.87
N GLU D 21 -2.74 1.72 10.90
CA GLU D 21 -2.66 3.18 10.90
C GLU D 21 -4.06 3.81 11.04
N ILE D 22 -5.06 3.26 10.35
CA ILE D 22 -6.43 3.72 10.51
C ILE D 22 -6.90 3.58 11.96
N ALA D 23 -6.42 2.56 12.68
CA ALA D 23 -6.91 2.35 14.04
C ALA D 23 -6.22 3.29 15.04
N ARG D 24 -4.92 3.56 14.85
CA ARG D 24 -4.24 4.59 15.64
C ARG D 24 -4.95 5.93 15.47
N THR D 25 -5.23 6.30 14.21
CA THR D 25 -5.82 7.60 13.90
C THR D 25 -7.20 7.76 14.55
N LEU D 26 -8.10 6.81 14.30
CA LEU D 26 -9.42 6.88 14.90
C LEU D 26 -9.38 6.90 16.43
N ALA D 27 -8.38 6.23 17.04
CA ALA D 27 -8.26 6.19 18.50
C ALA D 27 -7.81 7.54 19.06
N SER D 28 -6.77 8.11 18.46
CA SER D 28 -6.26 9.44 18.85
C SER D 28 -7.28 10.54 18.64
N MET D 29 -8.39 10.25 17.96
CA MET D 29 -9.45 11.20 17.74
C MET D 29 -10.61 11.03 18.69
N GLY D 30 -10.49 10.12 19.65
CA GLY D 30 -11.49 9.98 20.71
C GLY D 30 -12.48 8.84 20.54
N LEU D 31 -12.16 7.85 19.71
CA LEU D 31 -13.06 6.75 19.48
C LEU D 31 -12.42 5.45 19.95
N LYS D 32 -13.31 4.51 20.30
CA LYS D 32 -12.92 3.18 20.78
C LYS D 32 -12.73 2.29 19.55
N VAL D 33 -11.45 1.91 19.27
CA VAL D 33 -11.15 1.14 18.04
C VAL D 33 -11.13 -0.34 18.37
N TRP D 34 -11.72 -1.14 17.49
CA TRP D 34 -11.72 -2.60 17.62
C TRP D 34 -10.83 -3.15 16.52
N ILE D 35 -9.66 -3.65 16.89
CA ILE D 35 -8.72 -4.22 15.91
C ILE D 35 -9.11 -5.67 15.63
N ASN D 36 -9.44 -5.96 14.37
CA ASN D 36 -9.79 -7.31 13.94
C ASN D 36 -8.59 -8.00 13.31
N TYR D 37 -8.28 -9.20 13.81
CA TYR D 37 -7.26 -10.08 13.23
C TYR D 37 -7.88 -11.46 13.05
N ARG D 38 -7.30 -12.25 12.18
CA ARG D 38 -7.72 -13.65 12.09
C ARG D 38 -6.66 -14.62 12.57
N SER D 39 -5.39 -14.24 12.59
CA SER D 39 -4.33 -15.14 13.03
C SER D 39 -3.40 -14.47 14.04
N ASN D 40 -2.78 -13.34 13.67
CA ASN D 40 -1.81 -12.66 14.52
C ASN D 40 -2.45 -12.08 15.77
N ALA D 41 -2.51 -12.83 16.87
CA ALA D 41 -2.87 -12.21 18.14
C ALA D 41 -1.67 -11.57 18.81
N GLU D 42 -0.46 -11.88 18.35
CA GLU D 42 0.72 -11.21 18.90
C GLU D 42 0.75 -9.76 18.46
N VAL D 43 0.73 -9.52 17.14
CA VAL D 43 0.85 -8.17 16.60
C VAL D 43 -0.36 -7.31 16.99
N ALA D 44 -1.57 -7.83 16.80
CA ALA D 44 -2.77 -7.05 17.08
C ALA D 44 -2.91 -6.72 18.58
N ASP D 45 -2.31 -7.53 19.45
CA ASP D 45 -2.30 -7.15 20.86
C ASP D 45 -1.22 -6.10 21.12
N ALA D 46 -0.07 -6.22 20.44
CA ALA D 46 0.98 -5.20 20.57
C ALA D 46 0.48 -3.84 20.08
N LEU D 47 -0.09 -3.79 18.87
CA LEU D 47 -0.72 -2.55 18.42
C LEU D 47 -1.61 -1.99 19.53
N LYS D 48 -2.59 -2.78 19.96
CA LYS D 48 -3.57 -2.29 20.91
C LYS D 48 -2.92 -1.90 22.24
N ASN D 49 -1.82 -2.56 22.60
CA ASN D 49 -1.09 -2.14 23.79
C ASN D 49 -0.51 -0.74 23.61
N GLU D 50 0.03 -0.45 22.41
CA GLU D 50 0.62 0.87 22.19
C GLU D 50 -0.45 1.97 22.12
N LEU D 51 -1.71 1.63 21.79
CA LEU D 51 -2.73 2.67 21.83
C LEU D 51 -3.19 2.92 23.28
N GLU D 52 -3.12 1.89 24.13
CA GLU D 52 -3.28 2.10 25.57
C GLU D 52 -2.20 3.03 26.08
N GLU D 53 -0.94 2.76 25.72
CA GLU D 53 0.19 3.54 26.20
C GLU D 53 0.00 5.02 25.93
N LYS D 54 -0.86 5.40 24.97
CA LYS D 54 -1.02 6.79 24.57
C LYS D 54 -2.28 7.40 25.14
N GLY D 55 -3.11 6.61 25.80
CA GLY D 55 -4.34 7.13 26.37
C GLY D 55 -5.57 7.05 25.50
N TYR D 56 -5.58 6.25 24.44
CA TYR D 56 -6.78 6.04 23.65
C TYR D 56 -7.36 4.66 23.93
N LYS D 57 -8.68 4.55 23.80
CA LYS D 57 -9.39 3.30 24.07
C LYS D 57 -9.29 2.37 22.85
N ALA D 58 -8.76 1.15 23.09
CA ALA D 58 -8.53 0.15 22.04
C ALA D 58 -8.94 -1.24 22.53
N ALA D 59 -9.33 -2.11 21.59
CA ALA D 59 -9.73 -3.49 21.86
C ALA D 59 -9.40 -4.35 20.64
N VAL D 60 -9.11 -5.64 20.87
CA VAL D 60 -8.89 -6.60 19.79
C VAL D 60 -10.12 -7.50 19.67
N ILE D 61 -10.23 -8.15 18.51
CA ILE D 61 -11.31 -9.11 18.26
C ILE D 61 -10.87 -10.00 17.10
N LYS D 62 -11.28 -11.27 17.15
CA LYS D 62 -10.79 -12.27 16.22
C LYS D 62 -11.96 -12.91 15.49
N PHE D 63 -11.89 -12.94 14.16
CA PHE D 63 -12.84 -13.61 13.28
C PHE D 63 -12.32 -13.51 11.86
N ASP D 64 -12.71 -14.45 11.02
CA ASP D 64 -12.36 -14.37 9.60
C ASP D 64 -13.47 -13.60 8.89
N ALA D 65 -13.16 -12.37 8.45
CA ALA D 65 -14.19 -11.47 7.92
C ALA D 65 -14.98 -12.11 6.79
N ALA D 66 -14.42 -13.14 6.15
CA ALA D 66 -15.08 -13.86 5.07
C ALA D 66 -16.09 -14.87 5.58
N SER D 67 -16.20 -15.03 6.90
CA SER D 67 -17.12 -15.99 7.50
C SER D 67 -18.33 -15.23 8.05
N GLU D 68 -19.50 -15.48 7.46
CA GLU D 68 -20.70 -14.77 7.88
C GLU D 68 -20.97 -14.97 9.38
N SER D 69 -21.15 -16.23 9.80
CA SER D 69 -21.24 -16.58 11.22
C SER D 69 -20.30 -15.78 12.11
N ASP D 70 -18.99 -15.82 11.81
CA ASP D 70 -18.01 -15.21 12.70
C ASP D 70 -18.22 -13.72 12.79
N PHE D 71 -18.37 -13.06 11.63
CA PHE D 71 -18.51 -11.62 11.55
C PHE D 71 -19.70 -11.19 12.41
N VAL D 72 -20.85 -11.80 12.16
CA VAL D 72 -22.12 -11.44 12.79
C VAL D 72 -22.01 -11.54 14.30
N GLU D 73 -21.33 -12.60 14.78
CA GLU D 73 -21.25 -12.83 16.21
C GLU D 73 -20.23 -11.91 16.87
N ALA D 74 -19.19 -11.49 16.12
CA ALA D 74 -18.28 -10.48 16.65
C ALA D 74 -18.99 -9.15 16.84
N ILE D 75 -19.76 -8.74 15.82
CA ILE D 75 -20.57 -7.53 15.93
C ILE D 75 -21.57 -7.65 17.07
N GLN D 76 -22.15 -8.84 17.24
CA GLN D 76 -22.97 -9.11 18.43
C GLN D 76 -22.18 -8.90 19.72
N ALA D 77 -20.94 -9.41 19.76
CA ALA D 77 -20.10 -9.23 20.94
C ALA D 77 -19.89 -7.76 21.25
N ILE D 78 -19.59 -6.96 20.22
CA ILE D 78 -19.38 -5.52 20.38
C ILE D 78 -20.66 -4.82 20.82
N VAL D 79 -21.82 -5.23 20.30
CA VAL D 79 -23.05 -4.49 20.59
C VAL D 79 -23.35 -4.50 22.09
N GLN D 80 -23.17 -5.64 22.77
CA GLN D 80 -23.41 -5.65 24.21
C GLN D 80 -22.20 -5.20 25.01
N SER D 81 -20.99 -5.25 24.43
CA SER D 81 -19.82 -4.69 25.10
C SER D 81 -19.90 -3.16 25.18
N ASP D 82 -20.45 -2.50 24.15
CA ASP D 82 -20.46 -1.05 24.08
C ASP D 82 -21.86 -0.45 23.92
N GLY D 83 -22.93 -1.24 24.11
CA GLY D 83 -24.28 -0.73 23.91
C GLY D 83 -24.70 -0.54 22.47
N GLY D 84 -23.78 -0.64 21.53
CA GLY D 84 -24.08 -0.36 20.14
C GLY D 84 -22.81 -0.18 19.34
N LEU D 85 -23.00 0.17 18.06
CA LEU D 85 -21.89 0.39 17.14
C LEU D 85 -22.13 1.69 16.36
N SER D 86 -21.12 2.55 16.37
CA SER D 86 -21.24 3.81 15.65
C SER D 86 -20.72 3.68 14.22
N TYR D 87 -19.56 3.03 14.01
CA TYR D 87 -18.84 3.09 12.74
C TYR D 87 -18.27 1.72 12.37
N LEU D 88 -18.14 1.47 11.06
CA LEU D 88 -17.46 0.30 10.50
C LEU D 88 -16.50 0.69 9.37
N VAL D 89 -15.30 0.10 9.37
CA VAL D 89 -14.34 0.24 8.26
C VAL D 89 -14.06 -1.14 7.68
N ASN D 90 -14.64 -1.42 6.50
CA ASN D 90 -14.32 -2.62 5.72
C ASN D 90 -12.94 -2.41 5.09
N ASN D 91 -11.90 -2.96 5.72
CA ASN D 91 -10.51 -2.81 5.30
C ASN D 91 -9.82 -4.12 4.94
N ALA D 92 -10.34 -5.27 5.39
CA ALA D 92 -9.76 -6.55 5.01
C ALA D 92 -9.62 -6.68 3.51
N GLY D 93 -8.42 -7.01 3.04
CA GLY D 93 -8.19 -7.20 1.63
C GLY D 93 -7.00 -8.11 1.42
N VAL D 94 -7.05 -8.87 0.32
CA VAL D 94 -5.96 -9.73 -0.11
C VAL D 94 -5.69 -9.46 -1.58
N VAL D 95 -4.48 -9.83 -2.01
CA VAL D 95 -4.07 -9.77 -3.41
C VAL D 95 -3.48 -11.11 -3.82
N ARG D 96 -3.85 -11.57 -5.00
CA ARG D 96 -3.14 -12.68 -5.62
C ARG D 96 -3.05 -12.36 -7.11
N ASP D 97 -1.86 -11.96 -7.55
CA ASP D 97 -1.67 -11.41 -8.88
C ASP D 97 -1.12 -12.48 -9.83
N LYS D 98 -1.79 -12.66 -10.95
CA LYS D 98 -1.37 -13.59 -11.98
C LYS D 98 -1.99 -13.11 -13.28
N LEU D 99 -1.26 -13.27 -14.37
CA LEU D 99 -1.88 -13.02 -15.66
C LEU D 99 -3.09 -13.95 -15.84
N ALA D 100 -4.10 -13.48 -16.58
CA ALA D 100 -5.40 -14.16 -16.57
C ALA D 100 -5.27 -15.61 -16.99
N ILE D 101 -4.38 -15.89 -17.95
CA ILE D 101 -4.30 -17.24 -18.49
C ILE D 101 -3.68 -18.19 -17.48
N LYS D 102 -2.73 -17.71 -16.67
CA LYS D 102 -2.19 -18.55 -15.60
C LYS D 102 -3.20 -18.81 -14.48
N MET D 103 -4.35 -18.17 -14.51
CA MET D 103 -5.14 -17.95 -13.31
C MET D 103 -6.27 -18.96 -13.10
N LYS D 104 -6.31 -19.56 -11.91
CA LYS D 104 -7.38 -20.48 -11.52
C LYS D 104 -8.62 -19.73 -11.07
N THR D 105 -9.79 -20.34 -11.31
CA THR D 105 -11.03 -19.81 -10.72
C THR D 105 -10.98 -19.79 -9.20
N GLU D 106 -10.25 -20.72 -8.62
CA GLU D 106 -9.79 -20.75 -7.24
C GLU D 106 -8.97 -19.56 -6.77
N ASP D 107 -8.09 -19.04 -7.62
CA ASP D 107 -7.43 -17.78 -7.33
C ASP D 107 -8.44 -16.65 -7.34
N PHE D 108 -9.27 -16.59 -8.41
CA PHE D 108 -10.27 -15.55 -8.53
C PHE D 108 -11.20 -15.53 -7.32
N HIS D 109 -11.73 -16.70 -6.96
CA HIS D 109 -12.64 -16.75 -5.82
C HIS D 109 -11.93 -16.32 -4.54
N HIS D 110 -10.69 -16.79 -4.32
CA HIS D 110 -9.98 -16.44 -3.10
C HIS D 110 -10.00 -14.94 -2.84
N VAL D 111 -9.75 -14.15 -3.90
CA VAL D 111 -9.69 -12.70 -3.79
C VAL D 111 -11.09 -12.09 -3.69
N ILE D 112 -12.05 -12.63 -4.45
CA ILE D 112 -13.41 -12.11 -4.41
C ILE D 112 -14.06 -12.42 -3.06
N ASP D 113 -13.89 -13.65 -2.57
CA ASP D 113 -14.45 -14.01 -1.27
C ASP D 113 -13.79 -13.24 -0.13
N ASN D 114 -12.54 -12.84 -0.29
CA ASN D 114 -11.87 -12.18 0.82
C ASN D 114 -12.06 -10.67 0.85
N ASN D 115 -11.97 -10.00 -0.31
CA ASN D 115 -12.07 -8.55 -0.37
C ASN D 115 -13.52 -8.07 -0.45
N LEU D 116 -14.33 -8.70 -1.29
CA LEU D 116 -15.70 -8.26 -1.54
C LEU D 116 -16.72 -8.90 -0.58
N THR D 117 -16.72 -10.23 -0.45
CA THR D 117 -17.78 -10.84 0.36
C THR D 117 -17.67 -10.39 1.80
N SER D 118 -16.45 -10.23 2.31
CA SER D 118 -16.29 -9.76 3.68
C SER D 118 -16.94 -8.40 3.85
N ALA D 119 -16.71 -7.48 2.90
CA ALA D 119 -17.30 -6.15 2.97
C ALA D 119 -18.82 -6.19 2.93
N PHE D 120 -19.41 -7.12 2.17
CA PHE D 120 -20.87 -7.21 2.10
C PHE D 120 -21.45 -7.63 3.44
N ILE D 121 -20.84 -8.62 4.08
CA ILE D 121 -21.26 -9.02 5.42
C ILE D 121 -21.11 -7.87 6.42
N GLY D 122 -20.04 -7.09 6.25
CA GLY D 122 -19.83 -5.91 7.07
C GLY D 122 -20.97 -4.92 6.88
N CYS D 123 -21.05 -4.33 5.68
CA CYS D 123 -22.09 -3.36 5.39
C CYS D 123 -23.48 -3.87 5.80
N ARG D 124 -23.82 -5.13 5.48
CA ARG D 124 -25.14 -5.62 5.88
C ARG D 124 -25.29 -5.57 7.40
N GLU D 125 -24.28 -6.03 8.13
CA GLU D 125 -24.41 -6.05 9.58
C GLU D 125 -24.41 -4.65 10.16
N ALA D 126 -23.63 -3.73 9.58
CA ALA D 126 -23.65 -2.32 10.00
C ALA D 126 -25.04 -1.73 9.83
N LEU D 127 -25.66 -1.92 8.67
CA LEU D 127 -27.05 -1.54 8.52
C LEU D 127 -27.91 -2.13 9.63
N LYS D 128 -27.72 -3.42 9.94
CA LYS D 128 -28.57 -4.08 10.93
C LYS D 128 -28.44 -3.43 12.31
N VAL D 129 -27.23 -3.05 12.70
CA VAL D 129 -27.04 -2.57 14.07
C VAL D 129 -27.33 -1.07 14.20
N MET D 130 -26.96 -0.27 13.19
CA MET D 130 -27.06 1.19 13.29
C MET D 130 -28.44 1.74 12.96
N SER D 131 -29.38 0.90 12.52
CA SER D 131 -30.68 1.45 12.12
C SER D 131 -31.54 1.90 13.31
N LYS D 132 -31.35 1.29 14.48
CA LYS D 132 -32.05 1.73 15.69
C LYS D 132 -31.68 3.16 16.06
N SER D 133 -30.37 3.47 16.13
CA SER D 133 -29.85 4.77 16.57
C SER D 133 -29.97 5.85 15.49
N ARG D 134 -30.56 5.51 14.34
CA ARG D 134 -30.70 6.36 13.15
C ARG D 134 -29.45 7.22 12.96
N PHE D 135 -28.32 6.51 12.77
CA PHE D 135 -26.99 7.11 12.73
C PHE D 135 -25.94 6.04 12.44
N GLY D 136 -24.89 6.41 11.71
CA GLY D 136 -23.74 5.55 11.47
C GLY D 136 -23.00 5.99 10.21
N SER D 137 -21.82 5.40 10.01
CA SER D 137 -21.04 5.67 8.80
C SER D 137 -20.12 4.50 8.49
N VAL D 138 -20.24 3.94 7.29
CA VAL D 138 -19.38 2.85 6.82
C VAL D 138 -18.41 3.40 5.77
N VAL D 139 -17.18 2.88 5.79
CA VAL D 139 -16.15 3.26 4.81
C VAL D 139 -15.48 1.99 4.31
N ASN D 140 -15.69 1.66 3.03
CA ASN D 140 -15.01 0.53 2.40
C ASN D 140 -13.69 0.98 1.78
N ILE D 141 -12.59 0.31 2.13
CA ILE D 141 -11.31 0.61 1.50
C ILE D 141 -11.29 -0.08 0.13
N ALA D 142 -11.42 0.71 -0.93
CA ALA D 142 -11.27 0.15 -2.27
C ALA D 142 -9.82 0.23 -2.71
N SER D 143 -9.59 0.42 -4.00
CA SER D 143 -8.24 0.59 -4.53
C SER D 143 -8.33 1.30 -5.86
N ILE D 144 -7.22 1.90 -6.27
CA ILE D 144 -7.17 2.56 -7.56
C ILE D 144 -7.43 1.55 -8.66
N ILE D 145 -7.05 0.29 -8.44
CA ILE D 145 -7.22 -0.77 -9.44
C ILE D 145 -8.69 -1.07 -9.69
N GLY D 146 -9.56 -0.83 -8.69
CA GLY D 146 -11.00 -0.95 -8.88
C GLY D 146 -11.58 0.12 -9.77
N GLU D 147 -10.83 1.20 -10.01
CA GLU D 147 -11.30 2.30 -10.84
C GLU D 147 -10.76 2.23 -12.27
N ARG D 148 -9.45 2.12 -12.46
CA ARG D 148 -8.90 2.08 -13.80
C ARG D 148 -8.62 0.67 -14.32
N GLY D 149 -8.51 -0.32 -13.42
CA GLY D 149 -8.11 -1.65 -13.83
C GLY D 149 -6.64 -1.72 -14.18
N ASN D 150 -6.05 -2.90 -14.06
CA ASN D 150 -4.61 -3.08 -14.23
C ASN D 150 -4.34 -4.47 -14.81
N MET D 151 -3.13 -4.64 -15.29
CA MET D 151 -2.72 -5.92 -15.87
C MET D 151 -2.30 -6.86 -14.76
N GLY D 152 -2.80 -8.09 -14.80
CA GLY D 152 -2.47 -9.08 -13.80
C GLY D 152 -3.28 -9.00 -12.54
N GLN D 153 -4.40 -8.27 -12.55
CA GLN D 153 -5.27 -8.13 -11.38
C GLN D 153 -6.74 -8.07 -11.81
N THR D 154 -7.14 -9.03 -12.63
CA THR D 154 -8.53 -9.20 -12.97
C THR D 154 -9.37 -9.67 -11.79
N ASN D 155 -8.77 -10.38 -10.81
CA ASN D 155 -9.50 -10.72 -9.59
C ASN D 155 -9.61 -9.52 -8.66
N TYR D 156 -8.49 -8.82 -8.42
CA TYR D 156 -8.48 -7.65 -7.56
C TYR D 156 -9.45 -6.59 -8.10
N SER D 157 -9.19 -6.07 -9.29
CA SER D 157 -10.05 -5.03 -9.83
C SER D 157 -11.51 -5.46 -9.78
N ALA D 158 -11.79 -6.74 -10.00
CA ALA D 158 -13.18 -7.18 -9.90
C ALA D 158 -13.68 -7.01 -8.48
N SER D 159 -12.88 -7.41 -7.48
CA SER D 159 -13.36 -7.32 -6.10
C SER D 159 -13.51 -5.86 -5.68
N LYS D 160 -12.56 -5.00 -6.07
CA LYS D 160 -12.66 -3.60 -5.66
C LYS D 160 -13.74 -2.86 -6.44
N GLY D 161 -13.80 -3.07 -7.76
CA GLY D 161 -14.86 -2.46 -8.55
C GLY D 161 -16.24 -2.84 -8.06
N GLY D 162 -16.42 -4.10 -7.67
CA GLY D 162 -17.68 -4.51 -7.09
C GLY D 162 -17.91 -3.93 -5.71
N MET D 163 -16.83 -3.79 -4.94
CA MET D 163 -16.96 -3.18 -3.62
C MET D 163 -17.48 -1.74 -3.72
N ILE D 164 -17.07 -1.02 -4.77
CA ILE D 164 -17.48 0.39 -4.90
C ILE D 164 -18.93 0.49 -5.34
N ALA D 165 -19.36 -0.33 -6.31
CA ALA D 165 -20.76 -0.31 -6.72
C ALA D 165 -21.68 -0.75 -5.59
N MET D 166 -21.36 -1.89 -4.96
CA MET D 166 -22.11 -2.37 -3.80
C MET D 166 -22.26 -1.28 -2.74
N SER D 167 -21.18 -0.54 -2.48
CA SER D 167 -21.22 0.55 -1.52
C SER D 167 -22.29 1.57 -1.89
N LYS D 168 -22.36 1.96 -3.16
CA LYS D 168 -23.41 2.90 -3.56
C LYS D 168 -24.78 2.32 -3.22
N SER D 169 -25.00 1.06 -3.56
CA SER D 169 -26.30 0.46 -3.33
C SER D 169 -26.63 0.45 -1.85
N PHE D 170 -25.62 0.21 -1.01
CA PHE D 170 -25.83 0.27 0.42
C PHE D 170 -26.19 1.70 0.85
N ALA D 171 -25.44 2.67 0.33
CA ALA D 171 -25.75 4.08 0.60
C ALA D 171 -27.23 4.37 0.38
N TYR D 172 -27.76 3.95 -0.78
CA TYR D 172 -29.18 4.09 -1.06
C TYR D 172 -30.02 3.49 0.04
N GLU D 173 -29.54 2.42 0.67
CA GLU D 173 -30.40 1.60 1.52
C GLU D 173 -30.53 2.15 2.94
N GLY D 174 -29.49 2.79 3.46
CA GLY D 174 -29.57 3.31 4.82
C GLY D 174 -29.60 4.83 4.87
N ALA D 175 -30.08 5.45 3.79
CA ALA D 175 -30.01 6.90 3.67
C ALA D 175 -31.09 7.59 4.50
N LEU D 176 -32.33 7.06 4.49
CA LEU D 176 -33.37 7.59 5.37
C LEU D 176 -33.05 7.40 6.85
N ARG D 177 -32.36 6.33 7.25
CA ARG D 177 -31.99 6.28 8.65
C ARG D 177 -30.57 6.79 8.86
N ASN D 178 -30.10 7.70 8.01
CA ASN D 178 -28.86 8.44 8.22
C ASN D 178 -27.65 7.52 8.40
N ILE D 179 -27.65 6.36 7.73
CA ILE D 179 -26.48 5.52 7.68
C ILE D 179 -25.82 5.68 6.32
N ARG D 180 -24.53 6.03 6.33
CA ARG D 180 -23.80 6.49 5.16
C ARG D 180 -22.70 5.50 4.78
N PHE D 181 -22.63 5.16 3.49
CA PHE D 181 -21.59 4.31 2.95
C PHE D 181 -20.77 5.12 1.96
N ASN D 182 -19.43 5.02 2.06
CA ASN D 182 -18.51 5.69 1.14
C ASN D 182 -17.26 4.82 0.95
N SER D 183 -16.56 5.03 -0.18
CA SER D 183 -15.35 4.27 -0.54
C SER D 183 -14.16 5.20 -0.65
N VAL D 184 -13.01 4.73 -0.18
CA VAL D 184 -11.72 5.35 -0.42
C VAL D 184 -10.96 4.48 -1.41
N THR D 185 -10.32 5.10 -2.43
CA THR D 185 -9.60 4.35 -3.45
C THR D 185 -8.13 4.79 -3.53
N PRO D 186 -7.27 4.24 -2.67
CA PRO D 186 -5.87 4.67 -2.64
C PRO D 186 -5.12 4.29 -3.91
N GLY D 187 -4.14 5.14 -4.26
CA GLY D 187 -3.19 4.87 -5.32
C GLY D 187 -2.18 3.81 -4.92
N PHE D 188 -0.89 4.15 -5.00
CA PHE D 188 0.17 3.29 -4.51
C PHE D 188 0.62 3.84 -3.15
N ILE D 189 0.10 3.26 -2.10
CA ILE D 189 0.50 3.63 -0.76
C ILE D 189 1.73 2.81 -0.42
N GLU D 190 2.66 3.39 0.35
CA GLU D 190 3.90 2.71 0.73
C GLU D 190 3.64 1.64 1.81
N THR D 191 2.73 0.72 1.49
CA THR D 191 2.16 -0.17 2.50
C THR D 191 3.21 -1.13 3.07
N ALA D 203 9.84 2.33 -8.21
CA ALA D 203 10.37 3.62 -8.73
C ALA D 203 9.98 3.86 -10.20
N ASP D 204 9.21 2.94 -10.78
CA ASP D 204 8.47 3.27 -11.98
C ASP D 204 7.12 3.89 -11.63
N TYR D 205 6.70 3.75 -10.37
CA TYR D 205 5.37 4.19 -9.98
C TYR D 205 5.35 5.66 -9.60
N VAL D 206 6.51 6.28 -9.34
CA VAL D 206 6.54 7.70 -9.00
C VAL D 206 6.66 8.60 -10.23
N LYS D 207 6.95 8.05 -11.41
CA LYS D 207 7.05 8.95 -12.55
C LYS D 207 5.69 9.39 -13.01
N ASN D 208 4.67 8.60 -12.69
CA ASN D 208 3.29 8.88 -13.05
C ASN D 208 2.52 9.58 -11.95
N ILE D 209 3.01 9.52 -10.71
CA ILE D 209 2.39 10.24 -9.60
C ILE D 209 2.81 11.69 -9.68
N PRO D 210 1.90 12.63 -9.99
CA PRO D 210 2.32 14.04 -10.03
C PRO D 210 2.91 14.51 -8.71
N LEU D 211 2.32 14.11 -7.57
CA LEU D 211 2.89 14.52 -6.30
C LEU D 211 4.28 13.91 -6.04
N ASN D 212 4.82 13.15 -7.01
CA ASN D 212 6.19 12.63 -7.01
C ASN D 212 6.55 11.82 -5.77
N ARG D 213 5.61 11.06 -5.20
CA ARG D 213 5.94 10.20 -4.07
C ARG D 213 4.78 9.23 -3.84
N LEU D 214 5.03 8.25 -2.97
CA LEU D 214 4.03 7.27 -2.54
C LEU D 214 3.32 7.79 -1.30
N GLY D 215 2.05 7.40 -1.16
CA GLY D 215 1.25 7.87 -0.03
C GLY D 215 1.62 7.16 1.26
N ALA D 216 1.73 7.93 2.34
CA ALA D 216 1.84 7.34 3.66
C ALA D 216 0.50 6.79 4.10
N ALA D 217 0.55 5.67 4.83
CA ALA D 217 -0.67 5.09 5.37
C ALA D 217 -1.53 6.15 6.06
N LYS D 218 -0.90 7.08 6.78
CA LYS D 218 -1.65 8.11 7.48
C LYS D 218 -2.59 8.85 6.54
N GLU D 219 -2.11 9.16 5.32
CA GLU D 219 -2.91 9.93 4.36
C GLU D 219 -4.12 9.15 3.86
N VAL D 220 -4.12 7.82 3.95
CA VAL D 220 -5.36 7.08 3.77
C VAL D 220 -6.18 7.04 5.05
N ALA D 221 -5.50 6.87 6.18
CA ALA D 221 -6.17 6.94 7.48
C ALA D 221 -7.03 8.19 7.61
N GLU D 222 -6.50 9.35 7.19
CA GLU D 222 -7.19 10.58 7.56
C GLU D 222 -8.37 10.85 6.63
N ALA D 223 -8.29 10.36 5.39
CA ALA D 223 -9.44 10.39 4.51
C ALA D 223 -10.53 9.47 5.03
N VAL D 224 -10.15 8.29 5.52
CA VAL D 224 -11.11 7.43 6.19
C VAL D 224 -11.73 8.15 7.39
N ALA D 225 -10.87 8.81 8.18
CA ALA D 225 -11.35 9.58 9.32
C ALA D 225 -12.34 10.66 8.89
N PHE D 226 -12.05 11.35 7.78
CA PHE D 226 -12.97 12.39 7.29
C PHE D 226 -14.33 11.79 6.93
N LEU D 227 -14.35 10.70 6.18
CA LEU D 227 -15.61 10.15 5.71
C LEU D 227 -16.48 9.66 6.87
N LEU D 228 -15.85 9.27 7.99
CA LEU D 228 -16.60 8.81 9.16
C LEU D 228 -17.10 9.97 10.00
N SER D 229 -16.37 11.09 10.03
CA SER D 229 -16.65 12.22 10.92
C SER D 229 -17.98 12.87 10.53
N ASP D 230 -18.28 14.02 11.13
CA ASP D 230 -19.47 14.75 10.79
C ASP D 230 -19.24 15.76 9.67
N HIS D 231 -17.98 16.06 9.38
CA HIS D 231 -17.65 16.95 8.27
C HIS D 231 -18.18 16.41 6.95
N SER D 232 -18.26 15.10 6.83
CA SER D 232 -18.87 14.51 5.65
C SER D 232 -20.35 14.17 5.85
N SER D 233 -21.00 14.82 6.82
CA SER D 233 -22.39 14.45 7.15
C SER D 233 -23.35 14.55 5.98
N TYR D 234 -22.93 15.10 4.83
CA TYR D 234 -23.79 15.19 3.65
C TYR D 234 -23.27 14.34 2.49
N ILE D 235 -22.26 13.51 2.71
CA ILE D 235 -21.60 12.76 1.65
C ILE D 235 -21.90 11.27 1.82
N THR D 236 -22.72 10.71 0.92
CA THR D 236 -22.98 9.29 0.88
C THR D 236 -22.83 8.74 -0.54
N GLY D 237 -22.50 7.45 -0.65
CA GLY D 237 -22.32 6.85 -1.96
C GLY D 237 -21.18 7.42 -2.79
N GLU D 238 -20.21 8.10 -2.19
CA GLU D 238 -19.12 8.73 -2.90
C GLU D 238 -17.90 7.83 -2.96
N THR D 239 -17.00 8.12 -3.92
CA THR D 239 -15.73 7.42 -4.15
C THR D 239 -14.60 8.44 -4.01
N LEU D 240 -13.89 8.41 -2.89
CA LEU D 240 -12.89 9.42 -2.55
C LEU D 240 -11.49 8.91 -2.87
N LYS D 241 -10.75 9.64 -3.72
CA LYS D 241 -9.51 9.18 -4.31
C LYS D 241 -8.27 9.70 -3.56
N VAL D 242 -7.47 8.80 -3.02
CA VAL D 242 -6.23 9.16 -2.35
C VAL D 242 -5.02 8.64 -3.14
N ASN D 243 -4.71 9.28 -4.27
CA ASN D 243 -3.75 8.69 -5.20
C ASN D 243 -2.68 9.67 -5.66
N GLY D 244 -2.40 10.71 -4.89
CA GLY D 244 -1.38 11.67 -5.26
C GLY D 244 -1.57 12.29 -6.65
N GLY D 245 -2.74 12.08 -7.24
CA GLY D 245 -3.00 12.52 -8.59
C GLY D 245 -2.73 11.45 -9.64
N LEU D 246 -2.65 10.19 -9.24
CA LEU D 246 -2.37 9.13 -10.21
C LEU D 246 -3.54 8.91 -11.16
N TYR D 247 -4.75 9.26 -10.73
CA TYR D 247 -5.98 9.02 -11.48
C TYR D 247 -6.91 10.21 -11.28
N MET D 248 -7.39 10.79 -12.39
CA MET D 248 -8.29 11.95 -12.31
C MET D 248 -9.54 11.81 -13.18
N SER E 1 -26.47 -3.05 -40.86
CA SER E 1 -25.34 -3.95 -41.15
C SER E 1 -24.04 -3.20 -40.86
N MET E 2 -22.97 -3.94 -40.60
CA MET E 2 -21.66 -3.37 -40.33
C MET E 2 -20.62 -4.35 -40.86
N GLN E 3 -19.37 -3.99 -40.72
CA GLN E 3 -18.30 -4.90 -41.08
C GLN E 3 -17.90 -5.70 -39.84
N PHE E 4 -17.53 -6.97 -40.06
CA PHE E 4 -16.85 -7.78 -39.07
C PHE E 4 -15.72 -8.53 -39.75
N THR E 5 -14.53 -8.51 -39.16
CA THR E 5 -13.45 -9.35 -39.65
C THR E 5 -13.67 -10.83 -39.32
N GLY E 6 -14.26 -11.14 -38.14
CA GLY E 6 -14.38 -12.51 -37.67
C GLY E 6 -15.62 -13.24 -38.19
N LYS E 7 -15.66 -14.55 -37.93
CA LYS E 7 -16.66 -15.47 -38.47
C LYS E 7 -17.75 -15.84 -37.45
N ASN E 8 -17.34 -16.22 -36.25
CA ASN E 8 -18.24 -16.83 -35.28
C ASN E 8 -18.27 -15.99 -34.01
N VAL E 9 -19.38 -16.11 -33.27
CA VAL E 9 -19.58 -15.35 -32.05
C VAL E 9 -20.33 -16.21 -31.02
N LEU E 10 -19.72 -16.43 -29.85
CA LEU E 10 -20.34 -17.19 -28.77
C LEU E 10 -21.00 -16.22 -27.77
N ILE E 11 -22.29 -16.42 -27.48
CA ILE E 11 -23.09 -15.50 -26.69
C ILE E 11 -23.67 -16.28 -25.52
N THR E 12 -23.11 -16.08 -24.31
CA THR E 12 -23.57 -16.82 -23.13
C THR E 12 -24.98 -16.38 -22.73
N GLY E 13 -25.77 -17.34 -22.24
CA GLY E 13 -27.19 -17.09 -22.00
C GLY E 13 -27.88 -16.34 -23.11
N ALA E 14 -28.01 -16.96 -24.29
CA ALA E 14 -28.61 -16.32 -25.46
C ALA E 14 -29.87 -17.00 -25.94
N SER E 15 -30.48 -17.83 -25.09
CA SER E 15 -31.76 -18.44 -25.45
C SER E 15 -32.86 -17.38 -25.63
N LYS E 16 -33.01 -16.46 -24.66
CA LYS E 16 -34.12 -15.51 -24.71
C LYS E 16 -33.69 -14.14 -24.19
N GLY E 17 -34.60 -13.15 -24.36
CA GLY E 17 -34.32 -11.83 -23.85
C GLY E 17 -33.25 -11.11 -24.66
N ILE E 18 -32.40 -10.36 -23.96
CA ILE E 18 -31.39 -9.53 -24.60
C ILE E 18 -30.39 -10.40 -25.37
N GLY E 19 -29.95 -11.50 -24.77
CA GLY E 19 -29.10 -12.43 -25.50
C GLY E 19 -29.71 -12.90 -26.80
N ALA E 20 -31.02 -13.17 -26.79
CA ALA E 20 -31.67 -13.67 -28.01
C ALA E 20 -31.55 -12.65 -29.14
N GLU E 21 -31.87 -11.38 -28.85
CA GLU E 21 -31.78 -10.35 -29.88
C GLU E 21 -30.33 -10.04 -30.26
N ILE E 22 -29.38 -10.20 -29.32
CA ILE E 22 -27.98 -10.08 -29.69
C ILE E 22 -27.60 -11.17 -30.68
N ALA E 23 -28.11 -12.39 -30.46
CA ALA E 23 -27.83 -13.48 -31.39
C ALA E 23 -28.51 -13.24 -32.74
N ARG E 24 -29.69 -12.65 -32.72
CA ARG E 24 -30.38 -12.36 -33.98
C ARG E 24 -29.67 -11.26 -34.76
N THR E 25 -29.24 -10.19 -34.07
CA THR E 25 -28.57 -9.08 -34.75
C THR E 25 -27.24 -9.51 -35.33
N LEU E 26 -26.42 -10.17 -34.53
CA LEU E 26 -25.11 -10.59 -35.01
C LEU E 26 -25.22 -11.60 -36.14
N ALA E 27 -26.30 -12.39 -36.19
CA ALA E 27 -26.50 -13.32 -37.29
C ALA E 27 -27.03 -12.63 -38.55
N SER E 28 -27.84 -11.58 -38.38
CA SER E 28 -28.31 -10.79 -39.51
C SER E 28 -27.16 -10.05 -40.21
N MET E 29 -26.06 -9.82 -39.50
CA MET E 29 -24.89 -9.12 -40.05
C MET E 29 -23.78 -10.09 -40.48
N GLY E 30 -24.12 -11.34 -40.80
CA GLY E 30 -23.22 -12.26 -41.46
C GLY E 30 -22.35 -13.11 -40.56
N LEU E 31 -22.67 -13.19 -39.27
CA LEU E 31 -21.89 -13.99 -38.34
C LEU E 31 -22.63 -15.27 -38.03
N LYS E 32 -21.87 -16.31 -37.66
CA LYS E 32 -22.46 -17.54 -37.16
C LYS E 32 -22.58 -17.43 -35.63
N VAL E 33 -23.80 -17.50 -35.12
CA VAL E 33 -24.08 -17.17 -33.74
C VAL E 33 -24.23 -18.46 -32.94
N TRP E 34 -23.32 -18.67 -31.99
CA TRP E 34 -23.34 -19.85 -31.14
C TRP E 34 -24.22 -19.55 -29.93
N ILE E 35 -25.46 -20.03 -29.96
CA ILE E 35 -26.44 -19.77 -28.91
C ILE E 35 -26.14 -20.65 -27.70
N ASN E 36 -25.77 -20.03 -26.58
CA ASN E 36 -25.64 -20.75 -25.32
C ASN E 36 -27.02 -20.92 -24.66
N TYR E 37 -27.15 -21.95 -23.82
CA TYR E 37 -28.35 -22.10 -22.99
C TYR E 37 -28.08 -23.07 -21.84
N ARG E 38 -28.86 -22.94 -20.75
CA ARG E 38 -28.81 -23.88 -19.62
C ARG E 38 -29.93 -24.92 -19.67
N SER E 39 -31.21 -24.50 -19.64
CA SER E 39 -32.34 -25.42 -19.38
C SER E 39 -33.02 -25.91 -20.65
N ASN E 40 -34.31 -25.62 -20.90
CA ASN E 40 -34.86 -25.93 -22.23
C ASN E 40 -33.87 -25.74 -23.35
N ALA E 41 -33.69 -26.82 -24.12
CA ALA E 41 -33.23 -26.76 -25.49
C ALA E 41 -34.33 -26.40 -26.47
N GLU E 42 -35.60 -26.65 -26.13
CA GLU E 42 -36.71 -26.20 -26.95
C GLU E 42 -36.53 -24.76 -27.47
N VAL E 43 -36.34 -23.79 -26.55
CA VAL E 43 -36.32 -22.36 -26.90
C VAL E 43 -35.05 -22.00 -27.65
N ALA E 44 -33.91 -22.53 -27.20
CA ALA E 44 -32.66 -22.27 -27.91
C ALA E 44 -32.70 -22.86 -29.31
N ASP E 45 -33.37 -24.01 -29.48
CA ASP E 45 -33.48 -24.61 -30.80
C ASP E 45 -34.48 -23.86 -31.65
N ALA E 46 -35.60 -23.45 -31.06
CA ALA E 46 -36.50 -22.51 -31.74
C ALA E 46 -35.70 -21.40 -32.40
N LEU E 47 -35.08 -20.53 -31.59
CA LEU E 47 -34.31 -19.40 -32.10
C LEU E 47 -33.31 -19.83 -33.15
N LYS E 48 -32.60 -20.93 -32.93
CA LYS E 48 -31.62 -21.36 -33.93
C LYS E 48 -32.32 -21.65 -35.25
N ASN E 49 -33.48 -22.28 -35.20
CA ASN E 49 -34.22 -22.61 -36.43
C ASN E 49 -34.67 -21.34 -37.15
N GLU E 50 -35.05 -20.31 -36.41
CA GLU E 50 -35.69 -19.13 -36.98
C GLU E 50 -34.63 -18.30 -37.67
N LEU E 51 -33.37 -18.47 -37.24
CA LEU E 51 -32.20 -17.80 -37.80
C LEU E 51 -31.68 -18.51 -39.06
N GLU E 52 -31.63 -19.85 -39.04
CA GLU E 52 -31.30 -20.60 -40.25
C GLU E 52 -32.43 -20.55 -41.26
N GLU E 53 -33.66 -20.31 -40.81
CA GLU E 53 -34.81 -20.16 -41.71
C GLU E 53 -34.69 -18.89 -42.54
N LYS E 54 -34.23 -17.79 -41.94
CA LYS E 54 -33.97 -16.57 -42.68
C LYS E 54 -32.66 -16.63 -43.47
N GLY E 55 -31.97 -17.76 -43.45
CA GLY E 55 -30.79 -17.93 -44.25
C GLY E 55 -29.47 -17.65 -43.55
N TYR E 56 -29.50 -17.31 -42.25
CA TYR E 56 -28.27 -17.05 -41.54
C TYR E 56 -27.63 -18.36 -41.06
N LYS E 57 -26.50 -18.24 -40.35
CA LYS E 57 -25.79 -19.38 -39.76
C LYS E 57 -25.97 -19.36 -38.24
N ALA E 58 -26.60 -20.40 -37.68
CA ALA E 58 -26.87 -20.48 -36.24
C ALA E 58 -26.73 -21.90 -35.74
N ALA E 59 -26.21 -22.06 -34.52
CA ALA E 59 -26.00 -23.37 -33.89
C ALA E 59 -26.03 -23.19 -32.37
N VAL E 60 -26.61 -24.16 -31.66
CA VAL E 60 -26.78 -24.06 -30.21
C VAL E 60 -25.61 -24.74 -29.50
N ILE E 61 -25.58 -24.60 -28.17
CA ILE E 61 -24.62 -25.33 -27.34
C ILE E 61 -25.06 -25.19 -25.89
N LYS E 62 -24.89 -26.26 -25.11
CA LYS E 62 -25.35 -26.32 -23.72
C LYS E 62 -24.15 -26.36 -22.81
N PHE E 63 -24.08 -25.39 -21.89
CA PHE E 63 -23.12 -25.37 -20.79
C PHE E 63 -23.59 -24.33 -19.79
N ASP E 64 -23.19 -24.51 -18.52
CA ASP E 64 -23.46 -23.52 -17.48
C ASP E 64 -22.27 -22.57 -17.41
N ALA E 65 -22.52 -21.31 -17.77
CA ALA E 65 -21.44 -20.32 -17.84
C ALA E 65 -20.74 -20.12 -16.48
N ALA E 66 -21.33 -20.61 -15.39
CA ALA E 66 -20.71 -20.55 -14.07
C ALA E 66 -19.80 -21.74 -13.77
N SER E 67 -19.95 -22.86 -14.48
CA SER E 67 -19.11 -24.05 -14.29
C SER E 67 -17.89 -23.95 -15.21
N GLU E 68 -16.71 -23.75 -14.62
CA GLU E 68 -15.49 -23.68 -15.41
C GLU E 68 -15.42 -24.87 -16.35
N SER E 69 -15.54 -26.10 -15.80
CA SER E 69 -15.54 -27.32 -16.59
C SER E 69 -16.48 -27.21 -17.80
N ASP E 70 -17.78 -26.99 -17.57
CA ASP E 70 -18.67 -26.88 -18.72
C ASP E 70 -18.16 -25.84 -19.71
N PHE E 71 -17.71 -24.68 -19.19
CA PHE E 71 -17.46 -23.53 -20.07
C PHE E 71 -16.24 -23.81 -20.95
N VAL E 72 -15.18 -24.37 -20.36
CA VAL E 72 -13.92 -24.66 -21.06
C VAL E 72 -14.12 -25.75 -22.12
N GLU E 73 -14.59 -26.93 -21.70
CA GLU E 73 -15.13 -27.92 -22.64
C GLU E 73 -15.94 -27.28 -23.76
N ALA E 74 -16.90 -26.40 -23.43
CA ALA E 74 -17.78 -25.85 -24.47
C ALA E 74 -16.98 -25.03 -25.50
N ILE E 75 -16.12 -24.15 -25.02
CA ILE E 75 -15.19 -23.36 -25.83
C ILE E 75 -14.38 -24.26 -26.76
N GLN E 76 -13.72 -25.27 -26.19
CA GLN E 76 -12.92 -26.20 -26.98
C GLN E 76 -13.70 -26.78 -28.15
N ALA E 77 -15.00 -27.02 -27.97
CA ALA E 77 -15.79 -27.63 -29.02
C ALA E 77 -16.11 -26.66 -30.15
N ILE E 78 -16.20 -25.34 -29.87
CA ILE E 78 -16.43 -24.40 -30.96
C ILE E 78 -15.17 -24.23 -31.78
N VAL E 79 -14.00 -24.33 -31.13
CA VAL E 79 -12.72 -24.40 -31.85
C VAL E 79 -12.72 -25.60 -32.81
N GLN E 80 -12.81 -26.82 -32.29
CA GLN E 80 -12.85 -27.94 -33.25
C GLN E 80 -14.21 -28.23 -33.85
N SER E 81 -14.92 -27.17 -34.18
CA SER E 81 -16.00 -27.22 -35.13
C SER E 81 -16.06 -26.01 -36.03
N ASP E 82 -15.31 -24.94 -35.73
CA ASP E 82 -15.27 -23.71 -36.52
C ASP E 82 -13.86 -23.22 -36.76
N GLY E 83 -12.84 -23.95 -36.26
CA GLY E 83 -11.45 -23.51 -36.37
C GLY E 83 -11.00 -22.51 -35.33
N GLY E 84 -11.92 -21.82 -34.68
CA GLY E 84 -11.61 -20.83 -33.67
C GLY E 84 -12.83 -20.02 -33.30
N LEU E 85 -12.61 -19.06 -32.40
CA LEU E 85 -13.67 -18.17 -31.94
C LEU E 85 -13.21 -16.74 -32.13
N SER E 86 -13.95 -15.97 -32.92
CA SER E 86 -13.54 -14.60 -33.20
C SER E 86 -14.12 -13.60 -32.20
N TYR E 87 -15.31 -13.85 -31.66
CA TYR E 87 -16.02 -12.85 -30.86
C TYR E 87 -16.73 -13.55 -29.72
N LEU E 88 -16.69 -12.94 -28.52
CA LEU E 88 -17.41 -13.42 -27.33
C LEU E 88 -18.25 -12.28 -26.76
N VAL E 89 -19.48 -12.61 -26.34
CA VAL E 89 -20.41 -11.69 -25.68
C VAL E 89 -20.85 -12.34 -24.36
N ASN E 90 -20.29 -11.89 -23.23
CA ASN E 90 -20.69 -12.38 -21.91
C ASN E 90 -22.00 -11.71 -21.50
N ASN E 91 -23.13 -12.39 -21.77
CA ASN E 91 -24.45 -11.86 -21.52
C ASN E 91 -25.12 -12.52 -20.33
N ALA E 92 -24.71 -13.72 -19.95
CA ALA E 92 -25.42 -14.47 -18.92
C ALA E 92 -25.45 -13.71 -17.60
N GLY E 93 -26.62 -13.69 -16.97
CA GLY E 93 -26.75 -13.04 -15.68
C GLY E 93 -28.12 -13.19 -15.04
N VAL E 94 -28.15 -13.24 -13.70
CA VAL E 94 -29.40 -13.38 -12.97
C VAL E 94 -29.57 -12.19 -12.03
N VAL E 95 -30.63 -12.21 -11.23
CA VAL E 95 -30.89 -11.15 -10.26
C VAL E 95 -31.47 -11.83 -9.01
N ARG E 96 -31.36 -11.15 -7.87
CA ARG E 96 -32.09 -11.58 -6.68
C ARG E 96 -32.31 -10.40 -5.74
N ASP E 97 -33.31 -9.58 -6.06
CA ASP E 97 -33.49 -8.30 -5.38
C ASP E 97 -34.03 -8.51 -3.98
N LYS E 98 -33.22 -8.11 -3.00
CA LYS E 98 -33.59 -8.17 -1.60
C LYS E 98 -32.99 -6.96 -0.90
N LEU E 99 -33.77 -6.37 0.03
CA LEU E 99 -33.17 -5.48 1.01
C LEU E 99 -32.04 -6.21 1.70
N ALA E 100 -30.89 -5.56 1.80
CA ALA E 100 -29.71 -6.27 2.27
C ALA E 100 -29.93 -6.92 3.63
N ILE E 101 -30.73 -6.30 4.50
CA ILE E 101 -30.97 -6.84 5.85
C ILE E 101 -31.42 -8.29 5.77
N LYS E 102 -32.33 -8.60 4.85
CA LYS E 102 -32.85 -9.95 4.69
C LYS E 102 -32.12 -10.73 3.61
N MET E 103 -30.99 -10.24 3.10
CA MET E 103 -30.30 -10.89 2.01
C MET E 103 -29.21 -11.76 2.61
N LYS E 104 -29.28 -13.05 2.38
CA LYS E 104 -28.36 -13.88 3.12
C LYS E 104 -27.18 -14.15 2.22
N THR E 105 -26.02 -14.41 2.82
CA THR E 105 -24.81 -14.53 2.03
C THR E 105 -24.97 -15.50 0.87
N GLU E 106 -25.93 -16.41 0.98
CA GLU E 106 -26.13 -17.44 -0.04
C GLU E 106 -26.79 -16.83 -1.28
N ASP E 107 -27.66 -15.81 -1.06
CA ASP E 107 -28.18 -14.96 -2.14
C ASP E 107 -27.09 -14.09 -2.79
N PHE E 108 -26.07 -13.71 -2.03
CA PHE E 108 -25.04 -12.83 -2.58
C PHE E 108 -24.15 -13.60 -3.54
N HIS E 109 -23.83 -14.85 -3.19
CA HIS E 109 -22.99 -15.70 -4.03
C HIS E 109 -23.73 -16.15 -5.28
N HIS E 110 -25.05 -16.28 -5.20
CA HIS E 110 -25.84 -16.75 -6.34
C HIS E 110 -25.72 -15.79 -7.51
N VAL E 111 -25.79 -14.49 -7.23
CA VAL E 111 -25.62 -13.46 -8.24
C VAL E 111 -24.14 -13.25 -8.56
N ILE E 112 -23.27 -13.37 -7.56
CA ILE E 112 -21.86 -13.15 -7.82
C ILE E 112 -21.33 -14.22 -8.79
N ASP E 113 -21.57 -15.52 -8.52
CA ASP E 113 -20.96 -16.51 -9.43
C ASP E 113 -21.69 -16.48 -10.76
N ASN E 114 -23.02 -16.26 -10.75
CA ASN E 114 -23.74 -16.34 -12.02
C ASN E 114 -23.43 -15.15 -12.94
N ASN E 115 -23.13 -13.97 -12.37
CA ASN E 115 -22.95 -12.75 -13.14
C ASN E 115 -21.48 -12.37 -13.31
N LEU E 116 -20.65 -12.57 -12.29
CA LEU E 116 -19.25 -12.15 -12.39
C LEU E 116 -18.30 -13.32 -12.65
N THR E 117 -18.46 -14.45 -11.96
CA THR E 117 -17.56 -15.57 -12.21
C THR E 117 -17.71 -16.11 -13.63
N SER E 118 -18.94 -16.10 -14.17
CA SER E 118 -19.14 -16.56 -15.53
C SER E 118 -18.37 -15.68 -16.51
N ALA E 119 -18.47 -14.35 -16.36
CA ALA E 119 -17.82 -13.44 -17.29
C ALA E 119 -16.29 -13.50 -17.19
N PHE E 120 -15.74 -13.91 -16.04
CA PHE E 120 -14.30 -14.07 -15.91
C PHE E 120 -13.83 -15.33 -16.61
N ILE E 121 -14.64 -16.38 -16.59
CA ILE E 121 -14.30 -17.59 -17.32
C ILE E 121 -14.32 -17.31 -18.82
N GLY E 122 -15.41 -16.71 -19.31
CA GLY E 122 -15.47 -16.32 -20.71
C GLY E 122 -14.28 -15.49 -21.15
N CYS E 123 -13.92 -14.46 -20.37
CA CYS E 123 -12.82 -13.60 -20.78
C CYS E 123 -11.48 -14.32 -20.71
N ARG E 124 -11.26 -15.16 -19.70
CA ARG E 124 -10.00 -15.90 -19.64
C ARG E 124 -9.84 -16.78 -20.88
N GLU E 125 -10.89 -17.55 -21.21
CA GLU E 125 -10.81 -18.44 -22.37
C GLU E 125 -10.72 -17.65 -23.66
N ALA E 126 -11.42 -16.51 -23.76
CA ALA E 126 -11.23 -15.63 -24.90
C ALA E 126 -9.75 -15.30 -25.11
N LEU E 127 -9.02 -15.02 -24.04
CA LEU E 127 -7.58 -14.84 -24.16
C LEU E 127 -6.93 -16.07 -24.73
N LYS E 128 -7.29 -17.24 -24.22
CA LYS E 128 -6.67 -18.47 -24.69
C LYS E 128 -6.93 -18.70 -26.17
N VAL E 129 -8.21 -18.69 -26.56
CA VAL E 129 -8.59 -19.04 -27.93
C VAL E 129 -8.31 -17.93 -28.94
N MET E 130 -8.16 -16.66 -28.51
CA MET E 130 -7.99 -15.58 -29.47
C MET E 130 -6.56 -15.04 -29.52
N SER E 131 -5.74 -15.29 -28.49
CA SER E 131 -4.39 -14.74 -28.50
C SER E 131 -3.64 -15.20 -29.73
N LYS E 132 -3.97 -16.38 -30.25
CA LYS E 132 -3.17 -17.06 -31.27
C LYS E 132 -3.36 -16.47 -32.65
N SER E 133 -4.61 -16.22 -33.05
CA SER E 133 -4.86 -15.52 -34.31
C SER E 133 -4.66 -14.00 -34.20
N ARG E 134 -4.24 -13.50 -33.03
CA ARG E 134 -3.88 -12.08 -32.87
C ARG E 134 -5.05 -11.18 -33.27
N PHE E 135 -6.26 -11.54 -32.85
CA PHE E 135 -7.45 -10.76 -33.18
C PHE E 135 -8.59 -11.20 -32.27
N GLY E 136 -9.34 -10.21 -31.78
CA GLY E 136 -10.44 -10.51 -30.87
C GLY E 136 -11.22 -9.29 -30.44
N SER E 137 -12.51 -9.50 -30.16
CA SER E 137 -13.38 -8.48 -29.60
C SER E 137 -14.36 -9.15 -28.64
N VAL E 138 -14.26 -8.81 -27.36
CA VAL E 138 -15.19 -9.29 -26.35
C VAL E 138 -16.04 -8.11 -25.88
N VAL E 139 -17.30 -8.38 -25.56
CA VAL E 139 -18.21 -7.40 -24.97
C VAL E 139 -18.88 -8.03 -23.76
N ASN E 140 -19.00 -7.27 -22.67
CA ASN E 140 -19.65 -7.74 -21.44
C ASN E 140 -20.90 -6.92 -21.19
N ILE E 141 -22.00 -7.59 -20.82
CA ILE E 141 -23.30 -6.94 -20.66
C ILE E 141 -23.45 -6.63 -19.17
N ALA E 142 -23.06 -5.42 -18.78
CA ALA E 142 -23.20 -4.94 -17.41
C ALA E 142 -24.59 -4.34 -17.21
N SER E 143 -24.73 -3.40 -16.26
CA SER E 143 -26.01 -2.76 -15.99
C SER E 143 -25.76 -1.35 -15.50
N ILE E 144 -26.76 -0.48 -15.72
CA ILE E 144 -26.71 0.83 -15.09
C ILE E 144 -26.52 0.70 -13.58
N ILE E 145 -27.04 -0.38 -12.98
CA ILE E 145 -26.80 -0.62 -11.57
C ILE E 145 -25.31 -0.80 -11.27
N GLY E 146 -24.54 -1.29 -12.25
CA GLY E 146 -23.12 -1.43 -11.98
C GLY E 146 -22.43 -0.11 -11.76
N GLU E 147 -22.98 0.96 -12.31
CA GLU E 147 -22.41 2.31 -12.23
C GLU E 147 -22.95 3.12 -11.06
N ARG E 148 -24.28 3.23 -10.97
CA ARG E 148 -24.88 4.06 -9.92
C ARG E 148 -25.29 3.30 -8.67
N GLY E 149 -25.49 1.99 -8.74
CA GLY E 149 -26.08 1.31 -7.59
C GLY E 149 -27.58 1.52 -7.54
N ASN E 150 -28.29 0.58 -6.92
CA ASN E 150 -29.74 0.70 -6.81
C ASN E 150 -30.16 0.09 -5.49
N MET E 151 -31.32 0.51 -5.01
CA MET E 151 -31.82 -0.02 -3.75
C MET E 151 -32.28 -1.47 -3.92
N GLY E 152 -31.99 -2.28 -2.90
CA GLY E 152 -32.41 -3.68 -2.92
C GLY E 152 -31.63 -4.55 -3.86
N GLN E 153 -30.42 -4.14 -4.22
CA GLN E 153 -29.64 -4.77 -5.26
C GLN E 153 -28.17 -4.65 -4.92
N THR E 154 -27.85 -4.81 -3.64
CA THR E 154 -26.44 -4.77 -3.27
C THR E 154 -25.69 -5.88 -4.00
N ASN E 155 -26.32 -7.04 -4.22
CA ASN E 155 -25.61 -8.15 -4.88
C ASN E 155 -25.49 -7.91 -6.38
N TYR E 156 -26.60 -7.56 -7.05
CA TYR E 156 -26.56 -7.25 -8.48
C TYR E 156 -25.52 -6.17 -8.79
N SER E 157 -25.59 -5.03 -8.09
CA SER E 157 -24.59 -3.99 -8.35
C SER E 157 -23.19 -4.54 -8.10
N ALA E 158 -23.01 -5.35 -7.06
CA ALA E 158 -21.69 -5.89 -6.75
C ALA E 158 -21.10 -6.57 -7.98
N SER E 159 -21.76 -7.64 -8.45
CA SER E 159 -21.27 -8.40 -9.60
C SER E 159 -21.09 -7.52 -10.83
N LYS E 160 -21.97 -6.54 -11.05
CA LYS E 160 -21.90 -5.78 -12.30
C LYS E 160 -20.81 -4.72 -12.27
N GLY E 161 -20.56 -4.10 -11.11
CA GLY E 161 -19.50 -3.11 -11.03
C GLY E 161 -18.15 -3.77 -10.96
N GLY E 162 -18.08 -4.93 -10.32
CA GLY E 162 -16.88 -5.73 -10.40
C GLY E 162 -16.66 -6.27 -11.80
N MET E 163 -17.73 -6.49 -12.56
CA MET E 163 -17.52 -6.93 -13.92
C MET E 163 -16.88 -5.82 -14.75
N ILE E 164 -17.42 -4.58 -14.66
CA ILE E 164 -16.92 -3.46 -15.47
C ILE E 164 -15.44 -3.19 -15.20
N ALA E 165 -15.03 -3.26 -13.92
CA ALA E 165 -13.62 -3.07 -13.58
C ALA E 165 -12.77 -4.24 -14.07
N MET E 166 -13.29 -5.46 -13.94
CA MET E 166 -12.57 -6.64 -14.44
C MET E 166 -12.37 -6.57 -15.94
N SER E 167 -13.39 -6.08 -16.67
CA SER E 167 -13.27 -5.88 -18.11
C SER E 167 -12.19 -4.87 -18.45
N LYS E 168 -11.97 -3.87 -17.60
CA LYS E 168 -10.85 -2.98 -17.85
C LYS E 168 -9.53 -3.74 -17.72
N SER E 169 -9.41 -4.57 -16.70
CA SER E 169 -8.17 -5.31 -16.53
C SER E 169 -7.93 -6.25 -17.70
N PHE E 170 -8.97 -6.93 -18.17
CA PHE E 170 -8.81 -7.82 -19.32
C PHE E 170 -8.35 -7.03 -20.54
N ALA E 171 -8.97 -5.88 -20.81
CA ALA E 171 -8.52 -5.02 -21.90
C ALA E 171 -7.01 -4.77 -21.84
N TYR E 172 -6.44 -4.62 -20.63
CA TYR E 172 -4.99 -4.38 -20.54
C TYR E 172 -4.23 -5.56 -21.11
N GLU E 173 -4.65 -6.79 -20.77
CA GLU E 173 -3.93 -8.00 -21.16
C GLU E 173 -4.29 -8.45 -22.57
N GLY E 174 -5.54 -8.30 -22.96
CA GLY E 174 -5.92 -8.62 -24.33
C GLY E 174 -5.36 -7.67 -25.35
N ALA E 175 -4.98 -6.45 -24.94
CA ALA E 175 -4.49 -5.48 -25.89
C ALA E 175 -3.13 -5.85 -26.43
N LEU E 176 -2.34 -6.63 -25.68
CA LEU E 176 -1.08 -7.13 -26.22
C LEU E 176 -1.27 -7.95 -27.49
N ARG E 177 -2.49 -8.35 -27.83
CA ARG E 177 -2.73 -9.16 -29.00
C ARG E 177 -4.00 -8.77 -29.72
N ASN E 178 -4.29 -7.48 -29.75
CA ASN E 178 -5.36 -6.96 -30.59
C ASN E 178 -6.72 -7.51 -30.16
N ILE E 179 -6.84 -7.86 -28.88
CA ILE E 179 -8.08 -8.39 -28.30
C ILE E 179 -8.73 -7.28 -27.47
N ARG E 180 -9.81 -6.69 -28.00
CA ARG E 180 -10.48 -5.56 -27.36
C ARG E 180 -11.58 -6.05 -26.42
N PHE E 181 -11.57 -5.51 -25.20
CA PHE E 181 -12.58 -5.78 -24.17
C PHE E 181 -13.37 -4.50 -23.88
N ASN E 182 -14.69 -4.62 -23.78
CA ASN E 182 -15.56 -3.47 -23.50
C ASN E 182 -16.80 -3.96 -22.74
N SER E 183 -17.52 -3.01 -22.13
CA SER E 183 -18.74 -3.36 -21.39
C SER E 183 -19.87 -2.47 -21.87
N VAL E 184 -21.08 -3.01 -21.85
CA VAL E 184 -22.28 -2.27 -22.19
C VAL E 184 -23.10 -2.13 -20.92
N THR E 185 -23.51 -0.92 -20.61
CA THR E 185 -24.32 -0.82 -19.39
C THR E 185 -25.70 -0.32 -19.75
N PRO E 186 -26.58 -1.23 -20.15
CA PRO E 186 -27.93 -0.84 -20.56
C PRO E 186 -28.69 -0.20 -19.41
N GLY E 187 -29.86 0.35 -19.75
CA GLY E 187 -30.69 0.93 -18.74
C GLY E 187 -31.82 0.01 -18.37
N PHE E 188 -33.04 0.43 -18.69
CA PHE E 188 -34.22 -0.36 -18.43
C PHE E 188 -34.71 -0.85 -19.77
N ILE E 189 -34.46 -2.11 -20.09
CA ILE E 189 -34.87 -2.76 -21.36
C ILE E 189 -36.17 -3.54 -21.17
N GLU E 190 -36.92 -3.73 -22.23
CA GLU E 190 -38.19 -4.45 -22.18
C GLU E 190 -37.85 -5.89 -22.47
N THR E 191 -37.93 -6.68 -21.41
CA THR E 191 -37.46 -8.06 -21.38
C THR E 191 -37.96 -8.78 -20.13
N ASP E 192 -37.83 -10.11 -20.05
CA ASP E 192 -38.33 -10.88 -18.88
C ASP E 192 -37.72 -10.52 -17.52
N MET E 193 -36.39 -10.40 -17.45
CA MET E 193 -35.61 -10.16 -16.22
C MET E 193 -36.37 -9.44 -15.11
N TYR E 205 -41.50 3.92 -14.18
CA TYR E 205 -40.07 4.24 -14.37
C TYR E 205 -39.83 5.04 -15.63
N VAL E 206 -40.52 4.71 -16.73
CA VAL E 206 -40.32 5.38 -18.01
C VAL E 206 -40.44 6.88 -17.88
N LYS E 207 -40.92 7.32 -16.72
CA LYS E 207 -41.20 8.70 -16.40
C LYS E 207 -39.98 9.37 -15.76
N ASN E 208 -38.90 8.61 -15.54
CA ASN E 208 -37.58 9.15 -15.18
C ASN E 208 -36.56 9.06 -16.31
N ILE E 209 -36.89 8.46 -17.46
CA ILE E 209 -35.97 8.26 -18.54
C ILE E 209 -36.10 9.46 -19.52
N PRO E 210 -35.03 10.19 -19.80
CA PRO E 210 -35.20 11.35 -20.70
C PRO E 210 -35.85 10.97 -22.01
N LEU E 211 -35.34 9.95 -22.71
CA LEU E 211 -35.92 9.52 -23.99
C LEU E 211 -37.36 9.04 -23.85
N ASN E 212 -37.88 8.97 -22.62
CA ASN E 212 -39.28 8.65 -22.30
C ASN E 212 -39.76 7.33 -22.92
N ARG E 213 -38.88 6.33 -22.99
CA ARG E 213 -39.27 4.99 -23.41
C ARG E 213 -38.35 3.96 -22.79
N LEU E 214 -38.88 2.75 -22.62
CA LEU E 214 -38.02 1.61 -22.29
C LEU E 214 -37.23 1.19 -23.54
N GLY E 215 -35.96 0.87 -23.34
CA GLY E 215 -35.11 0.55 -24.47
C GLY E 215 -35.42 -0.83 -25.03
N ALA E 216 -35.56 -0.92 -26.35
CA ALA E 216 -35.73 -2.21 -27.00
C ALA E 216 -34.42 -2.99 -26.98
N ALA E 217 -34.53 -4.30 -26.74
CA ALA E 217 -33.37 -5.18 -26.72
C ALA E 217 -32.52 -5.00 -27.97
N LYS E 218 -33.19 -4.83 -29.12
CA LYS E 218 -32.53 -4.49 -30.38
C LYS E 218 -31.49 -3.40 -30.19
N GLU E 219 -31.85 -2.33 -29.46
CA GLU E 219 -30.95 -1.18 -29.27
C GLU E 219 -29.79 -1.52 -28.37
N VAL E 220 -29.89 -2.58 -27.56
CA VAL E 220 -28.70 -3.02 -26.86
C VAL E 220 -27.84 -3.87 -27.78
N ALA E 221 -28.49 -4.70 -28.62
CA ALA E 221 -27.74 -5.60 -29.49
C ALA E 221 -26.84 -4.83 -30.46
N GLU E 222 -27.41 -3.82 -31.13
CA GLU E 222 -26.61 -3.02 -32.06
C GLU E 222 -25.42 -2.36 -31.39
N ALA E 223 -25.58 -1.88 -30.15
CA ALA E 223 -24.44 -1.36 -29.40
C ALA E 223 -23.38 -2.44 -29.19
N VAL E 224 -23.81 -3.66 -28.85
CA VAL E 224 -22.86 -4.77 -28.75
C VAL E 224 -22.23 -5.04 -30.10
N ALA E 225 -23.05 -4.99 -31.16
CA ALA E 225 -22.54 -5.18 -32.52
C ALA E 225 -21.49 -4.14 -32.85
N PHE E 226 -21.78 -2.87 -32.57
CA PHE E 226 -20.80 -1.81 -32.85
C PHE E 226 -19.48 -2.06 -32.12
N LEU E 227 -19.53 -2.51 -30.86
CA LEU E 227 -18.28 -2.66 -30.14
C LEU E 227 -17.49 -3.85 -30.64
N LEU E 228 -18.20 -4.89 -31.11
CA LEU E 228 -17.59 -6.06 -31.74
C LEU E 228 -17.03 -5.74 -33.12
N SER E 229 -17.75 -4.90 -33.87
CA SER E 229 -17.41 -4.61 -35.26
C SER E 229 -16.05 -3.97 -35.41
N ASP E 230 -15.72 -3.65 -36.66
CA ASP E 230 -14.46 -3.07 -37.10
C ASP E 230 -14.37 -1.59 -36.77
N HIS E 231 -15.51 -0.94 -36.58
CA HIS E 231 -15.55 0.50 -36.43
C HIS E 231 -15.02 0.93 -35.06
N SER E 232 -15.31 0.17 -34.03
CA SER E 232 -14.69 0.40 -32.72
C SER E 232 -13.24 -0.07 -32.66
N SER E 233 -12.50 0.06 -33.77
CA SER E 233 -11.16 -0.53 -33.85
C SER E 233 -10.24 -0.06 -32.73
N TYR E 234 -10.46 1.16 -32.22
CA TYR E 234 -9.54 1.79 -31.27
C TYR E 234 -10.10 1.84 -29.85
N ILE E 235 -11.29 1.28 -29.62
CA ILE E 235 -12.01 1.37 -28.36
C ILE E 235 -11.73 0.13 -27.53
N THR E 236 -11.03 0.27 -26.42
CA THR E 236 -10.85 -0.85 -25.50
C THR E 236 -10.87 -0.34 -24.05
N GLY E 237 -11.36 -1.18 -23.14
CA GLY E 237 -11.56 -0.77 -21.76
C GLY E 237 -12.65 0.27 -21.57
N GLU E 238 -13.56 0.41 -22.53
CA GLU E 238 -14.60 1.42 -22.51
C GLU E 238 -15.88 0.84 -21.94
N THR E 239 -16.69 1.73 -21.34
CA THR E 239 -18.03 1.39 -20.85
C THR E 239 -19.03 2.24 -21.63
N LEU E 240 -19.88 1.59 -22.43
CA LEU E 240 -20.80 2.28 -23.33
C LEU E 240 -22.22 2.27 -22.75
N LYS E 241 -22.75 3.45 -22.49
CA LYS E 241 -24.00 3.58 -21.76
C LYS E 241 -25.17 3.56 -22.74
N VAL E 242 -26.08 2.61 -22.55
CA VAL E 242 -27.31 2.56 -23.34
C VAL E 242 -28.52 2.69 -22.42
N ASN E 243 -28.69 3.87 -21.82
CA ASN E 243 -29.74 4.05 -20.83
C ASN E 243 -30.73 5.13 -21.20
N GLY E 244 -30.63 5.72 -22.40
CA GLY E 244 -31.62 6.69 -22.82
C GLY E 244 -31.67 7.94 -21.97
N GLY E 245 -30.56 8.27 -21.30
CA GLY E 245 -30.45 9.43 -20.45
C GLY E 245 -30.51 9.14 -18.98
N LEU E 246 -30.75 7.88 -18.58
CA LEU E 246 -31.02 7.55 -17.18
C LEU E 246 -29.86 7.96 -16.28
N TYR E 247 -28.66 7.59 -16.67
CA TYR E 247 -27.41 7.97 -16.04
C TYR E 247 -26.55 8.61 -17.11
N MET E 248 -25.81 9.66 -16.75
CA MET E 248 -24.87 10.26 -17.70
C MET E 248 -23.46 10.43 -17.12
N SER F 1 -20.37 0.14 -43.37
CA SER F 1 -21.33 1.25 -43.24
C SER F 1 -22.35 0.98 -42.15
N MET F 2 -23.38 1.82 -42.11
CA MET F 2 -24.41 1.83 -41.07
C MET F 2 -25.67 2.44 -41.67
N GLN F 3 -26.69 2.64 -40.84
CA GLN F 3 -28.03 2.97 -41.32
C GLN F 3 -28.50 4.29 -40.73
N PHE F 4 -28.97 5.19 -41.59
CA PHE F 4 -29.30 6.55 -41.20
C PHE F 4 -30.71 6.89 -41.64
N THR F 5 -31.56 7.21 -40.67
CA THR F 5 -32.89 7.71 -40.97
C THR F 5 -32.86 9.13 -41.55
N GLY F 6 -31.89 9.96 -41.14
CA GLY F 6 -31.74 11.29 -41.72
C GLY F 6 -30.89 11.30 -42.99
N LYS F 7 -30.85 12.47 -43.63
CA LYS F 7 -30.28 12.64 -44.96
C LYS F 7 -28.97 13.42 -44.98
N ASN F 8 -28.78 14.42 -44.13
CA ASN F 8 -27.61 15.30 -44.21
C ASN F 8 -27.08 15.67 -42.83
N VAL F 9 -25.75 15.91 -42.78
CA VAL F 9 -25.05 16.36 -41.59
C VAL F 9 -24.20 17.58 -41.96
N LEU F 10 -23.92 18.43 -40.95
CA LEU F 10 -23.03 19.58 -41.07
C LEU F 10 -21.90 19.43 -40.08
N ILE F 11 -20.67 19.61 -40.54
CA ILE F 11 -19.50 19.26 -39.74
C ILE F 11 -18.61 20.49 -39.60
N THR F 12 -18.70 21.16 -38.45
CA THR F 12 -17.91 22.36 -38.23
C THR F 12 -16.42 22.08 -38.33
N GLY F 13 -15.70 22.93 -39.06
CA GLY F 13 -14.28 22.77 -39.26
C GLY F 13 -13.90 21.48 -39.94
N ALA F 14 -14.53 21.21 -41.08
CA ALA F 14 -14.34 19.93 -41.77
C ALA F 14 -13.41 20.03 -42.98
N SER F 15 -12.68 21.13 -43.12
CA SER F 15 -11.77 21.32 -44.25
C SER F 15 -10.79 20.16 -44.32
N LYS F 16 -9.89 20.05 -43.35
CA LYS F 16 -8.93 18.98 -43.42
C LYS F 16 -8.56 18.59 -41.97
N GLY F 17 -8.03 17.38 -41.76
CA GLY F 17 -7.90 16.79 -40.45
C GLY F 17 -9.01 15.79 -40.18
N ILE F 18 -9.32 15.60 -38.90
CA ILE F 18 -10.33 14.62 -38.50
C ILE F 18 -11.68 14.98 -39.09
N GLY F 19 -12.13 16.21 -38.87
CA GLY F 19 -13.36 16.65 -39.49
C GLY F 19 -13.38 16.53 -41.00
N ALA F 20 -12.19 16.63 -41.64
CA ALA F 20 -12.10 16.30 -43.05
C ALA F 20 -12.69 14.93 -43.29
N GLU F 21 -12.17 13.96 -42.54
CA GLU F 21 -12.63 12.60 -42.69
C GLU F 21 -14.14 12.49 -42.47
N ILE F 22 -14.65 12.97 -41.31
CA ILE F 22 -16.08 12.85 -41.00
C ILE F 22 -16.91 13.20 -42.23
N ALA F 23 -16.49 14.23 -42.98
CA ALA F 23 -17.12 14.48 -44.28
C ALA F 23 -17.12 13.21 -45.12
N ARG F 24 -15.95 12.57 -45.24
CA ARG F 24 -15.81 11.44 -46.14
C ARG F 24 -16.67 10.26 -45.72
N THR F 25 -16.45 9.72 -44.52
CA THR F 25 -17.11 8.50 -44.12
C THR F 25 -18.63 8.67 -44.12
N LEU F 26 -19.10 9.78 -43.55
CA LEU F 26 -20.53 10.06 -43.48
C LEU F 26 -21.14 10.16 -44.87
N ALA F 27 -20.38 10.69 -45.84
CA ALA F 27 -20.81 10.68 -47.23
C ALA F 27 -20.75 9.28 -47.82
N SER F 28 -19.72 8.49 -47.49
CA SER F 28 -19.62 7.13 -48.02
C SER F 28 -20.75 6.23 -47.55
N MET F 29 -21.61 6.71 -46.66
CA MET F 29 -22.72 5.91 -46.14
C MET F 29 -24.05 6.56 -46.48
N GLY F 30 -24.06 7.36 -47.56
CA GLY F 30 -25.30 7.91 -48.08
C GLY F 30 -25.77 9.20 -47.45
N LEU F 31 -24.86 9.98 -46.88
CA LEU F 31 -25.22 11.27 -46.32
C LEU F 31 -24.62 12.39 -47.17
N LYS F 32 -25.44 13.42 -47.42
CA LYS F 32 -25.01 14.68 -48.02
C LYS F 32 -24.31 15.49 -46.94
N VAL F 33 -22.98 15.49 -46.95
CA VAL F 33 -22.26 16.28 -45.97
C VAL F 33 -22.40 17.77 -46.31
N TRP F 34 -21.88 18.62 -45.43
CA TRP F 34 -21.84 20.06 -45.61
C TRP F 34 -20.54 20.45 -44.94
N ILE F 35 -19.40 20.25 -45.62
CA ILE F 35 -18.13 20.67 -45.02
C ILE F 35 -18.13 22.15 -44.67
N ASN F 36 -17.45 22.48 -43.60
CA ASN F 36 -17.29 23.82 -43.09
C ASN F 36 -15.84 24.31 -43.24
N TYR F 37 -15.72 25.61 -43.48
CA TYR F 37 -14.47 26.33 -43.30
C TYR F 37 -14.80 27.73 -42.80
N ARG F 38 -13.89 28.31 -42.01
CA ARG F 38 -13.99 29.73 -41.67
C ARG F 38 -12.99 30.60 -42.41
N SER F 39 -11.93 30.00 -42.99
CA SER F 39 -10.88 30.77 -43.65
C SER F 39 -10.62 30.26 -45.07
N ASN F 40 -9.47 29.61 -45.28
CA ASN F 40 -9.05 29.25 -46.64
C ASN F 40 -9.90 28.11 -47.19
N ALA F 41 -10.52 28.35 -48.35
CA ALA F 41 -11.42 27.40 -48.99
C ALA F 41 -10.72 26.56 -50.05
N GLU F 42 -9.39 26.58 -50.11
CA GLU F 42 -8.69 25.76 -51.11
C GLU F 42 -8.92 24.28 -50.85
N VAL F 43 -8.55 23.81 -49.66
CA VAL F 43 -8.61 22.39 -49.36
C VAL F 43 -10.04 21.94 -49.04
N ALA F 44 -10.91 22.86 -48.61
CA ALA F 44 -12.31 22.52 -48.36
C ALA F 44 -13.07 22.30 -49.67
N ASP F 45 -12.62 22.93 -50.76
CA ASP F 45 -13.17 22.66 -52.08
C ASP F 45 -12.54 21.41 -52.70
N ALA F 46 -11.24 21.19 -52.43
CA ALA F 46 -10.60 19.93 -52.84
C ALA F 46 -11.31 18.74 -52.22
N LEU F 47 -11.83 18.90 -51.00
CA LEU F 47 -12.53 17.80 -50.32
C LEU F 47 -13.93 17.61 -50.87
N LYS F 48 -14.64 18.69 -51.19
CA LYS F 48 -15.97 18.53 -51.78
C LYS F 48 -15.89 17.83 -53.14
N ASN F 49 -14.90 18.18 -53.96
CA ASN F 49 -14.74 17.52 -55.24
C ASN F 49 -14.21 16.10 -55.07
N GLU F 50 -13.28 15.90 -54.13
CA GLU F 50 -12.85 14.54 -53.78
C GLU F 50 -14.03 13.66 -53.41
N LEU F 51 -15.06 14.25 -52.81
CA LEU F 51 -16.25 13.49 -52.43
C LEU F 51 -17.20 13.33 -53.61
N GLU F 52 -17.39 14.39 -54.41
CA GLU F 52 -18.38 14.34 -55.50
C GLU F 52 -17.92 13.38 -56.60
N GLU F 53 -16.60 13.23 -56.77
CA GLU F 53 -16.07 12.32 -57.77
C GLU F 53 -16.32 10.87 -57.38
N LYS F 54 -15.98 10.51 -56.14
CA LYS F 54 -16.27 9.15 -55.67
C LYS F 54 -17.76 8.82 -55.69
N GLY F 55 -18.64 9.79 -55.98
CA GLY F 55 -20.06 9.55 -56.19
C GLY F 55 -20.97 10.03 -55.08
N TYR F 56 -20.44 10.63 -54.01
CA TYR F 56 -21.20 10.97 -52.81
C TYR F 56 -21.68 12.43 -52.84
N LYS F 57 -22.68 12.72 -52.01
CA LYS F 57 -23.30 14.05 -51.94
C LYS F 57 -22.56 14.94 -50.93
N ALA F 58 -22.14 16.13 -51.37
CA ALA F 58 -21.33 17.03 -50.58
C ALA F 58 -21.62 18.48 -50.97
N ALA F 59 -21.19 19.39 -50.09
CA ALA F 59 -21.36 20.84 -50.20
C ALA F 59 -20.44 21.50 -49.18
N VAL F 60 -19.91 22.67 -49.51
CA VAL F 60 -19.11 23.44 -48.55
C VAL F 60 -19.87 24.71 -48.20
N ILE F 61 -19.44 25.35 -47.11
CA ILE F 61 -20.10 26.56 -46.60
C ILE F 61 -19.09 27.31 -45.73
N LYS F 62 -18.97 28.63 -45.94
CA LYS F 62 -18.20 29.52 -45.06
C LYS F 62 -19.06 29.90 -43.88
N PHE F 63 -18.43 30.09 -42.73
CA PHE F 63 -18.99 30.82 -41.59
C PHE F 63 -18.01 30.61 -40.43
N ASP F 64 -18.15 31.44 -39.40
CA ASP F 64 -17.35 31.32 -38.18
C ASP F 64 -18.15 30.54 -37.14
N ALA F 65 -17.60 29.42 -36.67
CA ALA F 65 -18.33 28.58 -35.73
C ALA F 65 -18.59 29.29 -34.42
N ALA F 66 -17.76 30.30 -34.09
CA ALA F 66 -17.86 31.08 -32.86
C ALA F 66 -18.79 32.28 -32.97
N SER F 67 -19.23 32.64 -34.17
CA SER F 67 -20.06 33.81 -34.39
C SER F 67 -21.52 33.39 -34.46
N GLU F 68 -22.31 33.86 -33.50
CA GLU F 68 -23.71 33.47 -33.40
C GLU F 68 -24.45 33.77 -34.70
N SER F 69 -24.64 35.05 -35.03
CA SER F 69 -25.45 35.44 -36.18
C SER F 69 -24.93 34.82 -37.47
N ASP F 70 -23.62 34.57 -37.55
CA ASP F 70 -23.05 34.02 -38.77
C ASP F 70 -23.30 32.51 -38.87
N PHE F 71 -23.34 31.82 -37.72
CA PHE F 71 -23.70 30.40 -37.65
C PHE F 71 -25.19 30.21 -37.92
N VAL F 72 -26.04 31.06 -37.32
CA VAL F 72 -27.48 31.00 -37.54
C VAL F 72 -27.80 31.07 -39.03
N GLU F 73 -27.28 32.10 -39.71
CA GLU F 73 -27.52 32.24 -41.13
C GLU F 73 -26.97 31.05 -41.90
N ALA F 74 -25.75 30.62 -41.56
CA ALA F 74 -25.16 29.42 -42.16
C ALA F 74 -26.15 28.28 -42.11
N ILE F 75 -26.56 27.90 -40.90
CA ILE F 75 -27.57 26.84 -40.74
C ILE F 75 -28.89 27.17 -41.43
N GLN F 76 -29.30 28.44 -41.51
CA GLN F 76 -30.57 28.59 -42.26
C GLN F 76 -30.39 28.54 -43.78
N ALA F 77 -29.18 28.68 -44.32
CA ALA F 77 -29.00 28.33 -45.72
C ALA F 77 -29.28 26.85 -45.97
N ILE F 78 -28.98 25.98 -45.00
CA ILE F 78 -29.18 24.56 -45.25
C ILE F 78 -30.65 24.20 -45.15
N VAL F 79 -31.38 24.78 -44.21
CA VAL F 79 -32.82 24.55 -44.16
C VAL F 79 -33.48 24.96 -45.47
N GLN F 80 -32.96 26.02 -46.11
CA GLN F 80 -33.55 26.46 -47.37
C GLN F 80 -33.18 25.51 -48.51
N SER F 81 -31.89 25.15 -48.59
CA SER F 81 -31.39 24.31 -49.69
C SER F 81 -31.96 22.89 -49.67
N ASP F 82 -32.17 22.35 -48.48
CA ASP F 82 -32.26 20.93 -48.16
C ASP F 82 -33.60 20.51 -47.54
N GLY F 83 -34.45 21.47 -47.15
CA GLY F 83 -35.70 21.18 -46.44
C GLY F 83 -35.54 21.15 -44.92
N GLY F 84 -34.43 20.62 -44.44
CA GLY F 84 -34.07 20.60 -43.03
C GLY F 84 -32.65 20.10 -42.88
N LEU F 85 -32.21 20.02 -41.63
CA LEU F 85 -30.92 19.45 -41.28
C LEU F 85 -31.16 18.31 -40.32
N SER F 86 -30.50 17.17 -40.57
CA SER F 86 -30.83 15.96 -39.84
C SER F 86 -29.83 15.63 -38.74
N TYR F 87 -28.53 15.78 -38.99
CA TYR F 87 -27.50 15.54 -37.98
C TYR F 87 -26.62 16.78 -37.84
N LEU F 88 -25.55 16.68 -37.06
CA LEU F 88 -24.63 17.79 -36.80
C LEU F 88 -23.42 17.26 -36.05
N VAL F 89 -22.25 17.80 -36.35
CA VAL F 89 -21.04 17.47 -35.65
C VAL F 89 -20.38 18.77 -35.23
N ASN F 90 -19.87 18.82 -34.01
CA ASN F 90 -19.20 19.99 -33.47
C ASN F 90 -17.72 19.66 -33.38
N ASN F 91 -17.04 19.76 -34.52
CA ASN F 91 -15.63 19.42 -34.62
C ASN F 91 -14.70 20.63 -34.54
N ALA F 92 -15.25 21.83 -34.69
CA ALA F 92 -14.44 23.05 -34.66
C ALA F 92 -13.69 23.16 -33.34
N GLY F 93 -12.36 23.26 -33.41
CA GLY F 93 -11.56 23.40 -32.22
C GLY F 93 -10.18 23.95 -32.52
N VAL F 94 -9.66 24.73 -31.57
CA VAL F 94 -8.29 25.24 -31.62
C VAL F 94 -7.53 24.77 -30.37
N VAL F 95 -6.25 25.15 -30.32
CA VAL F 95 -5.34 24.69 -29.27
C VAL F 95 -4.13 25.61 -29.11
N ARG F 96 -3.97 26.21 -27.91
CA ARG F 96 -2.77 26.97 -27.52
C ARG F 96 -2.23 26.46 -26.19
N ASP F 97 -1.25 25.57 -26.26
CA ASP F 97 -0.71 24.99 -25.04
C ASP F 97 0.36 25.90 -24.48
N LYS F 98 0.21 26.24 -23.19
CA LYS F 98 1.18 27.00 -22.44
C LYS F 98 1.06 26.57 -20.99
N LEU F 99 2.10 26.86 -20.20
CA LEU F 99 1.96 26.72 -18.75
C LEU F 99 0.90 27.69 -18.24
N ALA F 100 0.39 27.42 -17.04
CA ALA F 100 -0.60 28.34 -16.48
C ALA F 100 0.00 29.73 -16.28
N ILE F 101 1.17 29.82 -15.62
CA ILE F 101 1.75 31.10 -15.26
C ILE F 101 2.07 31.94 -16.50
N LYS F 102 2.41 31.29 -17.60
CA LYS F 102 2.72 31.96 -18.86
C LYS F 102 1.48 32.29 -19.68
N MET F 103 0.31 31.76 -19.29
CA MET F 103 -0.87 31.83 -20.12
C MET F 103 -1.63 33.14 -19.91
N LYS F 104 -1.81 33.88 -21.00
CA LYS F 104 -2.65 35.04 -20.90
C LYS F 104 -4.12 34.69 -21.01
N THR F 105 -4.94 35.52 -20.38
CA THR F 105 -6.34 35.17 -20.38
C THR F 105 -6.86 35.14 -21.80
N GLU F 106 -6.20 35.83 -22.70
CA GLU F 106 -6.58 35.87 -24.10
C GLU F 106 -6.29 34.56 -24.78
N ASP F 107 -5.21 33.88 -24.37
CA ASP F 107 -5.05 32.49 -24.76
C ASP F 107 -6.20 31.65 -24.22
N PHE F 108 -6.54 31.85 -22.94
CA PHE F 108 -7.65 31.10 -22.35
C PHE F 108 -8.94 31.36 -23.11
N HIS F 109 -9.27 32.63 -23.38
CA HIS F 109 -10.61 32.81 -23.92
C HIS F 109 -10.61 32.56 -25.42
N HIS F 110 -9.45 32.60 -26.08
CA HIS F 110 -9.37 32.14 -27.47
C HIS F 110 -9.78 30.68 -27.59
N VAL F 111 -9.19 29.81 -26.77
CA VAL F 111 -9.54 28.39 -26.81
C VAL F 111 -10.97 28.16 -26.31
N ILE F 112 -11.31 28.71 -25.13
CA ILE F 112 -12.67 28.55 -24.59
C ILE F 112 -13.69 28.96 -25.64
N ASP F 113 -13.46 30.11 -26.25
CA ASP F 113 -14.56 30.80 -26.90
C ASP F 113 -14.84 30.18 -28.25
N ASN F 114 -13.88 29.40 -28.73
CA ASN F 114 -13.78 28.98 -30.12
C ASN F 114 -14.03 27.50 -30.26
N ASN F 115 -13.77 26.73 -29.19
CA ASN F 115 -14.20 25.34 -29.05
C ASN F 115 -15.58 25.21 -28.40
N LEU F 116 -15.70 25.69 -27.17
CA LEU F 116 -16.91 25.45 -26.40
C LEU F 116 -18.06 26.30 -26.91
N THR F 117 -17.83 27.60 -27.07
CA THR F 117 -18.94 28.47 -27.49
C THR F 117 -19.49 28.07 -28.84
N SER F 118 -18.61 27.81 -29.82
CA SER F 118 -19.07 27.30 -31.10
C SER F 118 -19.93 26.05 -30.91
N ALA F 119 -19.47 25.13 -30.07
CA ALA F 119 -20.25 23.93 -29.76
C ALA F 119 -21.58 24.30 -29.12
N PHE F 120 -21.59 25.32 -28.26
CA PHE F 120 -22.87 25.70 -27.68
C PHE F 120 -23.83 26.21 -28.74
N ILE F 121 -23.33 26.89 -29.78
CA ILE F 121 -24.23 27.39 -30.82
C ILE F 121 -24.70 26.25 -31.71
N GLY F 122 -23.79 25.33 -32.02
CA GLY F 122 -24.16 24.11 -32.73
C GLY F 122 -25.38 23.47 -32.10
N CYS F 123 -25.25 23.12 -30.82
CA CYS F 123 -26.32 22.42 -30.12
C CYS F 123 -27.60 23.25 -30.02
N ARG F 124 -27.50 24.58 -29.97
CA ARG F 124 -28.72 25.38 -29.86
C ARG F 124 -29.47 25.45 -31.21
N GLU F 125 -28.74 25.59 -32.32
CA GLU F 125 -29.44 25.59 -33.61
C GLU F 125 -29.91 24.19 -33.98
N ALA F 126 -29.14 23.15 -33.59
CA ALA F 126 -29.59 21.78 -33.75
C ALA F 126 -30.95 21.57 -33.11
N LEU F 127 -31.10 22.00 -31.85
CA LEU F 127 -32.39 21.88 -31.16
C LEU F 127 -33.47 22.68 -31.87
N LYS F 128 -33.11 23.85 -32.40
CA LYS F 128 -34.10 24.71 -33.02
C LYS F 128 -34.67 24.08 -34.29
N VAL F 129 -33.80 23.68 -35.23
CA VAL F 129 -34.26 23.15 -36.52
C VAL F 129 -34.81 21.72 -36.37
N MET F 130 -34.22 20.91 -35.49
CA MET F 130 -34.59 19.50 -35.43
C MET F 130 -35.83 19.23 -34.60
N SER F 131 -36.16 20.07 -33.63
CA SER F 131 -37.32 19.80 -32.78
C SER F 131 -38.60 19.69 -33.58
N LYS F 132 -38.69 20.34 -34.74
CA LYS F 132 -39.92 20.27 -35.53
C LYS F 132 -39.94 19.01 -36.41
N SER F 133 -38.80 18.63 -37.02
CA SER F 133 -38.78 17.31 -37.64
C SER F 133 -38.70 16.20 -36.60
N ARG F 134 -38.64 16.56 -35.30
CA ARG F 134 -38.67 15.66 -34.13
C ARG F 134 -37.75 14.44 -34.31
N PHE F 135 -36.72 14.57 -35.13
CA PHE F 135 -35.68 13.56 -35.27
C PHE F 135 -34.33 14.26 -35.42
N GLY F 136 -33.28 13.65 -34.90
CA GLY F 136 -31.95 14.20 -35.05
C GLY F 136 -30.98 13.69 -33.99
N SER F 137 -29.69 13.72 -34.35
CA SER F 137 -28.62 13.33 -33.47
C SER F 137 -27.43 14.24 -33.71
N VAL F 138 -26.67 14.51 -32.67
CA VAL F 138 -25.55 15.46 -32.64
C VAL F 138 -24.40 14.80 -31.92
N VAL F 139 -23.18 15.03 -32.36
CA VAL F 139 -21.93 14.55 -31.74
C VAL F 139 -21.06 15.76 -31.45
N ASN F 140 -20.38 15.79 -30.34
CA ASN F 140 -19.53 16.93 -29.98
C ASN F 140 -18.17 16.30 -29.90
N ILE F 141 -17.21 16.76 -30.63
CA ILE F 141 -15.93 16.04 -30.56
C ILE F 141 -15.18 16.62 -29.41
N ALA F 142 -14.97 15.91 -28.34
CA ALA F 142 -14.22 16.44 -27.22
C ALA F 142 -12.80 15.94 -27.30
N SER F 143 -12.23 15.52 -26.19
CA SER F 143 -10.87 14.99 -26.11
C SER F 143 -10.72 14.35 -24.76
N ILE F 144 -9.77 13.45 -24.65
CA ILE F 144 -9.37 12.73 -23.42
C ILE F 144 -8.91 13.77 -22.41
N ILE F 145 -8.27 14.83 -22.85
CA ILE F 145 -7.85 16.01 -22.07
C ILE F 145 -9.01 16.52 -21.18
N GLY F 146 -10.22 16.57 -21.68
CA GLY F 146 -11.36 17.07 -20.94
C GLY F 146 -11.97 16.06 -19.99
N GLU F 147 -11.41 14.85 -19.92
CA GLU F 147 -11.80 13.84 -18.94
C GLU F 147 -10.79 13.70 -17.81
N ARG F 148 -9.52 14.01 -18.09
CA ARG F 148 -8.41 13.70 -17.20
C ARG F 148 -7.55 14.90 -16.86
N GLY F 149 -7.59 15.95 -17.66
CA GLY F 149 -6.68 17.06 -17.51
C GLY F 149 -5.33 16.76 -18.14
N ASN F 150 -4.58 17.82 -18.40
CA ASN F 150 -3.24 17.63 -18.91
C ASN F 150 -2.42 18.87 -18.63
N MET F 151 -1.18 18.64 -18.20
CA MET F 151 -0.22 19.71 -17.91
C MET F 151 -0.12 20.67 -19.08
N GLY F 152 -0.23 21.96 -18.78
CA GLY F 152 -0.09 22.97 -19.79
C GLY F 152 -1.25 23.10 -20.75
N GLN F 153 -2.41 22.52 -20.43
CA GLN F 153 -3.61 22.62 -21.27
C GLN F 153 -4.82 22.96 -20.42
N THR F 154 -4.66 23.95 -19.54
CA THR F 154 -5.78 24.35 -18.69
C THR F 154 -6.89 24.97 -19.51
N ASN F 155 -6.55 25.67 -20.60
CA ASN F 155 -7.59 26.20 -21.49
C ASN F 155 -8.23 25.07 -22.29
N TYR F 156 -7.43 24.15 -22.81
CA TYR F 156 -7.98 23.11 -23.66
C TYR F 156 -8.88 22.18 -22.85
N SER F 157 -8.37 21.67 -21.71
CA SER F 157 -9.17 20.79 -20.85
C SER F 157 -10.43 21.50 -20.38
N ALA F 158 -10.33 22.78 -20.02
CA ALA F 158 -11.50 23.54 -19.62
C ALA F 158 -12.56 23.58 -20.72
N SER F 159 -12.16 23.78 -21.98
CA SER F 159 -13.18 23.84 -23.05
C SER F 159 -13.85 22.49 -23.27
N LYS F 160 -13.06 21.42 -23.38
CA LYS F 160 -13.62 20.10 -23.68
C LYS F 160 -14.41 19.53 -22.50
N GLY F 161 -13.93 19.74 -21.28
CA GLY F 161 -14.66 19.28 -20.11
C GLY F 161 -16.01 19.95 -19.95
N GLY F 162 -16.05 21.27 -20.11
CA GLY F 162 -17.34 21.97 -20.21
C GLY F 162 -18.15 21.58 -21.42
N MET F 163 -17.49 21.10 -22.48
CA MET F 163 -18.22 20.55 -23.64
C MET F 163 -18.96 19.29 -23.24
N ILE F 164 -18.25 18.36 -22.61
CA ILE F 164 -18.86 17.09 -22.21
C ILE F 164 -20.12 17.35 -21.39
N ALA F 165 -19.97 18.10 -20.28
CA ALA F 165 -21.11 18.40 -19.40
C ALA F 165 -22.23 19.13 -20.12
N MET F 166 -21.89 20.10 -20.98
CA MET F 166 -22.92 20.82 -21.75
C MET F 166 -23.68 19.88 -22.69
N SER F 167 -22.95 18.98 -23.37
CA SER F 167 -23.61 17.97 -24.19
C SER F 167 -24.64 17.18 -23.40
N LYS F 168 -24.32 16.82 -22.16
CA LYS F 168 -25.28 16.19 -21.26
C LYS F 168 -26.53 17.06 -21.08
N SER F 169 -26.34 18.38 -20.84
CA SER F 169 -27.50 19.24 -20.62
C SER F 169 -28.35 19.37 -21.87
N PHE F 170 -27.75 19.32 -23.06
CA PHE F 170 -28.59 19.34 -24.26
C PHE F 170 -29.37 18.04 -24.41
N ALA F 171 -28.71 16.90 -24.15
CA ALA F 171 -29.39 15.61 -24.24
C ALA F 171 -30.70 15.62 -23.47
N TYR F 172 -30.64 16.15 -22.24
CA TYR F 172 -31.84 16.34 -21.42
C TYR F 172 -32.93 17.09 -22.17
N GLU F 173 -32.60 18.26 -22.73
CA GLU F 173 -33.61 19.06 -23.43
C GLU F 173 -34.02 18.43 -24.75
N GLY F 174 -33.08 17.76 -25.44
CA GLY F 174 -33.41 17.21 -26.74
C GLY F 174 -34.14 15.89 -26.72
N ALA F 175 -34.04 15.15 -25.60
CA ALA F 175 -34.40 13.73 -25.59
C ALA F 175 -35.88 13.49 -25.89
N LEU F 176 -36.78 14.23 -25.26
CA LEU F 176 -38.20 13.92 -25.42
C LEU F 176 -38.72 14.29 -26.80
N ARG F 177 -38.18 15.33 -27.41
CA ARG F 177 -38.49 15.55 -28.81
C ARG F 177 -37.62 14.67 -29.74
N ASN F 178 -36.90 13.69 -29.18
CA ASN F 178 -35.97 12.80 -29.91
C ASN F 178 -34.90 13.60 -30.66
N ILE F 179 -34.04 14.23 -29.88
CA ILE F 179 -32.76 14.75 -30.35
C ILE F 179 -31.70 14.28 -29.37
N ARG F 180 -30.67 13.63 -29.88
CA ARG F 180 -29.74 12.88 -29.05
C ARG F 180 -28.41 13.60 -29.08
N PHE F 181 -27.78 13.74 -27.92
CA PHE F 181 -26.51 14.43 -27.84
C PHE F 181 -25.49 13.47 -27.25
N ASN F 182 -24.33 13.36 -27.89
CA ASN F 182 -23.27 12.51 -27.38
C ASN F 182 -21.93 13.17 -27.68
N SER F 183 -20.89 12.68 -27.07
CA SER F 183 -19.55 13.22 -27.17
C SER F 183 -18.57 12.11 -27.43
N VAL F 184 -17.47 12.36 -28.13
CA VAL F 184 -16.40 11.36 -28.39
C VAL F 184 -15.15 11.89 -27.75
N THR F 185 -14.40 11.11 -27.01
CA THR F 185 -13.18 11.68 -26.45
C THR F 185 -11.95 10.98 -27.02
N PRO F 186 -11.42 11.42 -28.17
CA PRO F 186 -10.29 10.81 -28.77
C PRO F 186 -9.04 11.02 -27.98
N GLY F 187 -8.20 10.02 -27.89
CA GLY F 187 -6.95 10.17 -27.18
C GLY F 187 -5.87 10.62 -28.14
N PHE F 188 -4.84 9.85 -28.45
CA PHE F 188 -3.84 10.43 -29.37
C PHE F 188 -4.12 9.97 -30.79
N ILE F 189 -4.36 10.91 -31.65
CA ILE F 189 -4.84 10.63 -33.02
C ILE F 189 -3.89 11.29 -34.00
N GLU F 190 -3.44 10.53 -34.98
CA GLU F 190 -2.53 10.87 -36.08
C GLU F 190 -2.44 12.37 -36.34
N VAL F 206 2.72 7.00 -27.37
CA VAL F 206 2.42 5.65 -27.86
C VAL F 206 2.72 4.68 -26.75
N LYS F 207 3.42 5.24 -25.79
CA LYS F 207 4.12 4.53 -24.74
C LYS F 207 3.14 3.87 -23.75
N ASN F 208 2.07 4.59 -23.41
CA ASN F 208 1.07 4.23 -22.43
C ASN F 208 -0.27 3.91 -23.07
N ILE F 209 -0.30 3.67 -24.38
CA ILE F 209 -1.50 3.26 -25.09
C ILE F 209 -1.47 1.70 -25.14
N PRO F 210 -2.32 1.02 -24.37
CA PRO F 210 -2.28 -0.47 -24.44
C PRO F 210 -2.39 -1.04 -25.85
N LEU F 211 -2.99 -0.34 -26.80
CA LEU F 211 -2.97 -0.79 -28.19
C LEU F 211 -1.70 -0.33 -28.94
N ASN F 212 -0.67 0.10 -28.21
CA ASN F 212 0.61 0.62 -28.73
C ASN F 212 0.56 1.30 -30.09
N ARG F 213 -0.36 2.25 -30.28
CA ARG F 213 -0.45 3.01 -31.51
C ARG F 213 -1.31 4.26 -31.29
N LEU F 214 -1.02 5.31 -32.06
CA LEU F 214 -1.98 6.38 -32.20
C LEU F 214 -3.12 5.90 -33.10
N GLY F 215 -4.28 6.57 -32.98
CA GLY F 215 -5.44 6.14 -33.73
C GLY F 215 -5.59 6.90 -35.02
N ALA F 216 -6.53 6.46 -35.85
CA ALA F 216 -6.77 7.07 -37.15
C ALA F 216 -8.09 7.85 -37.17
N ALA F 217 -8.11 8.94 -37.93
CA ALA F 217 -9.33 9.72 -38.13
C ALA F 217 -10.52 8.82 -38.47
N LYS F 218 -10.29 7.71 -39.16
CA LYS F 218 -11.36 6.75 -39.42
C LYS F 218 -11.85 6.14 -38.11
N GLU F 219 -10.92 5.76 -37.23
CA GLU F 219 -11.30 5.14 -35.96
C GLU F 219 -12.16 6.11 -35.15
N VAL F 220 -11.74 7.37 -35.06
CA VAL F 220 -12.54 8.35 -34.37
C VAL F 220 -13.92 8.49 -35.03
N ALA F 221 -13.96 8.54 -36.36
CA ALA F 221 -15.22 8.97 -36.96
C ALA F 221 -16.18 7.85 -37.32
N GLU F 222 -15.72 6.60 -37.43
CA GLU F 222 -16.69 5.52 -37.51
C GLU F 222 -17.54 5.51 -36.23
N ALA F 223 -16.91 5.79 -35.09
CA ALA F 223 -17.63 5.99 -33.84
C ALA F 223 -18.61 7.16 -33.92
N VAL F 224 -18.16 8.31 -34.44
CA VAL F 224 -19.06 9.44 -34.65
C VAL F 224 -20.22 9.04 -35.55
N ALA F 225 -19.94 8.22 -36.57
CA ALA F 225 -21.05 7.77 -37.41
C ALA F 225 -22.02 6.90 -36.61
N PHE F 226 -21.49 5.99 -35.78
CA PHE F 226 -22.36 5.18 -34.94
C PHE F 226 -23.23 6.04 -34.04
N LEU F 227 -22.63 7.04 -33.37
CA LEU F 227 -23.40 7.87 -32.45
C LEU F 227 -24.45 8.69 -33.19
N LEU F 228 -24.21 8.99 -34.47
CA LEU F 228 -25.22 9.65 -35.29
C LEU F 228 -26.26 8.66 -35.82
N SER F 229 -25.83 7.43 -36.14
CA SER F 229 -26.66 6.44 -36.82
C SER F 229 -27.81 5.96 -35.95
N ASP F 230 -28.69 5.16 -36.56
CA ASP F 230 -29.87 4.68 -35.85
C ASP F 230 -29.56 3.57 -34.86
N HIS F 231 -28.37 2.98 -34.93
CA HIS F 231 -28.05 1.84 -34.09
C HIS F 231 -27.90 2.22 -32.62
N SER F 232 -27.82 3.51 -32.31
CA SER F 232 -27.68 3.99 -30.95
C SER F 232 -28.90 4.82 -30.56
N SER F 233 -30.09 4.39 -30.98
CA SER F 233 -31.25 5.25 -30.74
C SER F 233 -31.54 5.41 -29.25
N TYR F 234 -30.97 4.55 -28.40
CA TYR F 234 -31.12 4.60 -26.95
C TYR F 234 -29.81 5.02 -26.28
N ILE F 235 -29.09 5.96 -26.90
CA ILE F 235 -27.81 6.46 -26.38
C ILE F 235 -27.84 7.99 -26.52
N THR F 236 -28.01 8.70 -25.39
CA THR F 236 -27.85 10.15 -25.35
C THR F 236 -27.10 10.51 -24.08
N GLY F 237 -26.45 11.67 -24.08
CA GLY F 237 -25.65 12.02 -22.93
C GLY F 237 -24.39 11.19 -22.73
N GLU F 238 -24.05 10.28 -23.65
CA GLU F 238 -22.91 9.41 -23.41
C GLU F 238 -21.62 10.04 -23.93
N THR F 239 -20.55 9.79 -23.21
CA THR F 239 -19.19 10.16 -23.57
C THR F 239 -18.50 8.88 -24.04
N LEU F 240 -18.17 8.80 -25.32
CA LEU F 240 -17.56 7.60 -25.90
C LEU F 240 -16.06 7.80 -26.08
N LYS F 241 -15.27 6.89 -25.50
CA LYS F 241 -13.82 7.04 -25.50
C LYS F 241 -13.24 6.35 -26.72
N VAL F 242 -12.25 7.00 -27.35
CA VAL F 242 -11.57 6.40 -28.49
C VAL F 242 -10.07 6.60 -28.29
N ASN F 243 -9.48 5.83 -27.40
CA ASN F 243 -8.08 6.13 -27.08
C ASN F 243 -7.23 4.89 -26.85
N GLY F 244 -7.65 3.71 -27.28
CA GLY F 244 -6.81 2.54 -27.20
C GLY F 244 -6.44 2.12 -25.79
N GLY F 245 -7.29 2.42 -24.82
CA GLY F 245 -6.99 2.09 -23.44
C GLY F 245 -6.16 3.12 -22.73
N LEU F 246 -6.09 4.35 -23.25
CA LEU F 246 -5.25 5.36 -22.62
C LEU F 246 -5.89 5.86 -21.33
N TYR F 247 -7.22 5.96 -21.31
CA TYR F 247 -7.98 6.37 -20.13
C TYR F 247 -9.25 5.56 -20.06
N MET F 248 -9.41 4.76 -19.02
CA MET F 248 -10.65 3.98 -18.90
C MET F 248 -11.56 4.42 -17.71
N PHE G 1 32.51 -41.45 70.55
CA PHE G 1 32.21 -40.04 70.28
C PHE G 1 33.40 -39.16 70.60
N GLU G 2 34.10 -39.50 71.69
CA GLU G 2 35.25 -38.71 72.13
C GLU G 2 36.33 -38.69 71.05
N ASP G 3 36.62 -39.85 70.45
CA ASP G 3 37.59 -39.89 69.37
C ASP G 3 37.02 -39.27 68.09
N ILE G 4 35.69 -39.31 67.92
CA ILE G 4 35.06 -38.53 66.84
C ILE G 4 35.25 -37.04 67.08
N GLN G 5 35.16 -36.61 68.34
CA GLN G 5 35.40 -35.22 68.69
C GLN G 5 36.80 -34.78 68.27
N ALA G 6 37.82 -35.58 68.62
CA ALA G 6 39.20 -35.21 68.35
C ALA G 6 39.53 -35.25 66.86
N VAL G 7 38.90 -36.15 66.10
CA VAL G 7 39.14 -36.25 64.66
C VAL G 7 38.65 -35.00 63.91
N ILE G 8 37.42 -34.57 64.17
CA ILE G 8 36.94 -33.43 63.38
C ILE G 8 37.63 -32.17 63.84
N ALA G 9 38.04 -32.13 65.11
CA ALA G 9 38.72 -30.97 65.69
C ALA G 9 40.15 -30.85 65.19
N GLU G 10 40.82 -31.97 64.91
CA GLU G 10 42.10 -31.92 64.22
C GLU G 10 41.89 -31.60 62.74
N GLN G 11 40.90 -32.30 62.22
CA GLN G 11 40.62 -32.19 60.80
C GLN G 11 40.37 -30.76 60.46
N LEU G 12 39.79 -29.93 61.31
CA LEU G 12 39.71 -28.52 60.87
C LEU G 12 40.05 -27.49 61.95
N ASN G 13 41.19 -27.60 62.59
CA ASN G 13 41.74 -26.56 63.51
C ASN G 13 40.73 -25.95 64.47
N VAL G 14 40.00 -26.79 65.18
CA VAL G 14 39.08 -26.34 66.25
C VAL G 14 39.32 -27.29 67.42
N ASP G 15 39.23 -26.79 68.64
CA ASP G 15 39.47 -27.59 69.86
C ASP G 15 38.22 -28.40 70.17
N ALA G 16 38.31 -29.38 71.07
CA ALA G 16 37.16 -30.26 71.32
C ALA G 16 35.97 -29.53 71.91
N ALA G 17 36.09 -28.42 72.59
CA ALA G 17 34.88 -27.77 73.14
C ALA G 17 33.96 -27.35 72.02
N GLN G 18 34.47 -26.94 70.87
CA GLN G 18 33.58 -26.56 69.78
C GLN G 18 32.58 -27.68 69.46
N VAL G 19 33.03 -28.92 69.55
CA VAL G 19 32.25 -30.08 69.14
C VAL G 19 31.16 -30.34 70.16
N THR G 20 30.11 -29.50 70.13
CA THR G 20 28.87 -29.98 70.75
C THR G 20 28.09 -30.79 69.71
N PRO G 21 27.46 -31.92 70.16
CA PRO G 21 26.79 -32.83 69.23
C PRO G 21 26.00 -32.14 68.11
N GLU G 22 25.28 -31.07 68.43
CA GLU G 22 24.53 -30.42 67.36
C GLU G 22 25.08 -29.05 66.98
N ALA G 23 26.40 -28.87 67.08
CA ALA G 23 27.06 -27.80 66.33
C ALA G 23 27.22 -28.23 64.88
N GLU G 24 26.75 -27.40 63.96
CA GLU G 24 26.93 -27.67 62.53
C GLU G 24 28.39 -27.48 62.14
N PHE G 25 28.77 -28.15 61.05
CA PHE G 25 30.15 -28.10 60.58
C PHE G 25 30.49 -26.77 59.93
N VAL G 26 29.49 -26.06 59.42
CA VAL G 26 29.68 -24.93 58.52
C VAL G 26 29.16 -23.64 59.15
N LYS G 27 27.94 -23.68 59.71
CA LYS G 27 27.36 -22.54 60.43
C LYS G 27 28.04 -22.31 61.78
N ASP G 28 28.61 -23.36 62.37
CA ASP G 28 29.20 -23.29 63.69
C ASP G 28 30.72 -23.48 63.64
N LEU G 29 31.20 -24.67 63.26
CA LEU G 29 32.63 -24.97 63.36
C LEU G 29 33.45 -24.33 62.24
N GLY G 30 32.81 -23.75 61.25
CA GLY G 30 33.54 -22.95 60.24
C GLY G 30 34.34 -23.67 59.17
N ALA G 31 33.67 -24.28 58.23
CA ALA G 31 34.36 -25.09 57.22
C ALA G 31 33.77 -24.90 55.85
N ASP G 32 34.58 -25.02 54.81
CA ASP G 32 34.07 -24.97 53.44
C ASP G 32 33.43 -26.31 53.20
N SER G 33 33.59 -26.79 52.01
CA SER G 33 33.04 -28.14 51.76
C SER G 33 34.09 -29.22 51.66
N LEU G 34 35.06 -29.07 50.78
CA LEU G 34 35.98 -30.22 50.70
C LEU G 34 36.22 -30.59 52.15
N ASP G 35 36.19 -29.59 53.02
CA ASP G 35 36.46 -29.79 54.44
C ASP G 35 35.52 -30.86 54.98
N VAL G 36 34.29 -30.87 54.54
CA VAL G 36 33.31 -31.83 55.10
C VAL G 36 33.37 -33.16 54.33
N VAL G 37 33.76 -33.10 53.08
CA VAL G 37 33.84 -34.32 52.25
C VAL G 37 35.08 -35.06 52.72
N GLU G 38 36.14 -34.31 52.93
CA GLU G 38 37.43 -34.93 53.31
C GLU G 38 37.33 -35.38 54.77
N LEU G 39 36.48 -34.74 55.53
CA LEU G 39 36.24 -35.21 56.91
C LEU G 39 35.45 -36.50 56.78
N ILE G 40 34.42 -36.51 55.98
CA ILE G 40 33.61 -37.75 55.96
C ILE G 40 34.46 -38.90 55.47
N MET G 41 35.25 -38.65 54.45
CA MET G 41 36.17 -39.67 53.94
C MET G 41 37.18 -39.97 55.02
N ALA G 42 37.52 -38.98 55.79
CA ALA G 42 38.47 -39.28 56.84
C ALA G 42 37.75 -40.11 57.85
N LEU G 43 36.45 -40.00 57.95
CA LEU G 43 35.72 -40.76 59.00
C LEU G 43 35.47 -42.19 58.57
N GLU G 44 35.55 -42.40 57.27
CA GLU G 44 35.49 -43.73 56.65
C GLU G 44 36.85 -44.40 56.70
N GLU G 45 37.83 -43.69 57.21
CA GLU G 45 39.16 -44.25 57.51
C GLU G 45 39.09 -44.89 58.89
N LYS G 46 37.92 -44.86 59.52
CA LYS G 46 37.59 -45.63 60.75
C LYS G 46 37.04 -47.00 60.36
N PHE G 47 36.91 -47.21 59.07
CA PHE G 47 36.37 -48.34 58.30
C PHE G 47 34.89 -48.36 58.45
N GLY G 48 34.23 -47.26 58.77
CA GLY G 48 32.79 -47.37 58.59
C GLY G 48 32.75 -47.52 57.11
N ILE G 49 32.30 -48.62 56.56
CA ILE G 49 32.56 -48.77 55.10
C ILE G 49 31.71 -47.79 54.33
N GLU G 50 32.26 -47.00 53.43
CA GLU G 50 31.69 -46.23 52.30
C GLU G 50 30.21 -45.83 52.50
N ILE G 51 30.02 -45.20 53.59
CA ILE G 51 28.63 -44.86 53.95
C ILE G 51 28.05 -44.13 52.78
N PRO G 52 26.82 -44.44 52.41
CA PRO G 52 26.28 -43.94 51.18
C PRO G 52 26.08 -42.44 51.07
N ASP G 53 26.03 -41.94 49.85
CA ASP G 53 25.78 -40.52 49.58
C ASP G 53 24.42 -40.15 50.15
N GLU G 54 23.42 -41.03 50.01
CA GLU G 54 21.97 -40.90 50.38
C GLU G 54 21.73 -40.79 51.87
N GLN G 55 22.75 -41.02 52.69
CA GLN G 55 22.79 -40.92 54.14
C GLN G 55 23.82 -39.85 54.50
N ALA G 56 24.74 -39.54 53.62
CA ALA G 56 25.71 -38.50 53.98
C ALA G 56 25.14 -37.17 53.62
N GLU G 57 24.18 -37.16 52.71
CA GLU G 57 23.62 -35.88 52.30
C GLU G 57 23.04 -35.23 53.54
N LYS G 58 22.39 -36.02 54.37
CA LYS G 58 21.73 -35.51 55.58
C LYS G 58 22.72 -35.25 56.72
N ILE G 59 24.02 -35.23 56.50
CA ILE G 59 24.98 -34.92 57.60
C ILE G 59 25.16 -33.44 57.66
N VAL G 60 24.94 -32.82 58.78
CA VAL G 60 25.14 -31.36 58.77
C VAL G 60 25.90 -30.91 59.97
N ASN G 61 25.68 -31.62 61.07
CA ASN G 61 26.20 -31.33 62.41
C ASN G 61 26.67 -32.65 62.98
N VAL G 62 27.63 -32.61 63.88
CA VAL G 62 28.43 -33.74 64.41
C VAL G 62 27.60 -34.92 64.93
N GLY G 63 26.43 -34.68 65.47
CA GLY G 63 25.61 -35.81 65.91
C GLY G 63 25.26 -36.75 64.78
N ASP G 64 24.94 -36.25 63.60
CA ASP G 64 24.65 -37.21 62.52
C ASP G 64 25.92 -38.00 62.27
N VAL G 65 27.07 -37.37 62.53
CA VAL G 65 28.26 -38.18 62.30
C VAL G 65 28.32 -39.34 63.30
N VAL G 66 27.76 -39.19 64.51
CA VAL G 66 27.78 -40.31 65.45
C VAL G 66 26.81 -41.38 64.97
N LYS G 67 25.66 -40.96 64.44
CA LYS G 67 24.85 -41.82 63.59
C LYS G 67 25.60 -42.10 62.29
N TYR G 68 25.09 -43.05 61.52
CA TYR G 68 25.67 -43.46 60.25
C TYR G 68 27.00 -44.22 60.44
N ILE G 69 27.87 -43.76 61.37
CA ILE G 69 28.96 -44.61 61.85
C ILE G 69 28.41 -45.79 62.65
N GLU G 70 27.78 -45.51 63.79
CA GLU G 70 27.35 -46.64 64.60
C GLU G 70 26.22 -47.41 63.91
N ASP G 71 25.66 -46.85 62.83
CA ASP G 71 24.76 -47.61 61.96
C ASP G 71 25.55 -48.59 61.09
N ASN G 72 26.58 -48.10 60.38
CA ASN G 72 27.32 -48.90 59.41
C ASN G 72 28.53 -49.62 60.03
N LYS G 73 28.45 -49.97 61.31
CA LYS G 73 29.53 -50.67 62.00
C LYS G 73 29.41 -52.19 61.81
N LEU H 34 4.95 -11.89 -20.57
CA LEU H 34 3.93 -12.85 -21.01
C LEU H 34 4.36 -13.99 -21.97
N ASP H 35 5.18 -13.71 -22.99
CA ASP H 35 5.55 -14.76 -23.93
C ASP H 35 6.06 -16.00 -23.19
N VAL H 36 6.79 -15.80 -22.09
CA VAL H 36 7.27 -16.90 -21.26
C VAL H 36 6.09 -17.67 -20.67
N VAL H 37 5.08 -16.95 -20.15
CA VAL H 37 3.92 -17.60 -19.52
C VAL H 37 3.19 -18.47 -20.52
N GLU H 38 2.87 -17.92 -21.69
CA GLU H 38 2.23 -18.70 -22.73
C GLU H 38 3.07 -19.90 -23.13
N LEU H 39 4.34 -19.66 -23.44
CA LEU H 39 5.26 -20.71 -23.93
C LEU H 39 5.44 -21.84 -22.92
N ILE H 40 5.53 -21.51 -21.62
CA ILE H 40 5.66 -22.54 -20.59
C ILE H 40 4.41 -23.41 -20.52
N MET H 41 3.25 -22.86 -20.88
CA MET H 41 2.06 -23.68 -21.05
C MET H 41 2.00 -24.33 -22.44
N ALA H 42 2.49 -23.65 -23.47
CA ALA H 42 2.69 -24.22 -24.81
C ALA H 42 3.66 -25.40 -24.76
N ILE H 59 11.88 -20.15 -13.70
CA ILE H 59 12.24 -20.26 -15.10
C ILE H 59 12.43 -18.86 -15.66
N VAL H 60 13.69 -18.48 -15.87
CA VAL H 60 14.08 -17.25 -16.55
C VAL H 60 15.29 -17.68 -17.36
N ASN H 61 16.21 -18.37 -16.67
CA ASN H 61 17.22 -19.24 -17.24
C ASN H 61 16.59 -20.54 -17.74
N VAL H 62 16.77 -20.80 -19.04
CA VAL H 62 16.09 -21.89 -19.74
C VAL H 62 16.51 -23.28 -19.24
N GLY H 63 17.72 -23.42 -18.70
CA GLY H 63 18.22 -24.76 -18.40
C GLY H 63 17.33 -25.56 -17.47
N ASP H 64 16.54 -24.88 -16.64
CA ASP H 64 15.88 -25.49 -15.50
C ASP H 64 14.49 -26.06 -15.83
N LEU I 34 11.94 25.12 -14.31
CA LEU I 34 10.73 25.70 -13.68
C LEU I 34 11.10 27.02 -13.05
N ASP I 35 11.98 27.00 -12.07
CA ASP I 35 12.39 28.27 -11.42
C ASP I 35 12.98 29.10 -12.53
N VAL I 36 13.73 28.49 -13.47
CA VAL I 36 14.21 29.41 -14.50
C VAL I 36 13.05 30.04 -15.28
N VAL I 37 12.05 29.24 -15.67
CA VAL I 37 10.82 29.77 -16.29
C VAL I 37 10.26 30.93 -15.46
N GLU I 38 9.95 30.67 -14.19
CA GLU I 38 9.41 31.70 -13.29
C GLU I 38 10.32 32.93 -13.24
N LEU I 39 11.63 32.69 -13.25
CA LEU I 39 12.62 33.77 -13.30
C LEU I 39 12.49 34.65 -14.54
N ILE I 40 12.20 34.05 -15.69
CA ILE I 40 12.13 34.79 -16.95
C ILE I 40 10.83 35.57 -17.03
N MET I 41 9.74 34.96 -16.55
CA MET I 41 8.49 35.65 -16.26
C MET I 41 8.72 37.01 -15.62
N ALA I 42 9.49 37.03 -14.53
CA ALA I 42 9.67 38.24 -13.74
C ALA I 42 11.15 38.50 -13.52
PA NAP J . 16.84 -26.35 31.36
O1A NAP J . 15.84 -25.33 31.81
O2A NAP J . 17.22 -27.54 32.20
O5B NAP J . 16.57 -26.73 29.82
C5B NAP J . 17.44 -27.81 29.24
C4B NAP J . 16.61 -28.71 28.35
O4B NAP J . 17.43 -29.61 27.56
C3B NAP J . 15.51 -29.55 29.03
O3B NAP J . 14.27 -29.49 28.33
C2B NAP J . 16.11 -30.93 28.91
O2B NAP J . 15.84 -32.21 29.43
C1B NAP J . 16.73 -30.83 27.53
N9A NAP J . 17.58 -31.96 27.21
C8A NAP J . 18.65 -32.42 27.92
N7A NAP J . 19.22 -33.46 27.39
C5A NAP J . 18.47 -33.68 26.27
C6A NAP J . 18.59 -34.66 25.28
N6A NAP J . 19.54 -35.57 25.35
N1A NAP J . 17.70 -34.64 24.25
C2A NAP J . 16.75 -33.70 24.26
N3A NAP J . 16.54 -32.73 25.15
C4A NAP J . 17.45 -32.78 26.13
O3 NAP J . 18.23 -25.52 31.11
PN NAP J . 18.56 -24.05 30.51
O1N NAP J . 19.75 -23.58 31.29
O2N NAP J . 17.43 -23.05 30.55
O5D NAP J . 18.94 -24.33 28.98
C5D NAP J . 19.80 -25.40 28.58
C4D NAP J . 21.07 -25.05 27.81
O4D NAP J . 21.60 -23.77 28.09
C3D NAP J . 22.26 -26.02 28.04
O3D NAP J . 23.13 -26.26 26.93
C2D NAP J . 23.00 -25.33 29.21
O2D NAP J . 24.11 -26.23 29.47
C1D NAP J . 22.93 -23.89 28.57
N1N NAP J . 23.26 -22.71 29.44
C2N NAP J . 22.73 -22.63 30.72
C3N NAP J . 23.06 -21.51 31.52
C7N NAP J . 22.09 -21.02 32.58
O7N NAP J . 22.47 -20.33 33.50
N7N NAP J . 20.81 -21.38 32.46
C4N NAP J . 24.20 -20.83 31.21
C5N NAP J . 24.96 -21.34 30.19
C6N NAP J . 24.25 -21.96 29.18
P2B NAP J . 14.58 -32.75 30.24
O1X NAP J . 13.84 -33.90 29.54
O2X NAP J . 15.42 -33.26 31.39
O3X NAP J . 13.67 -31.53 30.60
C1 UHC K . 25.20 -23.73 35.26
O1 UHC K . 24.91 -24.41 34.36
S1 UHC K . 24.33 -23.80 36.84
C2 UHC K . 26.30 -22.72 35.25
C3 UHC K . 26.13 -21.75 34.15
O3 UHC K . 26.16 -22.20 33.06
C4 UHC K . 25.92 -20.30 34.45
C5 UHC K . 26.49 -20.08 35.80
C6 UHC K . 27.22 -18.81 35.63
O23 UHC K . 29.80 -26.10 50.13
P24 UHC K . 29.72 -27.53 49.72
O26 UHC K . 28.56 -28.48 50.35
O27 UHC K . 29.67 -27.70 48.13
C28 UHC K . 30.82 -27.28 47.42
C29 UHC K . 30.41 -26.25 46.40
C30 UHC K . 31.76 -25.64 45.94
C31 UHC K . 29.67 -25.18 47.20
C32 UHC K . 29.47 -26.87 45.30
O33 UHC K . 29.58 -28.29 45.16
C34 UHC K . 29.61 -26.21 43.91
O35 UHC K . 30.61 -26.49 43.24
N36 UHC K . 28.62 -25.38 43.45
C37 UHC K . 28.74 -24.75 42.14
C38 UHC K . 27.37 -24.36 41.57
C39 UHC K . 27.54 -23.14 40.69
O40 UHC K . 28.38 -22.28 40.98
N41 UHC K . 26.74 -23.08 39.60
C42 UHC K . 25.73 -24.11 39.28
C43 UHC K . 25.77 -24.45 37.77
PA NAP L . 39.49 3.67 5.22
O1A NAP L . 39.09 3.15 3.87
O2A NAP L . 40.81 4.34 5.48
O5B NAP L . 38.32 4.50 5.92
C5B NAP L . 38.77 5.01 7.25
C4B NAP L . 38.09 6.33 7.49
O4B NAP L . 38.48 6.93 8.76
C3B NAP L . 38.27 7.40 6.41
O3B NAP L . 37.10 8.20 6.27
C2B NAP L . 39.42 8.13 7.08
O2B NAP L . 40.42 8.99 6.65
C1B NAP L . 38.81 8.28 8.46
N9A NAP L . 39.63 8.83 9.51
C8A NAP L . 40.92 8.50 9.83
N7A NAP L . 41.39 9.18 10.84
C5A NAP L . 40.34 10.00 11.22
C6A NAP L . 40.19 10.97 12.26
N6A NAP L . 41.16 11.26 13.11
N1A NAP L . 39.00 11.60 12.36
C2A NAP L . 38.04 11.29 11.48
N3A NAP L . 38.06 10.41 10.48
C4A NAP L . 39.24 9.79 10.40
O3 NAP L . 39.39 2.42 6.25
PN NAP L . 38.41 1.14 6.20
O1N NAP L . 39.37 -0.01 6.23
O2N NAP L . 37.48 1.12 5.01
O5D NAP L . 37.53 1.17 7.54
C5D NAP L . 37.75 2.05 8.66
C4D NAP L . 37.92 1.24 9.94
O4D NAP L . 37.84 -0.12 9.58
C3D NAP L . 39.28 1.40 10.73
O3D NAP L . 39.27 1.62 12.15
C2D NAP L . 40.10 0.13 10.35
O2D NAP L . 41.21 0.18 11.29
C1D NAP L . 38.85 -0.84 10.24
N1N NAP L . 39.00 -2.18 9.56
C2N NAP L . 39.63 -2.23 8.32
C3N NAP L . 40.06 -3.50 7.88
C7N NAP L . 39.76 -3.88 6.42
O7N NAP L . 40.33 -4.79 5.85
N7N NAP L . 38.85 -3.16 5.78
C4N NAP L . 40.50 -4.35 8.86
C5N NAP L . 39.93 -4.21 10.09
C6N NAP L . 38.93 -3.24 10.23
P2B NAP L . 40.29 10.03 5.45
O1X NAP L . 39.46 11.28 5.75
O2X NAP L . 41.78 10.23 5.50
O3X NAP L . 39.73 9.27 4.20
PA NAP M . -24.83 32.92 -3.85
O1A NAP M . -25.39 33.20 -2.48
O2A NAP M . -25.45 33.46 -5.13
O5B NAP M . -23.27 33.19 -3.98
C5B NAP M . -23.21 34.63 -4.33
C4B NAP M . -22.04 35.26 -3.67
O4B NAP M . -20.96 35.10 -4.61
C3B NAP M . -22.17 36.76 -3.36
O3B NAP M . -21.18 37.25 -2.44
C2B NAP M . -21.96 37.31 -4.76
O2B NAP M . -22.12 38.58 -5.41
C1B NAP M . -20.79 36.41 -5.16
N9A NAP M . -20.31 36.49 -6.54
C8A NAP M . -20.85 36.03 -7.71
N7A NAP M . -20.09 36.32 -8.75
C5A NAP M . -19.00 36.98 -8.22
C6A NAP M . -17.84 37.55 -8.78
N6A NAP M . -17.58 37.53 -10.08
N1A NAP M . -16.94 38.15 -7.93
C2A NAP M . -17.21 38.18 -6.63
N3A NAP M . -18.27 37.69 -6.00
C4A NAP M . -19.12 37.11 -6.85
O3 NAP M . -24.82 31.29 -3.94
PN NAP M . -24.41 30.13 -2.87
O1N NAP M . -25.21 28.93 -3.30
O2N NAP M . -24.68 30.52 -1.45
O5D NAP M . -22.86 29.86 -3.17
C5D NAP M . -22.33 30.14 -4.48
C4D NAP M . -21.40 29.09 -5.08
O4D NAP M . -21.79 27.78 -4.70
C3D NAP M . -21.24 29.07 -6.63
O3D NAP M . -19.93 28.85 -7.17
C2D NAP M . -22.20 27.95 -7.08
O2D NAP M . -21.77 27.81 -8.46
C1D NAP M . -22.00 26.98 -5.84
N1N NAP M . -23.09 26.02 -5.48
C2N NAP M . -24.29 26.55 -5.03
C3N NAP M . -25.39 25.69 -4.80
C7N NAP M . -26.60 26.18 -3.93
O7N NAP M . -27.72 25.72 -4.07
N7N NAP M . -26.42 27.12 -3.01
C4N NAP M . -25.36 24.52 -5.53
C5N NAP M . -24.15 24.05 -5.99
C6N NAP M . -23.00 24.76 -5.67
P2B NAP M . -23.20 39.75 -5.25
O1X NAP M . -23.13 40.85 -6.32
O2X NAP M . -24.41 38.87 -5.41
O3X NAP M . -22.97 40.36 -3.82
PA NAP N . -1.93 -5.80 4.39
O1A NAP N . -0.69 -5.31 5.06
O2A NAP N . -2.07 -7.12 3.67
O5B NAP N . -3.20 -5.60 5.30
C5B NAP N . -4.19 -6.63 4.91
C4B NAP N . -4.72 -7.16 6.20
O4B NAP N . -6.10 -7.58 6.05
C3B NAP N . -3.91 -8.27 6.87
O3B NAP N . -3.51 -7.86 8.17
C2B NAP N . -4.89 -9.45 6.87
O2B NAP N . -4.87 -10.77 7.38
C1B NAP N . -6.24 -8.77 6.81
N9A NAP N . -7.29 -9.61 6.27
C8A NAP N . -7.44 -10.05 4.98
N7A NAP N . -8.50 -10.80 4.80
C5A NAP N . -9.08 -10.86 6.05
C6A NAP N . -10.25 -11.50 6.53
N6A NAP N . -11.03 -12.24 5.72
N1A NAP N . -10.56 -11.35 7.85
C2A NAP N . -9.76 -10.62 8.61
N3A NAP N . -8.63 -9.97 8.26
C4A NAP N . -8.35 -10.13 6.97
O3 NAP N . -2.33 -4.68 3.26
PN NAP N . -2.41 -3.06 3.31
O1N NAP N . -2.01 -2.61 1.94
O2N NAP N . -1.56 -2.46 4.41
O5D NAP N . -3.96 -2.71 3.58
C5D NAP N . -5.06 -3.57 3.27
C4D NAP N . -6.20 -2.83 2.55
O4D NAP N . -5.64 -1.76 1.82
C3D NAP N . -6.98 -3.69 1.51
O3D NAP N . -8.39 -3.50 1.34
C2D NAP N . -6.23 -3.34 0.19
O2D NAP N . -7.01 -4.08 -0.80
C1D NAP N . -6.17 -1.80 0.52
N1N NAP N . -5.39 -0.88 -0.35
C2N NAP N . -4.01 -0.86 -0.28
C3N NAP N . -3.28 -0.34 -1.37
C7N NAP N . -1.77 -0.15 -1.17
O7N NAP N . -1.06 0.23 -2.07
N7N NAP N . -1.28 -0.41 0.04
C4N NAP N . -3.93 0.17 -2.45
C5N NAP N . -5.29 0.34 -2.37
C6N NAP N . -5.96 -0.26 -1.31
P2B NAP N . -3.68 -11.75 7.83
O1X NAP N . -3.69 -12.08 9.33
O2X NAP N . -4.17 -12.88 6.94
O3X NAP N . -2.32 -11.16 7.38
PA NAP O . -33.19 -12.94 -19.07
O1A NAP O . -34.52 -12.76 -19.72
O2A NAP O . -33.04 -13.55 -17.70
O5B NAP O . -32.05 -13.50 -20.04
C5B NAP O . -30.84 -13.92 -19.26
C4B NAP O . -30.32 -15.23 -19.76
O4B NAP O . -29.08 -15.59 -19.10
C3B NAP O . -31.27 -16.44 -19.62
O3B NAP O . -31.41 -17.14 -20.85
C2B NAP O . -30.57 -17.20 -18.51
O2B NAP O . -30.90 -18.25 -17.62
C1B NAP O . -29.13 -16.98 -18.86
N9A NAP O . -28.17 -17.37 -17.84
C8A NAP O . -28.08 -16.93 -16.55
N7A NAP O . -27.08 -17.46 -15.87
C5A NAP O . -26.47 -18.29 -16.80
C6A NAP O . -25.34 -19.12 -16.69
N6A NAP O . -24.64 -19.24 -15.57
N1A NAP O . -25.00 -19.82 -17.80
C2A NAP O . -25.73 -19.67 -18.90
N3A NAP O . -26.79 -18.92 -19.12
C4A NAP O . -27.12 -18.25 -18.02
O3 NAP O . -32.50 -11.45 -18.90
PN NAP O . -32.30 -10.11 -19.80
O1N NAP O . -32.13 -9.02 -18.77
O2N NAP O . -33.45 -9.81 -20.77
O5D NAP O . -30.84 -10.31 -20.45
C5D NAP O . -29.70 -10.78 -19.69
C4D NAP O . -28.64 -9.76 -19.26
O4D NAP O . -29.22 -8.50 -19.25
C3D NAP O . -28.02 -9.88 -17.84
O3D NAP O . -26.63 -10.21 -17.73
C2D NAP O . -28.17 -8.53 -17.12
O2D NAP O . -26.98 -8.53 -16.30
C1D NAP O . -28.41 -7.69 -18.42
N1N NAP O . -29.06 -6.35 -18.30
C2N NAP O . -30.44 -6.33 -18.17
C3N NAP O . -31.04 -5.08 -18.19
C7N NAP O . -32.57 -5.04 -18.36
O7N NAP O . -33.25 -4.18 -17.84
N7N NAP O . -33.10 -6.00 -19.12
C4N NAP O . -30.23 -3.99 -18.26
C5N NAP O . -28.94 -4.12 -17.82
C6N NAP O . -28.39 -5.38 -17.86
P2B NAP O . -32.09 -19.30 -17.74
O1X NAP O . -31.63 -20.68 -18.24
O2X NAP O . -32.38 -19.23 -16.26
O3X NAP O . -33.20 -18.70 -18.64
PA NAP P . -7.13 20.30 -37.14
O1A NAP P . -6.40 19.35 -38.03
O2A NAP P . -6.47 21.58 -36.66
O5B NAP P . -8.64 20.62 -37.55
C5B NAP P . -9.30 21.71 -36.76
C4B NAP P . -10.20 22.55 -37.63
O4B NAP P . -11.16 23.38 -36.90
C3B NAP P . -9.53 23.48 -38.68
O3B NAP P . -10.06 23.24 -39.98
C2B NAP P . -9.86 24.84 -38.10
O2B NAP P . -9.39 26.17 -38.24
C1B NAP P . -11.29 24.59 -37.65
N9A NAP P . -11.89 25.70 -36.92
C8A NAP P . -11.43 26.29 -35.77
N7A NAP P . -12.17 27.26 -35.33
C5A NAP P . -13.19 27.32 -36.25
C6A NAP P . -14.30 28.16 -36.34
N6A NAP P . -14.53 29.11 -35.44
N1A NAP P . -15.16 27.99 -37.38
C2A NAP P . -14.89 27.03 -38.26
N3A NAP P . -13.85 26.19 -38.28
C4A NAP P . -13.03 26.38 -37.24
O3 NAP P . -7.45 19.43 -35.79
PN NAP P . -7.54 17.84 -35.52
O1N NAP P . -6.69 17.59 -34.30
O2N NAP P . -7.14 17.03 -36.71
O5D NAP P . -9.08 17.57 -35.16
C5D NAP P . -10.06 18.62 -34.89
C4D NAP P . -11.02 18.33 -33.74
O4D NAP P . -10.69 17.13 -33.10
C3D NAP P . -11.09 19.37 -32.56
O3D NAP P . -12.30 19.42 -31.79
C2D NAP P . -9.90 18.93 -31.69
O2D NAP P . -9.95 19.90 -30.60
C1D NAP P . -10.35 17.42 -31.77
N1N NAP P . -9.44 16.34 -31.27
C2N NAP P . -8.10 16.26 -31.65
C3N NAP P . -7.28 15.35 -30.93
C7N NAP P . -5.95 14.83 -31.51
O7N NAP P . -5.03 14.49 -30.77
N7N NAP P . -5.82 14.75 -32.82
C4N NAP P . -7.82 14.80 -29.79
C5N NAP P . -9.14 14.98 -29.50
C6N NAP P . -9.93 15.46 -30.52
P2B NAP P . -8.86 26.97 -39.52
O1X NAP P . -9.92 27.83 -40.20
O2X NAP P . -7.87 27.79 -38.73
O3X NAP P . -8.16 25.93 -40.43
#